data_7DD6
#
_entry.id   7DD6
#
_cell.length_a   1.00
_cell.length_b   1.00
_cell.length_c   1.00
_cell.angle_alpha   90.00
_cell.angle_beta   90.00
_cell.angle_gamma   90.00
#
_symmetry.space_group_name_H-M   'P 1'
#
loop_
_entity.id
_entity.type
_entity.pdbx_description
1 polymer 'Calcium-sensing Receptor'
2 branched 2-acetamido-2-deoxy-beta-D-glucopyranose-(1-4)-2-acetamido-2-deoxy-beta-D-glucopyranose
3 non-polymer 'CHLORIDE ION'
4 non-polymer 'CALCIUM ION'
5 non-polymer 2-acetamido-2-deoxy-beta-D-glucopyranose
6 non-polymer TRYPTOPHAN
#
_entity_poly.entity_id   1
_entity_poly.type   'polypeptide(L)'
_entity_poly.pdbx_seq_one_letter_code
;MTLYSCCLILLLFTWNTAAYGPNQRAQKKGDIILGGLFPIHFGVAAKDQDLKSRPESVECIRYNFRGFRWLQAMIFAIEE
INNSPNLLPNMTLGYRIFDTCNTVSKALEATLSFVAQNKIDSLNLDEFCNCSEHIPSTIAVVGATGSGVSTAVANLLGLF
YIPQVSYASSSRLLSNKNQFKSFLRTIPNDEHQATAMADIIEYFRWNWVGTIAADDDYGRPGIEKFREEAEERDICIDFS
ELISQYSDEEEIQQVVEVIQNSTARVIVVFSSGPDLEPLIKEIVRRNITGKIWLASEAWASSSLIAMPEFFRVIGSTIGF
ALKAGQIPGFREFLQKVHPKKSANNGFAKEFWEETFNCYLPSESKNSPASASFHKAHEEGLGAGNGTAAFRPPCTGDENI
TSVETPYMDFTHLRISYNVYLAVYSIAHALQDIYTCTPGKGLFTNGSCADIKKVEAWQVLKHLRHLNFTSNMGEQVDFDE
FGDLVGNYSIINWHLSPEDGSVVFEEVGHYNVYAKKGERLFINENKILWSGFSKEVPFSNCSRDCLPGTRKGIIEGEPTC
CFECVDCPDGEYSDETDASACDKCPEDYWSNENHTSCIPKQIEFLSWTEPFGIALTLFAVLGIFLTSFVLGVFTKFRNTP
IVKATNRELSYLLLFSLLCCFSSSLFFIGEPQNWTCRLRQPAFGISFVLCISCILVKTNRVLLVFEAKIPTSLHRKWWGL
NLQFLLVFLCTFVQIVICVIWLYTAPPSSYRNHELEDEIIFITCHEGSLMALGFLIGYTCLLAAICFFFAFKSRKLPENF
NEAKFITFSMLIFFIVWISFIPAYASTYGKFVSAVEVIAILAASFGLLACIFFNKVYIILFKPSRNTIEEVRCSTAAHAF
KVAARATLRRSNVSRKRSNSLGGSTGSTPSSSISSKSNHEDPFPLPASAERQRQQQRGCKQKVSFGSGTVTLSLSFEEPQ
KNAMANRNAKRRNSLEAQNSDDSLMRHRALLALQNSESLSAEPGFQTASSPETSSQESVVGDNKEEVPNPEAEPSLPSAN
SRNFIGTGGSSVTENTVHSLESALEVLFQ
;
_entity_poly.pdbx_strand_id   A,B
#
loop_
_chem_comp.id
_chem_comp.type
_chem_comp.name
_chem_comp.formula
CA non-polymer 'CALCIUM ION' 'Ca 2'
CL non-polymer 'CHLORIDE ION' 'Cl -1'
NAG D-saccharide, beta linking 2-acetamido-2-deoxy-beta-D-glucopyranose 'C8 H15 N O6'
#
# COMPACT_ATOMS: atom_id res chain seq x y z
N TYR A 20 16.73 -56.26 -22.28
CA TYR A 20 17.08 -55.84 -23.63
C TYR A 20 16.37 -54.55 -24.01
N GLY A 21 15.61 -53.99 -23.08
CA GLY A 21 14.89 -52.77 -23.31
C GLY A 21 13.81 -52.93 -24.37
N PRO A 22 13.38 -51.82 -24.95
CA PRO A 22 12.34 -51.89 -25.99
C PRO A 22 12.84 -52.57 -27.24
N ASN A 23 11.94 -52.69 -28.22
CA ASN A 23 12.29 -53.24 -29.52
C ASN A 23 12.40 -52.18 -30.61
N GLN A 24 11.71 -51.05 -30.46
CA GLN A 24 11.87 -49.94 -31.38
C GLN A 24 13.03 -49.07 -30.91
N ARG A 25 14.11 -49.05 -31.68
CA ARG A 25 15.34 -48.41 -31.23
C ARG A 25 16.26 -48.21 -32.42
N ALA A 26 17.32 -47.44 -32.20
CA ALA A 26 18.40 -47.29 -33.16
C ALA A 26 19.64 -47.92 -32.54
N GLN A 27 20.36 -48.72 -33.33
CA GLN A 27 21.47 -49.48 -32.78
C GLN A 27 22.57 -49.62 -33.82
N LYS A 28 23.82 -49.49 -33.36
CA LYS A 28 24.97 -49.70 -34.22
C LYS A 28 26.15 -50.09 -33.36
N LYS A 29 26.89 -51.11 -33.80
CA LYS A 29 27.97 -51.70 -33.04
C LYS A 29 29.20 -50.80 -33.06
N GLY A 30 30.21 -51.21 -32.29
CA GLY A 30 31.44 -50.47 -32.21
C GLY A 30 32.19 -50.81 -30.95
N ASP A 31 33.45 -50.38 -30.91
CA ASP A 31 34.27 -50.61 -29.71
C ASP A 31 33.73 -49.82 -28.52
N ILE A 32 33.12 -48.68 -28.77
CA ILE A 32 32.59 -47.81 -27.73
C ILE A 32 31.16 -47.47 -28.07
N ILE A 33 30.27 -47.55 -27.08
CA ILE A 33 28.84 -47.39 -27.28
C ILE A 33 28.36 -46.20 -26.47
N LEU A 34 27.60 -45.32 -27.10
CA LEU A 34 27.00 -44.17 -26.44
C LEU A 34 25.49 -44.36 -26.34
N GLY A 35 24.91 -43.89 -25.26
CA GLY A 35 23.48 -43.92 -25.10
C GLY A 35 22.80 -42.73 -25.75
N GLY A 36 21.48 -42.76 -25.76
CA GLY A 36 20.73 -41.67 -26.34
C GLY A 36 19.24 -41.74 -26.05
N LEU A 37 18.69 -40.64 -25.54
CA LEU A 37 17.28 -40.57 -25.16
C LEU A 37 16.67 -39.35 -25.83
N PHE A 38 15.72 -39.57 -26.73
CA PHE A 38 15.10 -38.49 -27.46
C PHE A 38 13.59 -38.58 -27.40
N PRO A 39 12.89 -37.45 -27.45
CA PRO A 39 11.41 -37.46 -27.40
C PRO A 39 10.78 -37.61 -28.77
N ILE A 40 10.89 -38.81 -29.34
CA ILE A 40 10.36 -39.07 -30.66
C ILE A 40 8.85 -38.86 -30.66
N HIS A 41 8.17 -39.22 -29.59
CA HIS A 41 6.75 -38.98 -29.41
C HIS A 41 6.56 -37.80 -28.44
N PHE A 42 5.30 -37.54 -28.11
CA PHE A 42 4.99 -36.43 -27.21
C PHE A 42 4.41 -36.88 -25.87
N GLY A 43 3.79 -38.04 -25.81
CA GLY A 43 3.23 -38.53 -24.57
C GLY A 43 2.56 -39.87 -24.80
N VAL A 44 2.00 -40.41 -23.73
CA VAL A 44 1.48 -41.77 -23.76
C VAL A 44 -0.04 -41.73 -23.81
N ALA A 45 -0.62 -42.84 -24.27
CA ALA A 45 -2.07 -42.96 -24.30
C ALA A 45 -2.62 -42.98 -22.88
N ALA A 46 -3.51 -42.03 -22.58
CA ALA A 46 -4.02 -41.84 -21.22
C ALA A 46 -5.18 -42.81 -20.97
N LYS A 47 -4.83 -44.07 -20.75
CA LYS A 47 -5.78 -45.11 -20.36
C LYS A 47 -5.43 -45.57 -18.96
N ASP A 48 -6.13 -45.02 -17.97
CA ASP A 48 -5.87 -45.34 -16.57
C ASP A 48 -6.20 -46.80 -16.33
N GLN A 49 -5.17 -47.62 -16.15
CA GLN A 49 -5.38 -49.03 -15.84
C GLN A 49 -6.12 -49.17 -14.52
N ASP A 50 -7.35 -49.68 -14.58
CA ASP A 50 -8.11 -50.01 -13.39
C ASP A 50 -7.60 -51.29 -12.73
N LEU A 51 -6.58 -51.91 -13.31
CA LEU A 51 -5.93 -53.10 -12.77
C LEU A 51 -6.86 -54.29 -12.67
N LYS A 52 -7.97 -54.29 -13.41
CA LYS A 52 -8.80 -55.49 -13.48
C LYS A 52 -8.09 -56.62 -14.22
N SER A 53 -7.07 -56.29 -15.01
CA SER A 53 -6.25 -57.28 -15.68
C SER A 53 -4.79 -56.90 -15.50
N ARG A 54 -3.90 -57.81 -15.91
CA ARG A 54 -2.47 -57.55 -15.85
C ARG A 54 -2.13 -56.30 -16.64
N PRO A 55 -1.51 -55.30 -16.02
CA PRO A 55 -1.13 -54.09 -16.78
C PRO A 55 -0.04 -54.42 -17.79
N GLU A 56 -0.25 -53.99 -19.03
CA GLU A 56 0.69 -54.22 -20.10
C GLU A 56 1.50 -52.96 -20.37
N SER A 57 2.44 -53.04 -21.31
CA SER A 57 3.28 -51.91 -21.65
C SER A 57 2.47 -50.82 -22.32
N VAL A 58 2.49 -49.62 -21.74
CA VAL A 58 1.72 -48.51 -22.29
C VAL A 58 2.32 -48.07 -23.63
N GLU A 59 1.53 -47.33 -24.40
CA GLU A 59 1.94 -46.86 -25.71
C GLU A 59 1.91 -45.34 -25.76
N CYS A 60 2.88 -44.75 -26.46
CA CYS A 60 2.86 -43.33 -26.73
C CYS A 60 2.19 -43.05 -28.07
N ILE A 61 1.71 -41.82 -28.24
CA ILE A 61 0.69 -41.57 -29.25
C ILE A 61 1.14 -40.57 -30.32
N ARG A 62 1.42 -39.33 -29.92
CA ARG A 62 1.71 -38.31 -30.91
C ARG A 62 3.11 -38.48 -31.46
N TYR A 63 3.40 -37.76 -32.55
CA TYR A 63 4.71 -37.81 -33.17
C TYR A 63 5.36 -36.44 -33.13
N ASN A 64 6.68 -36.43 -33.14
CA ASN A 64 7.49 -35.22 -32.97
C ASN A 64 8.62 -35.24 -33.98
N PHE A 65 8.47 -34.48 -35.06
CA PHE A 65 9.50 -34.43 -36.08
C PHE A 65 10.75 -33.72 -35.60
N ARG A 66 10.62 -32.78 -34.68
CA ARG A 66 11.79 -32.13 -34.11
C ARG A 66 12.67 -33.12 -33.36
N GLY A 67 12.04 -34.04 -32.61
CA GLY A 67 12.81 -35.06 -31.93
C GLY A 67 13.57 -35.95 -32.90
N PHE A 68 12.96 -36.28 -34.03
CA PHE A 68 13.67 -37.08 -35.01
C PHE A 68 14.80 -36.29 -35.67
N ARG A 69 14.60 -34.97 -35.85
CA ARG A 69 15.70 -34.13 -36.31
C ARG A 69 16.87 -34.19 -35.33
N TRP A 70 16.57 -34.13 -34.03
CA TRP A 70 17.63 -34.21 -33.02
C TRP A 70 18.36 -35.54 -33.10
N LEU A 71 17.61 -36.64 -33.17
CA LEU A 71 18.24 -37.96 -33.26
C LEU A 71 19.10 -38.07 -34.51
N GLN A 72 18.61 -37.54 -35.63
CA GLN A 72 19.42 -37.52 -36.84
C GLN A 72 20.69 -36.71 -36.65
N ALA A 73 20.61 -35.62 -35.90
CA ALA A 73 21.80 -34.82 -35.63
C ALA A 73 22.83 -35.63 -34.85
N MET A 74 22.38 -36.37 -33.83
CA MET A 74 23.31 -37.20 -33.08
C MET A 74 23.94 -38.27 -33.95
N ILE A 75 23.14 -38.93 -34.79
CA ILE A 75 23.66 -39.97 -35.67
C ILE A 75 24.68 -39.37 -36.64
N PHE A 76 24.38 -38.20 -37.19
CA PHE A 76 25.32 -37.52 -38.08
C PHE A 76 26.62 -37.22 -37.37
N ALA A 77 26.53 -36.75 -36.13
CA ALA A 77 27.74 -36.44 -35.36
C ALA A 77 28.60 -37.69 -35.17
N ILE A 78 27.97 -38.80 -34.79
CA ILE A 78 28.73 -40.03 -34.58
C ILE A 78 29.37 -40.50 -35.88
N GLU A 79 28.63 -40.41 -36.99
CA GLU A 79 29.18 -40.84 -38.26
C GLU A 79 30.36 -39.96 -38.68
N GLU A 80 30.23 -38.65 -38.51
CA GLU A 80 31.32 -37.74 -38.82
C GLU A 80 32.53 -38.00 -37.94
N ILE A 81 32.32 -38.34 -36.67
CA ILE A 81 33.43 -38.71 -35.80
C ILE A 81 34.13 -39.95 -36.34
N ASN A 82 33.35 -40.98 -36.69
CA ASN A 82 33.94 -42.21 -37.20
C ASN A 82 34.65 -41.98 -38.54
N ASN A 83 34.26 -40.94 -39.28
CA ASN A 83 34.89 -40.70 -40.58
C ASN A 83 36.16 -39.88 -40.47
N SER A 84 36.26 -39.00 -39.48
CA SER A 84 37.45 -38.17 -39.33
C SER A 84 38.63 -39.05 -38.89
N PRO A 85 39.80 -38.91 -39.51
CA PRO A 85 40.90 -39.85 -39.23
C PRO A 85 41.72 -39.49 -38.01
N ASN A 86 41.61 -38.25 -37.53
CA ASN A 86 42.43 -37.82 -36.41
C ASN A 86 41.81 -38.16 -35.07
N LEU A 87 40.55 -37.81 -34.86
CA LEU A 87 39.87 -38.06 -33.60
C LEU A 87 39.60 -39.56 -33.47
N LEU A 88 40.28 -40.20 -32.51
CA LEU A 88 40.14 -41.64 -32.25
C LEU A 88 40.36 -42.47 -33.50
N PRO A 89 41.58 -42.54 -34.02
CA PRO A 89 41.84 -43.39 -35.18
C PRO A 89 41.87 -44.86 -34.79
N ASN A 90 41.59 -45.72 -35.77
CA ASN A 90 41.56 -47.17 -35.57
C ASN A 90 40.58 -47.58 -34.48
N MET A 91 39.54 -46.77 -34.28
CA MET A 91 38.49 -47.09 -33.33
C MET A 91 37.18 -46.52 -33.84
N THR A 92 36.09 -47.22 -33.58
CA THR A 92 34.78 -46.85 -34.09
C THR A 92 33.83 -46.59 -32.95
N LEU A 93 32.91 -45.65 -33.17
CA LEU A 93 31.88 -45.31 -32.20
C LEU A 93 30.57 -45.97 -32.59
N GLY A 94 29.92 -46.59 -31.61
CA GLY A 94 28.61 -47.16 -31.78
C GLY A 94 27.61 -46.49 -30.84
N TYR A 95 26.35 -46.88 -30.99
CA TYR A 95 25.31 -46.26 -30.20
C TYR A 95 24.15 -47.22 -29.99
N ARG A 96 23.39 -46.95 -28.92
CA ARG A 96 22.13 -47.62 -28.62
C ARG A 96 21.16 -46.53 -28.19
N ILE A 97 20.45 -45.96 -29.14
CA ILE A 97 19.57 -44.83 -28.91
C ILE A 97 18.14 -45.33 -28.78
N PHE A 98 17.45 -44.86 -27.76
CA PHE A 98 16.09 -45.25 -27.43
C PHE A 98 15.16 -44.05 -27.52
N ASP A 99 13.90 -44.27 -27.15
CA ASP A 99 12.87 -43.25 -27.20
C ASP A 99 12.29 -43.06 -25.81
N THR A 100 11.93 -41.81 -25.48
CA THR A 100 11.40 -41.49 -24.16
C THR A 100 9.91 -41.25 -24.15
N CYS A 101 9.33 -40.81 -25.26
CA CYS A 101 7.92 -40.41 -25.33
C CYS A 101 7.58 -39.43 -24.22
N ASN A 102 8.59 -38.66 -23.78
CA ASN A 102 8.46 -37.58 -22.80
C ASN A 102 7.94 -38.04 -21.45
N THR A 103 8.02 -39.33 -21.15
CA THR A 103 7.56 -39.85 -19.88
C THR A 103 8.73 -40.50 -19.12
N VAL A 104 8.54 -40.67 -17.82
CA VAL A 104 9.61 -41.20 -16.99
C VAL A 104 9.73 -42.72 -17.11
N SER A 105 8.62 -43.41 -17.36
CA SER A 105 8.66 -44.88 -17.44
C SER A 105 9.56 -45.34 -18.58
N LYS A 106 9.38 -44.75 -19.76
CA LYS A 106 10.18 -45.16 -20.92
C LYS A 106 11.65 -44.87 -20.71
N ALA A 107 11.98 -43.68 -20.23
CA ALA A 107 13.38 -43.36 -19.97
C ALA A 107 13.97 -44.31 -18.94
N LEU A 108 13.18 -44.69 -17.94
CA LEU A 108 13.72 -45.54 -16.88
C LEU A 108 13.96 -46.96 -17.38
N GLU A 109 13.05 -47.52 -18.18
CA GLU A 109 13.32 -48.84 -18.73
C GLU A 109 14.53 -48.79 -19.67
N ALA A 110 14.64 -47.71 -20.46
CA ALA A 110 15.82 -47.56 -21.31
C ALA A 110 17.10 -47.55 -20.49
N THR A 111 17.16 -46.73 -19.44
CA THR A 111 18.37 -46.66 -18.63
C THR A 111 18.65 -47.97 -17.91
N LEU A 112 17.59 -48.67 -17.48
CA LEU A 112 17.80 -50.01 -16.93
C LEU A 112 18.45 -50.92 -17.96
N SER A 113 18.07 -50.78 -19.23
CA SER A 113 18.77 -51.52 -20.28
C SER A 113 20.21 -51.02 -20.44
N PHE A 114 20.48 -49.77 -20.06
CA PHE A 114 21.83 -49.24 -20.17
C PHE A 114 22.76 -49.89 -19.16
N VAL A 115 22.41 -49.82 -17.87
CA VAL A 115 23.33 -50.16 -16.79
C VAL A 115 23.32 -51.65 -16.50
N ALA A 116 22.68 -52.42 -17.38
CA ALA A 116 22.50 -53.85 -17.15
C ALA A 116 23.82 -54.56 -16.85
N GLN A 117 24.83 -54.36 -17.69
CA GLN A 117 26.06 -55.14 -17.58
C GLN A 117 26.90 -54.75 -16.37
N ASN A 118 26.60 -53.63 -15.71
CA ASN A 118 27.37 -53.22 -14.54
C ASN A 118 27.24 -54.24 -13.42
N LYS A 119 26.03 -54.42 -12.92
CA LYS A 119 25.77 -55.42 -11.88
C LYS A 119 24.42 -56.08 -12.08
N HIS A 134 28.34 -60.37 -22.67
CA HIS A 134 27.81 -60.51 -24.03
C HIS A 134 27.01 -59.28 -24.43
N ILE A 135 26.63 -58.48 -23.45
CA ILE A 135 25.88 -57.25 -23.67
C ILE A 135 26.86 -56.08 -23.68
N PRO A 136 26.78 -55.18 -24.66
CA PRO A 136 27.70 -54.05 -24.68
C PRO A 136 27.49 -53.14 -23.48
N SER A 137 28.58 -52.53 -23.02
CA SER A 137 28.57 -51.66 -21.86
C SER A 137 28.64 -50.21 -22.36
N THR A 138 27.52 -49.51 -22.27
CA THR A 138 27.49 -48.11 -22.68
C THR A 138 28.41 -47.28 -21.80
N ILE A 139 29.11 -46.33 -22.41
CA ILE A 139 30.07 -45.50 -21.69
C ILE A 139 29.55 -44.09 -21.43
N ALA A 140 28.55 -43.64 -22.17
CA ALA A 140 28.05 -42.28 -22.00
C ALA A 140 26.62 -42.20 -22.51
N VAL A 141 25.84 -41.29 -21.94
CA VAL A 141 24.43 -41.13 -22.27
C VAL A 141 24.17 -39.69 -22.66
N VAL A 142 23.72 -39.49 -23.89
CA VAL A 142 23.37 -38.17 -24.41
C VAL A 142 21.87 -38.16 -24.61
N GLY A 143 21.15 -37.44 -23.76
CA GLY A 143 19.72 -37.35 -23.91
C GLY A 143 19.07 -36.80 -22.66
N ALA A 144 17.87 -37.33 -22.39
CA ALA A 144 17.04 -36.88 -21.28
C ALA A 144 16.70 -35.41 -21.43
N THR A 145 15.92 -35.09 -22.46
CA THR A 145 15.58 -33.72 -22.83
C THR A 145 14.58 -33.06 -21.89
N GLY A 146 14.15 -33.75 -20.84
CA GLY A 146 13.23 -33.18 -19.89
C GLY A 146 13.84 -33.16 -18.50
N SER A 147 13.73 -32.00 -17.85
CA SER A 147 14.33 -31.82 -16.54
C SER A 147 13.69 -32.70 -15.48
N GLY A 148 12.47 -33.17 -15.71
CA GLY A 148 11.89 -34.15 -14.82
C GLY A 148 12.38 -35.53 -15.19
N VAL A 149 12.50 -35.77 -16.50
CA VAL A 149 13.03 -37.04 -17.00
C VAL A 149 14.51 -37.17 -16.65
N SER A 150 15.28 -36.11 -16.93
CA SER A 150 16.71 -36.18 -16.69
C SER A 150 17.04 -36.34 -15.22
N THR A 151 16.22 -35.77 -14.33
CA THR A 151 16.43 -35.96 -12.90
C THR A 151 16.36 -37.44 -12.54
N ALA A 152 15.27 -38.11 -12.96
CA ALA A 152 15.11 -39.52 -12.63
C ALA A 152 16.15 -40.38 -13.32
N VAL A 153 16.64 -39.96 -14.49
CA VAL A 153 17.69 -40.72 -15.14
C VAL A 153 19.01 -40.56 -14.43
N ALA A 154 19.35 -39.32 -14.06
CA ALA A 154 20.63 -39.06 -13.40
C ALA A 154 20.69 -39.69 -12.02
N ASN A 155 19.55 -39.79 -11.33
CA ASN A 155 19.54 -40.51 -10.06
C ASN A 155 20.08 -41.92 -10.23
N LEU A 156 19.74 -42.57 -11.34
CA LEU A 156 20.12 -43.95 -11.57
C LEU A 156 21.49 -44.08 -12.22
N LEU A 157 21.86 -43.16 -13.11
CA LEU A 157 23.16 -43.26 -13.77
C LEU A 157 24.29 -42.92 -12.81
N GLY A 158 24.16 -41.83 -12.07
CA GLY A 158 25.19 -41.42 -11.14
C GLY A 158 25.54 -42.46 -10.09
N LEU A 159 24.67 -43.44 -9.86
CA LEU A 159 24.99 -44.51 -8.93
C LEU A 159 26.13 -45.37 -9.45
N PHE A 160 26.31 -45.43 -10.76
CA PHE A 160 27.42 -46.16 -11.37
C PHE A 160 28.50 -45.23 -11.92
N TYR A 161 28.37 -43.93 -11.67
CA TYR A 161 29.30 -42.93 -12.19
C TYR A 161 29.43 -43.03 -13.71
N ILE A 162 28.30 -42.88 -14.39
CA ILE A 162 28.26 -42.87 -15.85
C ILE A 162 27.96 -41.44 -16.30
N PRO A 163 28.78 -40.84 -17.16
CA PRO A 163 28.55 -39.44 -17.54
C PRO A 163 27.29 -39.31 -18.38
N GLN A 164 26.47 -38.33 -18.05
CA GLN A 164 25.25 -38.03 -18.77
C GLN A 164 25.32 -36.59 -19.25
N VAL A 165 25.45 -36.40 -20.56
CA VAL A 165 25.59 -35.08 -21.15
C VAL A 165 24.26 -34.74 -21.81
N SER A 166 23.43 -33.99 -21.10
CA SER A 166 22.14 -33.58 -21.62
C SER A 166 22.29 -32.36 -22.50
N TYR A 167 21.27 -32.10 -23.32
CA TYR A 167 21.29 -30.99 -24.25
C TYR A 167 20.15 -30.00 -24.07
N ALA A 168 19.06 -30.38 -23.40
CA ALA A 168 17.91 -29.48 -23.30
C ALA A 168 17.28 -29.43 -21.92
N SER A 169 17.80 -30.15 -20.93
CA SER A 169 17.30 -30.05 -19.57
C SER A 169 18.05 -28.90 -18.89
N SER A 170 17.32 -27.87 -18.48
CA SER A 170 17.93 -26.64 -18.01
C SER A 170 17.45 -26.24 -16.62
N SER A 171 16.87 -27.17 -15.87
CA SER A 171 16.48 -26.85 -14.50
C SER A 171 17.71 -26.55 -13.66
N ARG A 172 17.52 -25.72 -12.63
CA ARG A 172 18.62 -25.38 -11.75
C ARG A 172 18.95 -26.51 -10.77
N LEU A 173 17.98 -27.36 -10.45
CA LEU A 173 18.21 -28.43 -9.48
C LEU A 173 19.28 -29.39 -9.93
N LEU A 174 19.59 -29.44 -11.22
CA LEU A 174 20.63 -30.30 -11.74
C LEU A 174 22.03 -29.73 -11.54
N SER A 175 22.15 -28.62 -10.80
CA SER A 175 23.45 -28.05 -10.47
C SER A 175 23.93 -28.46 -9.09
N ASN A 176 23.16 -29.29 -8.39
CA ASN A 176 23.52 -29.77 -7.05
C ASN A 176 24.41 -30.99 -7.24
N LYS A 177 25.71 -30.76 -7.37
CA LYS A 177 26.63 -31.85 -7.65
C LYS A 177 26.85 -32.78 -6.49
N ASN A 178 26.14 -32.64 -5.37
CA ASN A 178 26.13 -33.68 -4.35
C ASN A 178 25.04 -34.71 -4.61
N GLN A 179 24.05 -34.38 -5.45
CA GLN A 179 23.02 -35.32 -5.86
C GLN A 179 23.36 -35.98 -7.19
N PHE A 180 23.59 -35.17 -8.22
CA PHE A 180 23.85 -35.68 -9.57
C PHE A 180 25.34 -35.56 -9.84
N LYS A 181 26.08 -36.59 -9.43
CA LYS A 181 27.53 -36.55 -9.51
C LYS A 181 28.04 -36.61 -10.94
N SER A 182 27.24 -37.16 -11.86
CA SER A 182 27.72 -37.42 -13.21
C SER A 182 26.80 -36.81 -14.26
N PHE A 183 26.44 -35.54 -14.08
CA PHE A 183 25.52 -34.86 -14.99
C PHE A 183 26.16 -33.58 -15.50
N LEU A 184 26.36 -33.50 -16.82
CA LEU A 184 26.81 -32.30 -17.49
C LEU A 184 25.79 -31.93 -18.54
N ARG A 185 25.74 -30.65 -18.91
CA ARG A 185 24.79 -30.22 -19.92
C ARG A 185 25.40 -29.14 -20.80
N THR A 186 25.06 -29.18 -22.09
CA THR A 186 25.52 -28.20 -23.05
C THR A 186 24.56 -27.03 -23.20
N ILE A 187 23.52 -26.97 -22.38
CA ILE A 187 22.55 -25.88 -22.44
C ILE A 187 22.70 -25.03 -21.18
N PRO A 188 22.57 -23.71 -21.26
CA PRO A 188 22.72 -22.87 -20.07
C PRO A 188 21.66 -23.15 -19.03
N ASN A 189 22.01 -22.87 -17.77
CA ASN A 189 21.07 -22.96 -16.67
C ASN A 189 19.94 -21.95 -16.87
N ASP A 190 18.89 -22.08 -16.07
CA ASP A 190 17.69 -21.28 -16.22
C ASP A 190 17.60 -20.15 -15.19
N GLU A 191 18.70 -19.82 -14.51
CA GLU A 191 18.68 -18.66 -13.63
C GLU A 191 18.70 -17.37 -14.44
N HIS A 192 19.59 -17.29 -15.41
CA HIS A 192 19.70 -16.11 -16.24
C HIS A 192 18.42 -15.86 -17.03
N GLN A 193 17.66 -16.91 -17.35
CA GLN A 193 16.41 -16.69 -18.06
C GLN A 193 15.39 -15.97 -17.20
N ALA A 194 15.25 -16.37 -15.93
CA ALA A 194 14.34 -15.64 -15.04
C ALA A 194 14.83 -14.23 -14.80
N THR A 195 16.14 -14.06 -14.62
CA THR A 195 16.69 -12.70 -14.50
C THR A 195 16.35 -11.86 -15.72
N ALA A 196 16.47 -12.44 -16.92
CA ALA A 196 16.16 -11.71 -18.13
C ALA A 196 14.67 -11.40 -18.24
N MET A 197 13.80 -12.30 -17.76
CA MET A 197 12.37 -11.99 -17.71
C MET A 197 12.12 -10.76 -16.86
N ALA A 198 12.72 -10.72 -15.66
CA ALA A 198 12.55 -9.56 -14.80
C ALA A 198 13.09 -8.30 -15.47
N ASP A 199 14.23 -8.43 -16.16
CA ASP A 199 14.82 -7.27 -16.82
C ASP A 199 13.92 -6.75 -17.93
N ILE A 200 13.34 -7.64 -18.73
CA ILE A 200 12.42 -7.22 -19.79
C ILE A 200 11.20 -6.55 -19.19
N ILE A 201 10.65 -7.12 -18.12
CA ILE A 201 9.46 -6.52 -17.51
C ILE A 201 9.77 -5.13 -16.99
N GLU A 202 10.95 -4.95 -16.38
CA GLU A 202 11.30 -3.62 -15.89
C GLU A 202 11.70 -2.67 -17.01
N TYR A 203 12.06 -3.19 -18.19
CA TYR A 203 12.49 -2.33 -19.28
C TYR A 203 11.30 -1.62 -19.94
N PHE A 204 10.21 -2.34 -20.16
CA PHE A 204 9.00 -1.74 -20.69
C PHE A 204 8.18 -1.02 -19.64
N ARG A 205 8.68 -0.97 -18.40
CA ARG A 205 8.02 -0.26 -17.30
C ARG A 205 6.62 -0.81 -17.05
N TRP A 206 6.58 -2.09 -16.69
CA TRP A 206 5.37 -2.73 -16.18
C TRP A 206 5.60 -3.11 -14.72
N ASN A 207 4.53 -3.12 -13.94
CA ASN A 207 4.66 -3.54 -12.55
C ASN A 207 3.49 -4.39 -12.09
N TRP A 208 2.76 -5.02 -13.00
CA TRP A 208 1.57 -5.79 -12.63
C TRP A 208 1.45 -6.93 -13.63
N VAL A 209 1.92 -8.12 -13.24
CA VAL A 209 1.99 -9.27 -14.12
C VAL A 209 1.39 -10.48 -13.40
N GLY A 210 1.26 -11.56 -14.14
CA GLY A 210 0.85 -12.83 -13.56
C GLY A 210 1.69 -13.94 -14.15
N THR A 211 1.92 -14.98 -13.35
CA THR A 211 2.85 -16.04 -13.70
C THR A 211 2.12 -17.36 -13.86
N ILE A 212 2.55 -18.13 -14.86
CA ILE A 212 2.05 -19.49 -15.08
C ILE A 212 3.26 -20.40 -15.26
N ALA A 213 3.25 -21.53 -14.57
CA ALA A 213 4.35 -22.47 -14.65
C ALA A 213 3.82 -23.89 -14.64
N ALA A 214 4.48 -24.77 -15.40
CA ALA A 214 4.12 -26.17 -15.42
C ALA A 214 4.50 -26.80 -14.10
N ASP A 215 3.58 -27.59 -13.52
CA ASP A 215 3.86 -28.23 -12.25
C ASP A 215 4.85 -29.35 -12.47
N ASP A 216 6.11 -29.00 -12.71
CA ASP A 216 7.16 -29.95 -13.02
C ASP A 216 8.44 -29.43 -12.40
N ASP A 217 9.56 -30.07 -12.71
CA ASP A 217 10.86 -29.63 -12.23
C ASP A 217 11.46 -28.55 -13.10
N TYR A 218 10.79 -28.17 -14.19
CA TYR A 218 11.26 -27.09 -15.06
C TYR A 218 10.60 -25.76 -14.76
N GLY A 219 9.33 -25.77 -14.36
CA GLY A 219 8.62 -24.54 -14.14
C GLY A 219 8.67 -24.04 -12.70
N ARG A 220 8.68 -24.97 -11.74
CA ARG A 220 8.65 -24.54 -10.34
C ARG A 220 9.89 -23.75 -9.94
N PRO A 221 11.11 -24.26 -10.10
CA PRO A 221 12.27 -23.46 -9.65
C PRO A 221 12.44 -22.18 -10.45
N GLY A 222 12.19 -22.25 -11.76
CA GLY A 222 12.26 -21.05 -12.57
C GLY A 222 11.30 -19.97 -12.10
N ILE A 223 10.07 -20.37 -11.79
CA ILE A 223 9.08 -19.38 -11.38
C ILE A 223 9.42 -18.85 -9.98
N GLU A 224 10.03 -19.67 -9.13
CA GLU A 224 10.44 -19.16 -7.82
C GLU A 224 11.56 -18.14 -7.96
N LYS A 225 12.57 -18.46 -8.78
CA LYS A 225 13.64 -17.51 -9.03
C LYS A 225 13.10 -16.21 -9.61
N PHE A 226 12.19 -16.31 -10.58
CA PHE A 226 11.60 -15.10 -11.15
C PHE A 226 10.81 -14.33 -10.11
N ARG A 227 10.12 -15.03 -9.22
CA ARG A 227 9.35 -14.34 -8.19
C ARG A 227 10.27 -13.51 -7.31
N GLU A 228 11.40 -14.08 -6.86
CA GLU A 228 12.28 -13.32 -6.01
C GLU A 228 12.95 -12.18 -6.78
N GLU A 229 13.39 -12.44 -8.01
CA GLU A 229 14.04 -11.40 -8.81
C GLU A 229 13.09 -10.27 -9.17
N ALA A 230 11.79 -10.55 -9.28
CA ALA A 230 10.83 -9.50 -9.59
C ALA A 230 10.41 -8.75 -8.35
N GLU A 231 10.28 -9.43 -7.21
CA GLU A 231 9.94 -8.73 -5.98
C GLU A 231 11.07 -7.82 -5.55
N GLU A 232 12.32 -8.15 -5.88
CA GLU A 232 13.40 -7.24 -5.55
C GLU A 232 13.47 -6.03 -6.47
N ARG A 233 12.79 -6.07 -7.61
CA ARG A 233 12.75 -4.95 -8.55
C ARG A 233 11.48 -4.13 -8.42
N ASP A 234 10.73 -4.30 -7.32
CA ASP A 234 9.47 -3.59 -7.09
C ASP A 234 8.48 -3.87 -8.22
N ILE A 235 8.19 -5.15 -8.42
CA ILE A 235 7.18 -5.62 -9.36
C ILE A 235 6.19 -6.47 -8.59
N CYS A 236 4.91 -6.23 -8.84
CA CYS A 236 3.84 -6.91 -8.11
C CYS A 236 3.27 -8.03 -8.96
N ILE A 237 3.05 -9.19 -8.34
CA ILE A 237 2.58 -10.38 -9.03
C ILE A 237 1.13 -10.61 -8.62
N ASP A 238 0.24 -10.66 -9.60
CA ASP A 238 -1.19 -10.75 -9.31
C ASP A 238 -1.59 -12.18 -8.95
N PHE A 239 -1.41 -13.10 -9.87
CA PHE A 239 -1.80 -14.49 -9.68
C PHE A 239 -0.64 -15.41 -10.03
N SER A 240 -0.80 -16.69 -9.67
CA SER A 240 0.25 -17.68 -9.90
C SER A 240 -0.43 -19.04 -9.89
N GLU A 241 -0.36 -19.75 -11.03
CA GLU A 241 -1.05 -21.01 -11.19
C GLU A 241 -0.09 -22.07 -11.71
N LEU A 242 -0.47 -23.32 -11.54
CA LEU A 242 0.29 -24.46 -12.01
C LEU A 242 -0.57 -25.31 -12.93
N ILE A 243 0.00 -25.74 -14.05
CA ILE A 243 -0.71 -26.54 -15.04
C ILE A 243 0.13 -27.75 -15.39
N SER A 244 -0.46 -28.64 -16.18
CA SER A 244 0.21 -29.86 -16.63
C SER A 244 -0.65 -30.49 -17.71
N GLN A 245 -0.03 -31.37 -18.50
CA GLN A 245 -0.77 -32.04 -19.56
C GLN A 245 -1.75 -33.08 -19.04
N TYR A 246 -1.74 -33.36 -17.74
CA TYR A 246 -2.67 -34.30 -17.13
C TYR A 246 -3.66 -33.60 -16.19
N SER A 247 -3.74 -32.28 -16.27
CA SER A 247 -4.70 -31.55 -15.45
C SER A 247 -6.10 -31.75 -16.01
N ASP A 248 -7.06 -31.94 -15.11
CA ASP A 248 -8.44 -32.18 -15.50
C ASP A 248 -9.05 -30.90 -16.03
N GLU A 249 -10.32 -30.96 -16.42
CA GLU A 249 -10.96 -29.84 -17.08
C GLU A 249 -11.33 -28.74 -16.08
N GLU A 250 -11.73 -29.13 -14.87
CA GLU A 250 -12.18 -28.14 -13.90
C GLU A 250 -11.02 -27.26 -13.42
N GLU A 251 -9.83 -27.83 -13.30
CA GLU A 251 -8.69 -27.03 -12.89
C GLU A 251 -8.29 -26.04 -13.98
N ILE A 252 -8.34 -26.47 -15.24
CA ILE A 252 -8.13 -25.54 -16.34
C ILE A 252 -9.19 -24.45 -16.33
N GLN A 253 -10.42 -24.81 -15.97
CA GLN A 253 -11.47 -23.80 -15.82
C GLN A 253 -11.10 -22.79 -14.76
N GLN A 254 -10.64 -23.26 -13.60
CA GLN A 254 -10.24 -22.36 -12.52
C GLN A 254 -9.12 -21.43 -12.97
N VAL A 255 -8.15 -21.96 -13.71
CA VAL A 255 -7.03 -21.13 -14.18
C VAL A 255 -7.51 -20.08 -15.16
N VAL A 256 -8.38 -20.48 -16.10
CA VAL A 256 -8.89 -19.50 -17.06
C VAL A 256 -9.72 -18.45 -16.36
N GLU A 257 -10.48 -18.84 -15.32
CA GLU A 257 -11.24 -17.87 -14.56
C GLU A 257 -10.34 -16.85 -13.89
N VAL A 258 -9.31 -17.32 -13.18
CA VAL A 258 -8.43 -16.39 -12.48
C VAL A 258 -7.68 -15.50 -13.47
N ILE A 259 -7.41 -16.03 -14.67
CA ILE A 259 -6.79 -15.20 -15.70
C ILE A 259 -7.76 -14.11 -16.16
N GLN A 260 -9.03 -14.47 -16.34
CA GLN A 260 -10.00 -13.50 -16.85
C GLN A 260 -10.36 -12.47 -15.79
N ASN A 261 -10.57 -12.91 -14.56
CA ASN A 261 -10.99 -12.03 -13.47
C ASN A 261 -9.90 -11.07 -13.04
N SER A 262 -8.74 -11.00 -13.68
CA SER A 262 -7.65 -10.14 -13.23
C SER A 262 -7.41 -9.03 -14.23
N THR A 263 -6.72 -7.99 -13.76
CA THR A 263 -6.42 -6.82 -14.58
C THR A 263 -5.01 -6.85 -15.15
N ALA A 264 -4.20 -7.83 -14.78
CA ALA A 264 -2.84 -7.92 -15.31
C ALA A 264 -2.88 -8.25 -16.80
N ARG A 265 -2.04 -7.57 -17.56
CA ARG A 265 -1.97 -7.79 -19.00
C ARG A 265 -0.79 -8.67 -19.40
N VAL A 266 0.28 -8.67 -18.63
CA VAL A 266 1.47 -9.43 -18.95
C VAL A 266 1.42 -10.76 -18.20
N ILE A 267 1.65 -11.85 -18.92
CA ILE A 267 1.63 -13.19 -18.34
C ILE A 267 2.97 -13.84 -18.63
N VAL A 268 3.69 -14.21 -17.59
CA VAL A 268 4.99 -14.86 -17.72
C VAL A 268 4.79 -16.36 -17.63
N VAL A 269 4.98 -17.05 -18.74
CA VAL A 269 4.75 -18.49 -18.83
C VAL A 269 6.09 -19.21 -18.78
N PHE A 270 6.21 -20.15 -17.85
CA PHE A 270 7.41 -20.96 -17.66
C PHE A 270 7.00 -22.41 -17.81
N SER A 271 6.98 -22.91 -19.04
CA SER A 271 6.51 -24.28 -19.30
C SER A 271 6.99 -24.70 -20.67
N SER A 272 6.63 -25.91 -21.05
CA SER A 272 6.96 -26.49 -22.34
C SER A 272 5.70 -26.58 -23.18
N GLY A 273 5.88 -27.03 -24.42
CA GLY A 273 4.79 -27.12 -25.37
C GLY A 273 3.65 -28.00 -24.92
N PRO A 274 3.92 -29.30 -24.77
CA PRO A 274 2.85 -30.24 -24.39
C PRO A 274 2.14 -29.88 -23.10
N ASP A 275 2.88 -29.57 -22.03
CA ASP A 275 2.25 -29.20 -20.77
C ASP A 275 1.55 -27.85 -20.83
N LEU A 276 1.56 -27.18 -21.98
CA LEU A 276 0.85 -25.92 -22.14
C LEU A 276 -0.31 -26.00 -23.11
N GLU A 277 -0.29 -26.96 -24.04
CA GLU A 277 -1.33 -27.06 -25.06
C GLU A 277 -2.76 -27.04 -24.51
N PRO A 278 -3.10 -27.74 -23.43
CA PRO A 278 -4.49 -27.68 -22.93
C PRO A 278 -4.94 -26.28 -22.56
N LEU A 279 -4.12 -25.54 -21.82
CA LEU A 279 -4.49 -24.18 -21.44
C LEU A 279 -4.70 -23.31 -22.66
N ILE A 280 -3.87 -23.47 -23.69
CA ILE A 280 -4.02 -22.67 -24.89
C ILE A 280 -5.32 -23.03 -25.60
N LYS A 281 -5.64 -24.33 -25.67
CA LYS A 281 -6.90 -24.73 -26.30
C LYS A 281 -8.09 -24.11 -25.57
N GLU A 282 -8.07 -24.16 -24.24
CA GLU A 282 -9.19 -23.60 -23.49
C GLU A 282 -9.27 -22.09 -23.64
N ILE A 283 -8.12 -21.41 -23.70
CA ILE A 283 -8.12 -19.96 -23.85
C ILE A 283 -8.64 -19.58 -25.23
N VAL A 284 -8.28 -20.33 -26.25
CA VAL A 284 -8.81 -20.08 -27.59
C VAL A 284 -10.31 -20.33 -27.62
N ARG A 285 -10.77 -21.37 -26.93
CA ARG A 285 -12.21 -21.65 -26.90
C ARG A 285 -12.98 -20.55 -26.17
N ARG A 286 -12.41 -19.99 -25.10
CA ARG A 286 -13.05 -18.90 -24.39
C ARG A 286 -12.72 -17.53 -24.95
N ASN A 287 -11.77 -17.44 -25.87
CA ASN A 287 -11.47 -16.22 -26.61
C ASN A 287 -11.09 -15.07 -25.67
N ILE A 288 -9.95 -15.25 -25.01
CA ILE A 288 -9.33 -14.20 -24.20
C ILE A 288 -8.21 -13.58 -25.03
N THR A 289 -8.32 -12.28 -25.31
CA THR A 289 -7.50 -11.66 -26.35
C THR A 289 -6.57 -10.55 -25.87
N GLY A 290 -6.79 -10.00 -24.67
CA GLY A 290 -6.08 -8.78 -24.30
C GLY A 290 -4.66 -8.98 -23.82
N LYS A 291 -4.29 -10.18 -23.39
CA LYS A 291 -3.07 -10.36 -22.62
C LYS A 291 -1.83 -10.33 -23.53
N ILE A 292 -0.67 -10.31 -22.88
CA ILE A 292 0.63 -10.39 -23.53
C ILE A 292 1.38 -11.54 -22.90
N TRP A 293 1.98 -12.39 -23.73
CA TRP A 293 2.65 -13.60 -23.26
C TRP A 293 4.16 -13.43 -23.35
N LEU A 294 4.84 -13.60 -22.21
CA LEU A 294 6.29 -13.62 -22.16
C LEU A 294 6.72 -15.08 -22.13
N ALA A 295 7.07 -15.61 -23.29
CA ALA A 295 7.34 -17.04 -23.43
C ALA A 295 8.71 -17.38 -22.89
N SER A 296 8.77 -18.51 -22.19
CA SER A 296 10.05 -19.11 -21.83
C SER A 296 10.64 -19.80 -23.05
N GLU A 297 11.88 -20.28 -22.93
CA GLU A 297 12.56 -20.86 -24.07
C GLU A 297 11.91 -22.16 -24.53
N ALA A 298 11.34 -22.93 -23.61
CA ALA A 298 10.86 -24.27 -23.95
C ALA A 298 9.76 -24.22 -25.00
N TRP A 299 8.85 -23.26 -24.90
CA TRP A 299 7.71 -23.20 -25.80
C TRP A 299 7.70 -21.99 -26.70
N ALA A 300 8.70 -21.12 -26.61
CA ALA A 300 8.73 -19.93 -27.47
C ALA A 300 8.87 -20.28 -28.94
N SER A 301 9.27 -21.50 -29.26
CA SER A 301 9.45 -21.91 -30.65
C SER A 301 8.79 -23.26 -30.91
N SER A 302 7.80 -23.62 -30.11
CA SER A 302 7.15 -24.92 -30.21
C SER A 302 6.08 -24.88 -31.30
N SER A 303 6.09 -25.90 -32.15
CA SER A 303 5.07 -26.01 -33.19
C SER A 303 3.70 -26.38 -32.63
N LEU A 304 3.64 -26.89 -31.41
CA LEU A 304 2.35 -27.20 -30.81
C LEU A 304 1.55 -25.94 -30.50
N ILE A 305 2.23 -24.83 -30.26
CA ILE A 305 1.57 -23.58 -29.90
C ILE A 305 1.60 -22.58 -31.04
N ALA A 306 2.73 -22.48 -31.74
CA ALA A 306 2.90 -21.48 -32.81
C ALA A 306 2.13 -21.91 -34.05
N MET A 307 0.82 -21.77 -33.98
CA MET A 307 -0.07 -21.99 -35.11
C MET A 307 -1.08 -20.87 -35.20
N PRO A 308 -1.59 -20.59 -36.40
CA PRO A 308 -2.36 -19.35 -36.59
C PRO A 308 -3.63 -19.26 -35.76
N GLU A 309 -4.38 -20.35 -35.61
CA GLU A 309 -5.65 -20.28 -34.88
C GLU A 309 -5.43 -19.98 -33.40
N PHE A 310 -4.28 -20.38 -32.85
CA PHE A 310 -3.92 -19.96 -31.51
C PHE A 310 -3.29 -18.57 -31.51
N PHE A 311 -2.66 -18.20 -32.63
CA PHE A 311 -1.99 -16.91 -32.71
C PHE A 311 -2.97 -15.75 -32.70
N ARG A 312 -4.08 -15.89 -33.41
CA ARG A 312 -5.08 -14.82 -33.44
C ARG A 312 -5.59 -14.46 -32.05
N VAL A 313 -5.53 -15.39 -31.11
CA VAL A 313 -6.06 -15.20 -29.77
C VAL A 313 -4.95 -14.77 -28.80
N ILE A 314 -3.78 -15.42 -28.88
CA ILE A 314 -2.72 -15.07 -27.93
C ILE A 314 -2.06 -13.75 -28.29
N GLY A 315 -2.16 -13.32 -29.54
CA GLY A 315 -1.68 -12.00 -29.92
C GLY A 315 -0.17 -11.84 -29.90
N SER A 316 0.34 -11.08 -28.93
CA SER A 316 1.74 -10.68 -28.92
C SER A 316 2.52 -11.55 -27.94
N THR A 317 3.59 -12.18 -28.43
CA THR A 317 4.45 -12.98 -27.60
C THR A 317 5.90 -12.57 -27.83
N ILE A 318 6.62 -12.30 -26.75
CA ILE A 318 8.05 -12.02 -26.76
C ILE A 318 8.73 -13.10 -25.95
N GLY A 319 9.55 -13.92 -26.61
CA GLY A 319 10.14 -15.06 -25.96
C GLY A 319 11.64 -15.10 -26.17
N PHE A 320 12.27 -16.04 -25.49
CA PHE A 320 13.71 -16.24 -25.57
C PHE A 320 14.04 -17.37 -26.52
N ALA A 321 15.32 -17.47 -26.87
CA ALA A 321 15.80 -18.55 -27.71
C ALA A 321 17.30 -18.68 -27.53
N LEU A 322 17.80 -19.90 -27.64
CA LEU A 322 19.23 -20.11 -27.57
C LEU A 322 19.89 -19.57 -28.83
N LYS A 323 21.21 -19.49 -28.80
CA LYS A 323 21.95 -18.96 -29.94
C LYS A 323 22.08 -20.02 -31.01
N ALA A 324 21.96 -19.60 -32.26
CA ALA A 324 21.96 -20.53 -33.37
C ALA A 324 23.30 -21.26 -33.48
N GLY A 325 23.33 -22.27 -34.34
CA GLY A 325 24.52 -23.05 -34.56
C GLY A 325 24.80 -23.21 -36.04
N GLN A 326 25.90 -23.89 -36.34
CA GLN A 326 26.35 -24.11 -37.71
C GLN A 326 26.88 -25.54 -37.84
N ILE A 327 26.04 -26.43 -38.34
CA ILE A 327 26.47 -27.80 -38.63
C ILE A 327 26.58 -27.93 -40.15
N PRO A 328 27.77 -27.76 -40.71
CA PRO A 328 27.90 -27.74 -42.19
C PRO A 328 27.65 -29.12 -42.77
N GLY A 329 26.82 -29.16 -43.82
CA GLY A 329 26.51 -30.42 -44.49
C GLY A 329 25.47 -31.24 -43.79
N PHE A 330 24.58 -30.63 -43.02
CA PHE A 330 23.59 -31.37 -42.26
C PHE A 330 22.30 -31.62 -43.05
N ARG A 331 21.84 -30.62 -43.80
CA ARG A 331 20.62 -30.77 -44.59
C ARG A 331 20.73 -31.96 -45.54
N GLU A 332 21.87 -32.10 -46.22
CA GLU A 332 22.05 -33.20 -47.15
C GLU A 332 22.04 -34.55 -46.44
N PHE A 333 22.26 -34.59 -45.13
CA PHE A 333 22.10 -35.81 -44.39
C PHE A 333 20.65 -36.06 -44.00
N LEU A 334 19.91 -34.99 -43.68
CA LEU A 334 18.49 -35.13 -43.39
C LEU A 334 17.71 -35.61 -44.62
N GLN A 335 18.11 -35.15 -45.81
CA GLN A 335 17.36 -35.47 -47.02
C GLN A 335 17.59 -36.90 -47.50
N LYS A 336 18.36 -37.71 -46.79
CA LYS A 336 18.66 -39.07 -47.23
C LYS A 336 17.99 -40.14 -46.37
N VAL A 337 17.15 -39.75 -45.41
CA VAL A 337 16.47 -40.73 -44.58
C VAL A 337 15.56 -41.59 -45.47
N HIS A 338 15.53 -42.88 -45.20
CA HIS A 338 14.79 -43.81 -46.04
C HIS A 338 14.45 -45.07 -45.25
N PRO A 339 13.23 -45.60 -45.37
CA PRO A 339 12.83 -46.70 -44.49
C PRO A 339 13.57 -48.00 -44.73
N LYS A 340 13.96 -48.29 -45.97
CA LYS A 340 14.65 -49.53 -46.29
C LYS A 340 16.16 -49.41 -46.21
N LYS A 341 16.71 -48.21 -46.48
CA LYS A 341 18.13 -47.97 -46.40
C LYS A 341 18.59 -47.65 -44.98
N SER A 342 17.78 -47.99 -43.97
CA SER A 342 18.10 -47.72 -42.58
C SER A 342 17.87 -48.99 -41.77
N ALA A 343 18.91 -49.82 -41.67
CA ALA A 343 18.86 -50.96 -40.79
C ALA A 343 19.29 -50.61 -39.37
N ASN A 344 20.26 -49.70 -39.23
CA ASN A 344 20.67 -49.24 -37.91
C ASN A 344 19.56 -48.45 -37.24
N ASN A 345 19.09 -47.40 -37.90
CA ASN A 345 17.97 -46.62 -37.37
C ASN A 345 16.67 -47.41 -37.53
N GLY A 346 15.86 -47.40 -36.48
CA GLY A 346 14.62 -48.14 -36.49
C GLY A 346 13.39 -47.26 -36.52
N PHE A 347 13.51 -46.04 -36.04
CA PHE A 347 12.40 -45.09 -36.05
C PHE A 347 12.12 -44.53 -37.43
N ALA A 348 12.95 -44.84 -38.43
CA ALA A 348 12.73 -44.31 -39.77
C ALA A 348 11.45 -44.85 -40.37
N LYS A 349 11.08 -46.09 -40.05
CA LYS A 349 9.84 -46.65 -40.56
C LYS A 349 8.64 -45.86 -40.06
N GLU A 350 8.53 -45.68 -38.74
CA GLU A 350 7.43 -44.91 -38.18
C GLU A 350 7.46 -43.47 -38.66
N PHE A 351 8.66 -42.91 -38.88
CA PHE A 351 8.76 -41.57 -39.46
C PHE A 351 8.12 -41.52 -40.84
N TRP A 352 8.48 -42.48 -41.70
CA TRP A 352 7.88 -42.58 -43.02
C TRP A 352 6.37 -42.68 -42.93
N GLU A 353 5.88 -43.54 -42.03
CA GLU A 353 4.43 -43.69 -41.86
C GLU A 353 3.78 -42.36 -41.49
N GLU A 354 4.27 -41.73 -40.43
CA GLU A 354 3.64 -40.50 -39.95
C GLU A 354 3.76 -39.35 -40.95
N THR A 355 4.76 -39.39 -41.83
CA THR A 355 4.89 -38.32 -42.80
C THR A 355 4.16 -38.58 -44.10
N PHE A 356 3.82 -39.83 -44.40
CA PHE A 356 3.17 -40.17 -45.66
C PHE A 356 1.89 -40.98 -45.51
N ASN A 357 1.56 -41.47 -44.32
CA ASN A 357 0.37 -42.31 -44.09
C ASN A 357 0.41 -43.56 -44.97
N CYS A 358 1.41 -44.40 -44.70
CA CYS A 358 1.65 -45.60 -45.49
C CYS A 358 1.29 -46.84 -44.71
N TYR A 359 1.56 -48.00 -45.32
CA TYR A 359 1.30 -49.30 -44.73
C TYR A 359 -0.17 -49.46 -44.34
N PRO A 392 -3.57 -47.10 -45.82
CA PRO A 392 -3.25 -46.79 -47.22
C PRO A 392 -1.80 -47.11 -47.55
N PRO A 393 -1.54 -48.34 -48.00
CA PRO A 393 -0.16 -48.70 -48.33
C PRO A 393 0.39 -47.83 -49.44
N CYS A 394 1.70 -47.62 -49.44
CA CYS A 394 2.35 -46.74 -50.38
C CYS A 394 3.60 -47.40 -50.92
N THR A 395 4.41 -46.61 -51.63
CA THR A 395 5.55 -47.13 -52.39
C THR A 395 6.84 -47.17 -51.59
N GLY A 396 7.14 -46.12 -50.82
CA GLY A 396 8.43 -46.00 -50.18
C GLY A 396 9.48 -45.31 -51.02
N ASP A 397 9.08 -44.61 -52.08
CA ASP A 397 10.00 -43.85 -52.91
C ASP A 397 9.53 -42.42 -53.13
N GLU A 398 8.80 -41.86 -52.17
CA GLU A 398 8.38 -40.48 -52.24
C GLU A 398 9.56 -39.57 -51.93
N ASN A 399 9.30 -38.27 -51.87
CA ASN A 399 10.32 -37.29 -51.54
C ASN A 399 9.96 -36.60 -50.23
N ILE A 400 10.93 -36.53 -49.31
CA ILE A 400 10.71 -35.86 -48.04
C ILE A 400 10.54 -34.37 -48.21
N THR A 401 11.07 -33.80 -49.29
CA THR A 401 10.96 -32.37 -49.54
C THR A 401 9.58 -31.95 -50.03
N SER A 402 8.71 -32.90 -50.38
CA SER A 402 7.41 -32.55 -50.94
C SER A 402 6.39 -32.14 -49.88
N VAL A 403 6.57 -32.52 -48.64
CA VAL A 403 5.65 -32.20 -47.55
C VAL A 403 6.37 -31.32 -46.55
N GLU A 404 5.64 -30.41 -45.93
CA GLU A 404 6.22 -29.40 -45.04
C GLU A 404 5.95 -29.81 -43.59
N THR A 405 6.99 -30.24 -42.91
CA THR A 405 6.97 -30.63 -41.51
C THR A 405 8.12 -29.98 -40.79
N PRO A 406 8.07 -29.90 -39.46
CA PRO A 406 9.20 -29.34 -38.71
C PRO A 406 10.53 -30.06 -38.94
N TYR A 407 10.49 -31.17 -39.68
CA TYR A 407 11.70 -31.94 -39.96
C TYR A 407 12.76 -31.08 -40.62
N MET A 408 12.46 -30.56 -41.81
CA MET A 408 13.41 -29.73 -42.54
C MET A 408 12.94 -28.28 -42.68
N ASP A 409 11.77 -27.94 -42.15
CA ASP A 409 11.31 -26.55 -42.13
C ASP A 409 11.98 -25.86 -40.95
N PHE A 410 13.25 -25.55 -41.12
CA PHE A 410 14.01 -24.87 -40.08
C PHE A 410 15.00 -23.91 -40.74
N THR A 411 15.40 -22.89 -39.98
CA THR A 411 16.41 -21.94 -40.40
C THR A 411 17.58 -21.86 -39.44
N HIS A 412 17.33 -22.05 -38.14
CA HIS A 412 18.36 -21.99 -37.11
C HIS A 412 18.32 -23.26 -36.29
N LEU A 413 19.46 -23.93 -36.19
CA LEU A 413 19.60 -25.12 -35.37
C LEU A 413 20.07 -24.72 -33.98
N ARG A 414 19.22 -24.94 -32.98
CA ARG A 414 19.57 -24.57 -31.62
C ARG A 414 19.77 -25.77 -30.71
N ILE A 415 18.78 -26.65 -30.61
CA ILE A 415 18.98 -27.84 -29.78
C ILE A 415 19.74 -28.92 -30.53
N SER A 416 19.54 -29.00 -31.85
CA SER A 416 20.33 -29.93 -32.65
C SER A 416 21.81 -29.62 -32.53
N TYR A 417 22.16 -28.33 -32.48
CA TYR A 417 23.54 -27.95 -32.25
C TYR A 417 24.03 -28.41 -30.89
N ASN A 418 23.17 -28.35 -29.87
CA ASN A 418 23.55 -28.84 -28.55
C ASN A 418 23.82 -30.34 -28.57
N VAL A 419 23.02 -31.10 -29.31
CA VAL A 419 23.26 -32.53 -29.42
C VAL A 419 24.59 -32.79 -30.11
N TYR A 420 24.81 -32.10 -31.23
CA TYR A 420 26.09 -32.19 -31.93
C TYR A 420 27.26 -31.91 -31.00
N LEU A 421 27.14 -30.84 -30.21
CA LEU A 421 28.22 -30.44 -29.31
C LEU A 421 28.44 -31.48 -28.23
N ALA A 422 27.37 -32.06 -27.70
CA ALA A 422 27.52 -33.09 -26.66
C ALA A 422 28.27 -34.30 -27.20
N VAL A 423 27.87 -34.77 -28.38
CA VAL A 423 28.55 -35.92 -28.97
C VAL A 423 30.02 -35.59 -29.20
N TYR A 424 30.30 -34.40 -29.73
CA TYR A 424 31.68 -34.04 -29.99
C TYR A 424 32.49 -33.90 -28.71
N SER A 425 31.86 -33.42 -27.63
CA SER A 425 32.59 -33.29 -26.38
C SER A 425 32.95 -34.65 -25.81
N ILE A 426 32.03 -35.62 -25.88
CA ILE A 426 32.35 -36.95 -25.40
C ILE A 426 33.46 -37.57 -26.25
N ALA A 427 33.40 -37.35 -27.57
CA ALA A 427 34.46 -37.85 -28.43
C ALA A 427 35.80 -37.20 -28.11
N HIS A 428 35.79 -35.92 -27.74
CA HIS A 428 37.04 -35.24 -27.39
C HIS A 428 37.58 -35.73 -26.06
N ALA A 429 36.71 -36.05 -25.10
CA ALA A 429 37.18 -36.64 -23.86
C ALA A 429 37.82 -38.00 -24.11
N LEU A 430 37.20 -38.79 -25.00
CA LEU A 430 37.79 -40.07 -25.36
C LEU A 430 39.15 -39.88 -26.01
N GLN A 431 39.26 -38.91 -26.94
CA GLN A 431 40.55 -38.61 -27.55
C GLN A 431 41.57 -38.20 -26.50
N ASP A 432 41.16 -37.34 -25.56
CA ASP A 432 42.05 -36.94 -24.48
C ASP A 432 42.61 -38.15 -23.75
N ILE A 433 41.75 -39.12 -23.42
CA ILE A 433 42.24 -40.36 -22.82
C ILE A 433 43.18 -41.07 -23.79
N TYR A 434 42.94 -40.93 -25.09
CA TYR A 434 43.74 -41.67 -26.07
C TYR A 434 45.14 -41.09 -26.24
N THR A 435 45.27 -39.77 -26.17
CA THR A 435 46.55 -39.11 -26.46
C THR A 435 47.37 -38.87 -25.21
N CYS A 436 47.28 -39.78 -24.25
CA CYS A 436 47.91 -39.60 -22.96
C CYS A 436 49.42 -39.79 -23.05
N THR A 437 50.13 -39.15 -22.12
CA THR A 437 51.54 -39.37 -21.87
C THR A 437 51.71 -40.05 -20.52
N PRO A 438 52.45 -41.16 -20.45
CA PRO A 438 52.40 -42.01 -19.26
C PRO A 438 52.88 -41.36 -17.97
N GLY A 439 53.30 -40.10 -18.03
CA GLY A 439 53.83 -39.45 -16.86
C GLY A 439 52.92 -38.36 -16.31
N LYS A 440 52.09 -37.77 -17.16
CA LYS A 440 51.27 -36.63 -16.81
C LYS A 440 49.78 -36.94 -16.88
N GLY A 441 49.40 -38.13 -16.43
CA GLY A 441 48.00 -38.50 -16.42
C GLY A 441 47.23 -37.84 -15.30
N LEU A 442 45.90 -37.88 -15.41
CA LEU A 442 45.03 -37.27 -14.44
C LEU A 442 44.73 -38.16 -13.24
N PHE A 443 45.16 -39.41 -13.27
CA PHE A 443 44.82 -40.37 -12.23
C PHE A 443 45.93 -40.45 -11.19
N THR A 444 45.77 -41.37 -10.24
CA THR A 444 46.65 -41.44 -9.08
C THR A 444 48.11 -41.69 -9.49
N ASN A 445 49.02 -41.18 -8.68
CA ASN A 445 50.46 -41.32 -8.91
C ASN A 445 50.86 -40.83 -10.30
N GLY A 446 50.15 -39.83 -10.82
CA GLY A 446 50.38 -39.36 -12.16
C GLY A 446 50.04 -40.33 -13.26
N SER A 447 49.57 -41.53 -12.93
CA SER A 447 49.29 -42.55 -13.94
C SER A 447 48.11 -42.13 -14.81
N CYS A 448 47.87 -42.90 -15.85
CA CYS A 448 46.83 -42.60 -16.82
C CYS A 448 46.16 -43.89 -17.25
N ALA A 449 44.99 -43.75 -17.87
CA ALA A 449 44.18 -44.89 -18.26
C ALA A 449 44.43 -45.27 -19.72
N ASP A 450 44.05 -46.50 -20.06
CA ASP A 450 44.18 -47.02 -21.41
C ASP A 450 42.81 -47.05 -22.09
N ILE A 451 42.80 -46.75 -23.39
CA ILE A 451 41.55 -46.66 -24.13
C ILE A 451 40.99 -48.03 -24.51
N LYS A 452 41.79 -49.09 -24.43
CA LYS A 452 41.28 -50.41 -24.79
C LYS A 452 40.38 -50.97 -23.71
N LYS A 453 40.56 -50.57 -22.45
CA LYS A 453 39.71 -51.03 -21.37
C LYS A 453 39.15 -49.84 -20.60
N VAL A 454 38.72 -48.81 -21.33
CA VAL A 454 38.24 -47.58 -20.69
C VAL A 454 36.95 -47.86 -19.95
N GLU A 455 36.78 -47.20 -18.81
CA GLU A 455 35.58 -47.31 -18.01
C GLU A 455 34.91 -45.94 -17.91
N ALA A 456 33.67 -45.93 -17.41
CA ALA A 456 32.86 -44.71 -17.48
C ALA A 456 33.38 -43.64 -16.53
N TRP A 457 33.83 -44.02 -15.33
CA TRP A 457 34.26 -43.02 -14.37
C TRP A 457 35.51 -42.28 -14.85
N GLN A 458 36.38 -42.96 -15.60
CA GLN A 458 37.53 -42.27 -16.18
C GLN A 458 37.09 -41.24 -17.21
N VAL A 459 36.08 -41.58 -18.01
CA VAL A 459 35.55 -40.61 -18.97
C VAL A 459 34.92 -39.44 -18.24
N LEU A 460 34.26 -39.70 -17.10
CA LEU A 460 33.71 -38.61 -16.31
C LEU A 460 34.83 -37.70 -15.80
N LYS A 461 35.90 -38.30 -15.28
CA LYS A 461 37.06 -37.53 -14.83
C LYS A 461 37.60 -36.64 -15.94
N HIS A 462 37.79 -37.21 -17.13
CA HIS A 462 38.31 -36.40 -18.24
C HIS A 462 37.32 -35.37 -18.71
N LEU A 463 36.02 -35.62 -18.54
CA LEU A 463 35.03 -34.63 -18.95
C LEU A 463 35.02 -33.44 -18.01
N ARG A 464 35.20 -33.68 -16.71
CA ARG A 464 35.24 -32.57 -15.76
C ARG A 464 36.35 -31.58 -16.11
N HIS A 465 37.46 -32.06 -16.66
CA HIS A 465 38.58 -31.22 -17.03
C HIS A 465 38.70 -31.02 -18.54
N LEU A 466 37.63 -31.30 -19.27
CA LEU A 466 37.67 -31.12 -20.72
C LEU A 466 37.61 -29.64 -21.06
N ASN A 467 38.42 -29.25 -22.06
CA ASN A 467 38.48 -27.85 -22.48
C ASN A 467 39.00 -27.87 -23.91
N PHE A 468 38.10 -27.70 -24.87
CA PHE A 468 38.45 -27.86 -26.27
C PHE A 468 37.82 -26.73 -27.10
N THR A 469 38.03 -26.80 -28.40
CA THR A 469 37.64 -25.73 -29.32
C THR A 469 36.56 -26.25 -30.27
N SER A 470 35.39 -25.60 -30.21
CA SER A 470 34.30 -25.88 -31.14
C SER A 470 34.60 -25.30 -32.51
N ASN A 471 34.23 -26.08 -33.54
CA ASN A 471 34.53 -25.77 -34.93
C ASN A 471 34.08 -24.37 -35.35
N MET A 472 33.14 -23.77 -34.62
CA MET A 472 32.82 -22.37 -34.82
C MET A 472 33.86 -21.45 -34.23
N GLY A 473 35.04 -21.97 -33.87
CA GLY A 473 36.06 -21.17 -33.23
C GLY A 473 35.72 -20.76 -31.82
N GLU A 474 35.10 -21.64 -31.05
CA GLU A 474 34.67 -21.29 -29.70
C GLU A 474 35.40 -22.14 -28.67
N GLN A 475 35.28 -21.74 -27.40
CA GLN A 475 35.87 -22.48 -26.29
C GLN A 475 34.77 -23.19 -25.53
N VAL A 476 34.86 -24.52 -25.46
CA VAL A 476 33.88 -25.34 -24.76
C VAL A 476 34.57 -25.98 -23.57
N ASP A 477 34.04 -25.70 -22.38
CA ASP A 477 34.56 -26.26 -21.14
C ASP A 477 33.51 -26.06 -20.06
N PHE A 478 33.15 -27.13 -19.37
CA PHE A 478 32.07 -27.08 -18.40
C PHE A 478 32.55 -26.51 -17.07
N ASP A 479 31.62 -25.88 -16.35
CA ASP A 479 31.90 -25.24 -15.08
C ASP A 479 32.09 -26.30 -14.00
N GLU A 480 32.28 -25.85 -12.75
CA GLU A 480 32.26 -26.79 -11.64
C GLU A 480 30.86 -27.27 -11.31
N PHE A 481 29.84 -26.72 -11.97
CA PHE A 481 28.47 -27.20 -11.85
C PHE A 481 28.03 -27.93 -13.11
N GLY A 482 28.98 -28.29 -13.97
CA GLY A 482 28.68 -29.13 -15.12
C GLY A 482 28.03 -28.45 -16.29
N ASP A 483 27.60 -27.20 -16.14
CA ASP A 483 26.85 -26.55 -17.21
C ASP A 483 27.75 -25.61 -18.01
N LEU A 484 27.28 -25.31 -19.22
CA LEU A 484 27.88 -24.29 -20.06
C LEU A 484 27.17 -22.96 -19.81
N VAL A 485 27.48 -21.95 -20.62
CA VAL A 485 26.83 -20.65 -20.55
C VAL A 485 26.74 -20.08 -21.95
N GLY A 486 25.65 -19.36 -22.24
CA GLY A 486 25.45 -18.77 -23.54
C GLY A 486 24.62 -17.51 -23.42
N ASN A 487 24.51 -16.78 -24.53
CA ASN A 487 23.86 -15.48 -24.57
C ASN A 487 22.62 -15.56 -25.44
N TYR A 488 21.47 -15.21 -24.86
CA TYR A 488 20.18 -15.50 -25.47
C TYR A 488 19.84 -14.52 -26.59
N SER A 489 19.10 -15.00 -27.57
CA SER A 489 18.41 -14.14 -28.52
C SER A 489 16.97 -13.96 -28.05
N ILE A 490 16.37 -12.84 -28.42
CA ILE A 490 15.01 -12.51 -27.99
C ILE A 490 14.18 -12.33 -29.24
N ILE A 491 13.20 -13.21 -29.42
CA ILE A 491 12.37 -13.23 -30.60
C ILE A 491 10.97 -12.77 -30.24
N ASN A 492 10.22 -12.38 -31.26
CA ASN A 492 8.85 -11.90 -31.10
C ASN A 492 8.01 -12.49 -32.21
N TRP A 493 6.85 -13.03 -31.87
CA TRP A 493 6.07 -13.79 -32.85
C TRP A 493 5.48 -12.87 -33.90
N HIS A 494 5.71 -13.22 -35.17
CA HIS A 494 5.15 -12.49 -36.30
C HIS A 494 4.36 -13.45 -37.16
N LEU A 495 3.41 -12.90 -37.90
CA LEU A 495 2.61 -13.66 -38.85
C LEU A 495 3.15 -13.41 -40.25
N SER A 496 3.60 -14.47 -40.89
CA SER A 496 4.16 -14.35 -42.24
C SER A 496 3.07 -13.94 -43.21
N PRO A 497 3.18 -12.78 -43.88
CA PRO A 497 2.14 -12.38 -44.83
C PRO A 497 2.10 -13.23 -46.09
N GLU A 498 3.03 -14.17 -46.25
CA GLU A 498 3.05 -15.03 -47.43
C GLU A 498 2.32 -16.34 -47.20
N ASP A 499 2.49 -16.93 -46.02
CA ASP A 499 1.95 -18.25 -45.73
C ASP A 499 0.75 -18.23 -44.79
N GLY A 500 0.81 -17.39 -43.76
CA GLY A 500 -0.12 -17.46 -42.65
C GLY A 500 0.46 -18.10 -41.42
N SER A 501 1.57 -18.82 -41.56
CA SER A 501 2.23 -19.45 -40.44
C SER A 501 2.91 -18.41 -39.57
N VAL A 502 3.13 -18.78 -38.31
CA VAL A 502 3.87 -17.92 -37.39
C VAL A 502 5.36 -18.07 -37.68
N VAL A 503 6.05 -16.94 -37.83
CA VAL A 503 7.49 -16.93 -38.06
C VAL A 503 8.13 -16.11 -36.96
N PHE A 504 9.24 -16.61 -36.43
CA PHE A 504 9.90 -16.02 -35.28
C PHE A 504 10.99 -15.08 -35.78
N GLU A 505 10.81 -13.80 -35.54
CA GLU A 505 11.79 -12.79 -35.91
C GLU A 505 12.52 -12.32 -34.66
N GLU A 506 13.85 -12.30 -34.72
CA GLU A 506 14.64 -11.90 -33.56
C GLU A 506 14.68 -10.38 -33.46
N VAL A 507 14.36 -9.85 -32.29
CA VAL A 507 14.33 -8.41 -32.07
C VAL A 507 15.27 -7.96 -30.97
N GLY A 508 15.86 -8.86 -30.20
CA GLY A 508 16.70 -8.39 -29.12
C GLY A 508 17.77 -9.40 -28.76
N HIS A 509 18.60 -9.01 -27.79
CA HIS A 509 19.75 -9.79 -27.38
C HIS A 509 19.91 -9.68 -25.88
N TYR A 510 20.40 -10.76 -25.28
CA TYR A 510 20.70 -10.79 -23.85
C TYR A 510 22.10 -11.38 -23.69
N ASN A 511 23.08 -10.51 -23.50
CA ASN A 511 24.45 -10.92 -23.21
C ASN A 511 24.61 -11.02 -21.70
N VAL A 512 24.95 -12.22 -21.22
CA VAL A 512 24.99 -12.47 -19.77
C VAL A 512 26.35 -12.13 -19.18
N TYR A 513 27.35 -11.84 -20.00
CA TYR A 513 28.67 -11.48 -19.47
C TYR A 513 28.74 -10.03 -19.02
N ALA A 514 27.91 -9.15 -19.56
CA ALA A 514 27.91 -7.77 -19.13
C ALA A 514 27.52 -7.67 -17.66
N LYS A 515 27.93 -6.57 -17.04
CA LYS A 515 27.65 -6.39 -15.63
C LYS A 515 26.17 -6.15 -15.39
N LYS A 516 25.72 -6.48 -14.18
CA LYS A 516 24.30 -6.45 -13.85
C LYS A 516 23.72 -5.06 -14.11
N GLY A 517 22.71 -5.02 -14.98
CA GLY A 517 22.04 -3.78 -15.34
C GLY A 517 22.27 -3.32 -16.76
N GLU A 518 23.22 -3.92 -17.48
CA GLU A 518 23.53 -3.55 -18.85
C GLU A 518 23.55 -4.78 -19.74
N ARG A 519 22.75 -5.79 -19.41
CA ARG A 519 22.78 -7.06 -20.10
C ARG A 519 21.79 -7.12 -21.26
N LEU A 520 20.66 -6.44 -21.13
CA LEU A 520 19.57 -6.54 -22.10
C LEU A 520 19.73 -5.48 -23.18
N PHE A 521 19.40 -5.86 -24.41
CA PHE A 521 19.36 -4.90 -25.52
C PHE A 521 18.17 -5.25 -26.40
N ILE A 522 17.13 -4.41 -26.37
CA ILE A 522 15.91 -4.64 -27.13
C ILE A 522 15.77 -3.57 -28.19
N ASN A 523 15.52 -3.98 -29.42
CA ASN A 523 15.32 -3.06 -30.55
C ASN A 523 13.81 -2.90 -30.73
N GLU A 524 13.27 -1.82 -30.16
CA GLU A 524 11.82 -1.72 -29.98
C GLU A 524 11.05 -1.50 -31.27
N ASN A 525 11.67 -0.96 -32.31
CA ASN A 525 10.89 -0.63 -33.50
C ASN A 525 10.49 -1.85 -34.31
N LYS A 526 11.04 -3.03 -34.01
CA LYS A 526 10.59 -4.24 -34.67
C LYS A 526 9.46 -4.96 -33.95
N ILE A 527 9.30 -4.73 -32.64
CA ILE A 527 8.26 -5.40 -31.89
C ILE A 527 6.89 -4.95 -32.40
N LEU A 528 6.05 -5.92 -32.76
CA LEU A 528 4.72 -5.67 -33.27
C LEU A 528 3.72 -5.95 -32.15
N TRP A 529 3.09 -4.90 -31.64
CA TRP A 529 2.24 -4.99 -30.46
C TRP A 529 0.81 -5.32 -30.88
N SER A 530 0.30 -6.43 -30.33
CA SER A 530 -1.11 -6.83 -30.50
C SER A 530 -1.52 -6.92 -31.96
N GLY A 531 -0.55 -7.03 -32.87
CA GLY A 531 -0.80 -7.19 -34.28
C GLY A 531 -0.90 -5.92 -35.10
N PHE A 532 -1.47 -4.85 -34.55
CA PHE A 532 -1.69 -3.63 -35.30
C PHE A 532 -0.91 -2.44 -34.75
N SER A 533 -1.05 -2.14 -33.46
CA SER A 533 -0.54 -0.88 -32.92
C SER A 533 0.97 -0.95 -32.72
N LYS A 534 1.55 0.20 -32.37
CA LYS A 534 2.99 0.26 -32.15
C LYS A 534 3.36 1.17 -30.98
N GLU A 535 2.62 1.10 -29.88
CA GLU A 535 3.07 1.70 -28.63
C GLU A 535 2.90 0.68 -27.51
N VAL A 536 3.79 0.79 -26.51
CA VAL A 536 3.85 -0.16 -25.41
C VAL A 536 2.53 -0.16 -24.66
N PRO A 537 1.83 -1.31 -24.60
CA PRO A 537 0.58 -1.36 -23.87
C PRO A 537 0.77 -1.07 -22.39
N PHE A 538 -0.32 -0.71 -21.73
CA PHE A 538 -0.31 -0.32 -20.33
C PHE A 538 -0.70 -1.53 -19.48
N SER A 539 0.19 -1.92 -18.56
CA SER A 539 -0.07 -3.06 -17.70
C SER A 539 0.33 -2.77 -16.27
N ASN A 540 0.04 -1.55 -15.80
CA ASN A 540 0.20 -1.23 -14.40
C ASN A 540 -1.09 -1.51 -13.65
N CYS A 541 -0.98 -1.60 -12.32
CA CYS A 541 -2.17 -1.89 -11.53
C CYS A 541 -3.10 -0.69 -11.43
N SER A 542 -2.60 0.42 -10.89
CA SER A 542 -3.36 1.64 -10.73
C SER A 542 -2.72 2.74 -11.57
N ARG A 543 -3.55 3.60 -12.14
CA ARG A 543 -3.03 4.67 -12.98
C ARG A 543 -2.17 5.63 -12.16
N ASP A 544 -1.06 6.06 -12.75
CA ASP A 544 -0.19 7.03 -12.13
C ASP A 544 -0.80 8.41 -12.32
N CYS A 545 -1.13 9.08 -11.21
CA CYS A 545 -1.85 10.35 -11.29
C CYS A 545 -0.93 11.53 -10.97
N LEU A 546 -1.32 12.70 -11.48
CA LEU A 546 -0.43 13.82 -11.68
C LEU A 546 0.02 14.47 -10.38
N PRO A 547 0.98 15.40 -10.43
CA PRO A 547 1.29 16.21 -9.25
C PRO A 547 0.09 17.01 -8.79
N GLY A 548 0.15 17.44 -7.53
CA GLY A 548 -1.01 17.96 -6.85
C GLY A 548 -1.79 16.91 -6.10
N THR A 549 -1.49 15.63 -6.34
CA THR A 549 -2.13 14.52 -5.66
C THR A 549 -1.09 13.68 -4.94
N ARG A 550 -1.55 12.80 -4.07
CA ARG A 550 -0.65 11.92 -3.33
C ARG A 550 -1.25 10.52 -3.30
N LYS A 551 -0.37 9.53 -3.20
CA LYS A 551 -0.81 8.14 -3.15
C LYS A 551 -1.64 7.90 -1.89
N GLY A 552 -2.53 6.91 -1.98
CA GLY A 552 -3.39 6.56 -0.87
C GLY A 552 -3.61 5.07 -0.79
N ILE A 553 -3.40 4.51 0.40
CA ILE A 553 -3.41 3.06 0.59
C ILE A 553 -4.80 2.51 0.34
N ILE A 554 -4.87 1.45 -0.45
CA ILE A 554 -6.06 0.61 -0.56
C ILE A 554 -5.76 -0.67 0.20
N GLU A 555 -6.26 -0.77 1.43
CA GLU A 555 -5.88 -1.86 2.30
C GLU A 555 -6.36 -3.20 1.75
N GLY A 556 -5.49 -4.19 1.82
CA GLY A 556 -5.78 -5.50 1.26
C GLY A 556 -5.04 -5.72 -0.04
N GLU A 557 -4.98 -4.68 -0.86
CA GLU A 557 -4.27 -4.73 -2.12
C GLU A 557 -2.76 -4.63 -1.90
N PRO A 558 -1.95 -5.06 -2.86
CA PRO A 558 -0.50 -4.95 -2.70
C PRO A 558 -0.01 -3.52 -2.73
N THR A 559 1.30 -3.34 -2.63
CA THR A 559 1.90 -2.01 -2.60
C THR A 559 1.90 -1.33 -3.94
N CYS A 560 1.48 -1.98 -5.01
CA CYS A 560 1.50 -1.35 -6.33
C CYS A 560 0.15 -0.76 -6.72
N CYS A 561 -0.90 -1.10 -6.00
CA CYS A 561 -2.26 -0.63 -6.28
C CYS A 561 -2.70 0.35 -5.21
N PHE A 562 -3.08 1.56 -5.63
CA PHE A 562 -3.41 2.62 -4.71
C PHE A 562 -4.48 3.50 -5.33
N GLU A 563 -5.15 4.28 -4.48
CA GLU A 563 -5.90 5.43 -4.96
C GLU A 563 -4.99 6.64 -4.88
N CYS A 564 -5.48 7.82 -5.25
CA CYS A 564 -4.71 9.01 -4.93
C CYS A 564 -5.63 10.16 -4.59
N VAL A 565 -5.29 10.83 -3.51
CA VAL A 565 -6.12 11.84 -2.87
C VAL A 565 -5.50 13.21 -3.12
N ASP A 566 -6.36 14.22 -3.24
CA ASP A 566 -5.89 15.57 -3.51
C ASP A 566 -5.17 16.13 -2.28
N CYS A 567 -4.21 17.00 -2.54
CA CYS A 567 -3.55 17.61 -1.39
C CYS A 567 -4.42 18.74 -0.85
N PRO A 568 -4.46 18.93 0.46
CA PRO A 568 -5.25 20.02 1.03
C PRO A 568 -4.64 21.37 0.70
N ASP A 569 -5.35 22.47 0.97
CA ASP A 569 -4.82 23.78 0.70
C ASP A 569 -3.78 24.14 1.76
N GLY A 570 -2.68 24.76 1.32
CA GLY A 570 -1.52 24.96 2.16
C GLY A 570 -0.45 23.90 2.00
N GLU A 571 -0.73 22.87 1.20
CA GLU A 571 0.24 21.82 0.89
C GLU A 571 0.28 21.63 -0.62
N TYR A 572 1.44 21.23 -1.12
CA TYR A 572 1.64 21.09 -2.55
C TYR A 572 2.46 19.85 -2.85
N SER A 573 2.43 19.44 -4.12
CA SER A 573 3.19 18.29 -4.58
C SER A 573 3.49 18.47 -6.06
N ASP A 574 4.77 18.69 -6.38
CA ASP A 574 5.18 18.95 -7.75
C ASP A 574 5.63 17.68 -8.49
N GLU A 575 5.82 16.58 -7.77
CA GLU A 575 6.30 15.35 -8.36
C GLU A 575 5.15 14.43 -8.73
N THR A 576 5.39 13.57 -9.73
CA THR A 576 4.52 12.45 -9.99
C THR A 576 4.93 11.28 -9.09
N ASP A 577 3.94 10.48 -8.68
CA ASP A 577 4.15 9.39 -7.73
C ASP A 577 4.68 9.92 -6.39
N ALA A 578 3.87 10.77 -5.76
CA ALA A 578 4.25 11.40 -4.51
C ALA A 578 3.77 10.57 -3.33
N SER A 579 4.56 10.58 -2.26
CA SER A 579 4.20 9.84 -1.06
C SER A 579 3.46 10.70 -0.04
N ALA A 580 3.62 12.00 -0.10
CA ALA A 580 2.95 12.92 0.81
C ALA A 580 3.12 14.32 0.29
N CYS A 581 2.16 15.18 0.62
CA CYS A 581 2.24 16.57 0.23
C CYS A 581 3.22 17.29 1.17
N ASP A 582 3.52 18.55 0.84
CA ASP A 582 4.55 19.29 1.56
C ASP A 582 4.02 20.66 1.95
N LYS A 583 4.28 21.06 3.19
CA LYS A 583 3.94 22.41 3.64
C LYS A 583 5.06 23.38 3.28
N CYS A 584 4.70 24.48 2.62
CA CYS A 584 5.66 25.48 2.21
C CYS A 584 5.80 26.54 3.30
N PRO A 585 6.89 27.33 3.25
CA PRO A 585 7.17 28.27 4.33
C PRO A 585 6.07 29.30 4.52
N GLU A 586 6.20 30.05 5.62
CA GLU A 586 5.12 30.87 6.14
C GLU A 586 4.63 31.88 5.11
N ASP A 587 5.53 32.68 4.54
CA ASP A 587 5.13 33.66 3.55
C ASP A 587 4.86 33.05 2.17
N TYR A 588 4.78 31.73 2.08
CA TYR A 588 4.35 31.05 0.87
C TYR A 588 3.06 30.27 1.14
N TRP A 589 2.33 30.02 0.08
CA TRP A 589 1.02 29.36 0.16
C TRP A 589 0.81 28.55 -1.11
N SER A 590 0.27 27.34 -0.96
CA SER A 590 -0.02 26.50 -2.11
C SER A 590 -0.92 27.23 -3.10
N ASN A 591 -0.63 27.06 -4.38
CA ASN A 591 -1.41 27.74 -5.41
C ASN A 591 -2.72 26.98 -5.64
N GLU A 592 -3.44 27.35 -6.69
CA GLU A 592 -4.76 26.77 -6.93
C GLU A 592 -4.71 25.32 -7.37
N ASN A 593 -3.57 24.84 -7.88
CA ASN A 593 -3.43 23.43 -8.23
C ASN A 593 -2.57 22.64 -7.25
N HIS A 594 -2.10 23.25 -6.17
CA HIS A 594 -1.27 22.58 -5.17
C HIS A 594 -0.03 21.96 -5.81
N THR A 595 0.52 22.65 -6.82
CA THR A 595 1.73 22.18 -7.48
C THR A 595 2.96 23.00 -7.15
N SER A 596 2.80 24.23 -6.70
CA SER A 596 3.93 25.12 -6.39
C SER A 596 3.45 26.31 -5.58
N CYS A 597 4.09 26.56 -4.46
CA CYS A 597 3.64 27.61 -3.56
C CYS A 597 4.08 28.99 -4.05
N ILE A 598 3.13 29.91 -4.06
CA ILE A 598 3.32 31.30 -4.45
C ILE A 598 3.57 32.09 -3.17
N PRO A 599 4.41 33.11 -3.17
CA PRO A 599 4.57 33.94 -1.97
C PRO A 599 3.23 34.47 -1.48
N LYS A 600 2.95 34.20 -0.21
CA LYS A 600 1.68 34.62 0.38
C LYS A 600 1.52 36.12 0.28
N GLN A 601 0.34 36.56 -0.16
CA GLN A 601 0.12 37.95 -0.49
C GLN A 601 0.12 38.82 0.76
N ILE A 602 0.92 39.87 0.75
CA ILE A 602 0.95 40.86 1.83
C ILE A 602 -0.02 41.97 1.47
N GLU A 603 -0.61 42.60 2.49
CA GLU A 603 -1.52 43.70 2.27
C GLU A 603 -1.41 44.72 3.39
N PHE A 604 -1.55 45.99 3.00
CA PHE A 604 -1.47 47.14 3.92
C PHE A 604 -1.86 48.36 3.11
N LEU A 605 -1.94 49.50 3.80
CA LEU A 605 -2.27 50.75 3.12
C LEU A 605 -1.08 51.21 2.29
N SER A 606 -1.34 51.55 1.03
CA SER A 606 -0.29 51.92 0.09
C SER A 606 -0.51 53.34 -0.42
N TRP A 607 0.30 53.73 -1.40
CA TRP A 607 0.25 55.04 -2.02
C TRP A 607 -0.35 55.02 -3.41
N THR A 608 -0.01 54.01 -4.22
CA THR A 608 -0.68 53.83 -5.50
C THR A 608 -2.11 53.34 -5.32
N GLU A 609 -2.44 52.79 -4.16
CA GLU A 609 -3.79 52.35 -3.87
C GLU A 609 -4.76 53.53 -3.95
N PRO A 610 -5.97 53.32 -4.50
CA PRO A 610 -6.91 54.44 -4.68
C PRO A 610 -7.20 55.26 -3.44
N PHE A 611 -7.64 54.60 -2.36
CA PHE A 611 -7.92 55.33 -1.13
C PHE A 611 -6.69 56.04 -0.60
N GLY A 612 -5.50 55.47 -0.83
CA GLY A 612 -4.28 56.19 -0.48
C GLY A 612 -4.19 57.53 -1.18
N ILE A 613 -4.48 57.55 -2.48
CA ILE A 613 -4.45 58.80 -3.22
C ILE A 613 -5.56 59.74 -2.74
N ALA A 614 -6.72 59.19 -2.37
CA ALA A 614 -7.83 60.03 -1.92
C ALA A 614 -7.48 60.76 -0.62
N LEU A 615 -6.98 60.03 0.37
CA LEU A 615 -6.61 60.67 1.62
C LEU A 615 -5.36 61.53 1.48
N THR A 616 -4.43 61.16 0.58
CA THR A 616 -3.32 62.06 0.29
C THR A 616 -3.80 63.37 -0.29
N LEU A 617 -4.83 63.31 -1.16
CA LEU A 617 -5.43 64.52 -1.71
C LEU A 617 -6.06 65.38 -0.61
N PHE A 618 -6.83 64.74 0.27
CA PHE A 618 -7.42 65.47 1.40
C PHE A 618 -6.34 66.18 2.20
N ALA A 619 -5.28 65.46 2.56
CA ALA A 619 -4.24 66.02 3.41
C ALA A 619 -3.53 67.18 2.73
N VAL A 620 -3.10 66.99 1.48
CA VAL A 620 -2.37 68.06 0.80
C VAL A 620 -3.24 69.27 0.57
N LEU A 621 -4.53 69.08 0.29
CA LEU A 621 -5.39 70.24 0.07
C LEU A 621 -5.62 71.00 1.38
N GLY A 622 -5.75 70.27 2.49
CA GLY A 622 -5.86 70.95 3.77
C GLY A 622 -4.61 71.74 4.11
N ILE A 623 -3.45 71.15 3.89
CA ILE A 623 -2.19 71.85 4.15
C ILE A 623 -2.07 73.06 3.23
N PHE A 624 -2.58 72.96 2.01
CA PHE A 624 -2.55 74.09 1.09
C PHE A 624 -3.46 75.22 1.57
N LEU A 625 -4.65 74.87 2.08
CA LEU A 625 -5.50 75.86 2.71
C LEU A 625 -4.78 76.57 3.85
N THR A 626 -4.08 75.79 4.68
CA THR A 626 -3.35 76.39 5.80
C THR A 626 -2.24 77.32 5.32
N SER A 627 -1.51 76.91 4.28
CA SER A 627 -0.46 77.76 3.73
C SER A 627 -1.04 79.03 3.11
N PHE A 628 -2.23 78.93 2.52
CA PHE A 628 -2.90 80.13 2.01
C PHE A 628 -3.25 81.08 3.14
N VAL A 629 -3.79 80.56 4.25
CA VAL A 629 -4.11 81.40 5.39
C VAL A 629 -2.85 82.07 5.92
N LEU A 630 -1.76 81.32 6.01
CA LEU A 630 -0.51 81.87 6.53
C LEU A 630 0.04 82.95 5.61
N GLY A 631 0.02 82.73 4.30
CA GLY A 631 0.46 83.77 3.38
C GLY A 631 -0.37 85.03 3.48
N VAL A 632 -1.70 84.87 3.50
CA VAL A 632 -2.58 86.01 3.65
C VAL A 632 -2.24 86.79 4.93
N PHE A 633 -1.97 86.07 6.01
CA PHE A 633 -1.67 86.76 7.27
C PHE A 633 -0.30 87.41 7.25
N THR A 634 0.65 86.84 6.51
CA THR A 634 1.94 87.49 6.35
C THR A 634 1.81 88.76 5.51
N LYS A 635 0.83 88.81 4.62
CA LYS A 635 0.61 90.03 3.84
C LYS A 635 0.05 91.16 4.70
N PHE A 636 -0.91 90.85 5.57
CA PHE A 636 -1.68 91.86 6.30
C PHE A 636 -1.63 91.60 7.80
N ARG A 637 -0.42 91.45 8.34
CA ARG A 637 -0.26 91.06 9.74
C ARG A 637 -0.61 92.21 10.69
N ASN A 638 0.02 93.37 10.50
CA ASN A 638 0.06 94.42 11.52
C ASN A 638 -1.20 95.26 11.57
N THR A 639 -2.31 94.80 11.02
CA THR A 639 -3.57 95.53 11.10
C THR A 639 -4.47 94.89 12.15
N PRO A 640 -4.61 95.50 13.34
CA PRO A 640 -5.37 94.85 14.41
C PRO A 640 -6.89 94.97 14.29
N ILE A 641 -7.38 95.28 13.08
CA ILE A 641 -8.80 95.49 12.79
C ILE A 641 -9.66 94.49 13.54
N VAL A 642 -9.35 93.21 13.40
CA VAL A 642 -9.83 92.19 14.33
C VAL A 642 -8.71 91.41 14.97
N LYS A 643 -7.47 91.54 14.48
CA LYS A 643 -6.26 90.97 15.05
C LYS A 643 -5.79 91.69 16.30
N ALA A 644 -6.64 92.57 16.83
CA ALA A 644 -6.38 93.15 18.14
C ALA A 644 -6.22 92.07 19.19
N THR A 645 -6.80 90.89 18.96
CA THR A 645 -6.57 89.74 19.81
C THR A 645 -5.11 89.32 19.72
N ASN A 646 -4.75 88.29 20.49
CA ASN A 646 -3.37 87.81 20.51
C ASN A 646 -3.05 87.19 19.15
N ARG A 647 -2.27 87.92 18.34
CA ARG A 647 -1.87 87.38 17.04
C ARG A 647 -0.98 86.16 17.19
N GLU A 648 -0.17 86.13 18.26
CA GLU A 648 0.67 84.98 18.53
C GLU A 648 -0.17 83.74 18.78
N LEU A 649 -1.30 83.89 19.49
CA LEU A 649 -2.20 82.76 19.69
C LEU A 649 -2.70 82.23 18.36
N SER A 650 -3.02 83.12 17.42
CA SER A 650 -3.48 82.69 16.10
C SER A 650 -2.37 81.95 15.36
N TYR A 651 -1.14 82.48 15.38
CA TYR A 651 -0.03 81.78 14.72
C TYR A 651 0.22 80.42 15.35
N LEU A 652 0.02 80.29 16.65
CA LEU A 652 0.25 79.01 17.31
C LEU A 652 -0.85 78.01 16.96
N LEU A 653 -2.11 78.47 16.95
CA LEU A 653 -3.17 77.66 16.36
C LEU A 653 -2.80 77.22 14.95
N LEU A 654 -2.24 78.13 14.17
CA LEU A 654 -1.84 77.80 12.81
C LEU A 654 -0.87 76.63 12.82
N PHE A 655 0.28 76.78 13.49
CA PHE A 655 1.31 75.74 13.43
C PHE A 655 0.83 74.44 14.08
N SER A 656 -0.04 74.52 15.08
CA SER A 656 -0.58 73.31 15.67
C SER A 656 -1.43 72.56 14.65
N LEU A 657 -2.31 73.27 13.94
CA LEU A 657 -3.11 72.61 12.91
C LEU A 657 -2.23 72.10 11.75
N LEU A 658 -1.14 72.81 11.45
CA LEU A 658 -0.21 72.31 10.45
C LEU A 658 0.39 70.97 10.89
N CYS A 659 0.83 70.90 12.15
CA CYS A 659 1.36 69.64 12.67
C CYS A 659 0.30 68.54 12.64
N CYS A 660 -0.96 68.89 12.93
CA CYS A 660 -2.04 67.93 12.84
C CYS A 660 -2.17 67.38 11.43
N PHE A 661 -2.28 68.27 10.45
CA PHE A 661 -2.42 67.84 9.06
C PHE A 661 -1.18 67.13 8.52
N SER A 662 -0.01 67.35 9.12
CA SER A 662 1.18 66.64 8.68
C SER A 662 1.29 65.28 9.35
N SER A 663 0.65 65.10 10.51
CA SER A 663 0.54 63.78 11.13
C SER A 663 -0.18 62.77 10.23
N SER A 664 -0.78 63.23 9.13
CA SER A 664 -1.45 62.33 8.20
C SER A 664 -0.47 61.31 7.63
N LEU A 665 0.62 61.81 7.01
CA LEU A 665 1.53 60.97 6.24
C LEU A 665 1.99 59.73 7.00
N PHE A 666 1.88 59.74 8.32
CA PHE A 666 2.38 58.65 9.14
C PHE A 666 1.55 57.37 9.03
N PHE A 667 0.52 57.25 8.20
CA PHE A 667 -0.26 56.01 8.10
C PHE A 667 -0.52 55.67 6.64
N ILE A 668 0.48 55.86 5.78
CA ILE A 668 0.29 55.73 4.34
C ILE A 668 1.06 54.55 3.76
N GLY A 669 2.26 54.28 4.28
CA GLY A 669 3.12 53.25 3.73
C GLY A 669 3.17 52.00 4.60
N GLU A 670 4.25 51.26 4.45
CA GLU A 670 4.44 50.03 5.22
C GLU A 670 4.86 50.39 6.64
N PRO A 671 4.11 49.99 7.65
CA PRO A 671 4.45 50.40 9.01
C PRO A 671 5.68 49.70 9.55
N GLN A 672 6.80 50.43 9.61
CA GLN A 672 7.93 50.01 10.41
C GLN A 672 7.86 50.68 11.78
N ASN A 673 8.74 50.25 12.69
CA ASN A 673 8.58 50.64 14.09
C ASN A 673 8.65 52.16 14.27
N TRP A 674 9.62 52.80 13.60
CA TRP A 674 9.72 54.26 13.63
C TRP A 674 8.40 54.92 13.31
N THR A 675 7.73 54.45 12.25
CA THR A 675 6.58 55.16 11.70
C THR A 675 5.47 55.31 12.73
N CYS A 676 4.94 54.20 13.25
CA CYS A 676 3.86 54.31 14.20
C CYS A 676 4.33 54.72 15.59
N ARG A 677 5.55 54.33 15.97
CA ARG A 677 6.13 54.80 17.22
C ARG A 677 6.17 56.31 17.28
N LEU A 678 6.24 56.99 16.13
CA LEU A 678 6.09 58.43 16.10
C LEU A 678 4.68 58.88 15.72
N ARG A 679 3.89 58.02 15.09
CA ARG A 679 2.56 58.40 14.63
C ARG A 679 1.56 58.46 15.75
N GLN A 680 1.84 57.84 16.88
CA GLN A 680 0.95 58.12 18.00
C GLN A 680 1.28 59.47 18.66
N PRO A 681 2.54 59.73 19.03
CA PRO A 681 2.82 60.99 19.75
C PRO A 681 2.65 62.24 18.89
N ALA A 682 2.91 62.16 17.59
CA ALA A 682 2.80 63.36 16.76
C ALA A 682 1.36 63.87 16.72
N PHE A 683 0.43 63.00 16.33
CA PHE A 683 -0.99 63.32 16.44
C PHE A 683 -1.33 63.80 17.84
N GLY A 684 -0.84 63.07 18.86
CA GLY A 684 -1.16 63.46 20.22
C GLY A 684 -0.83 64.91 20.52
N ILE A 685 0.44 65.27 20.33
CA ILE A 685 0.90 66.60 20.72
C ILE A 685 0.24 67.67 19.86
N SER A 686 0.13 67.44 18.55
CA SER A 686 -0.48 68.45 17.71
C SER A 686 -1.93 68.70 18.09
N PHE A 687 -2.68 67.61 18.35
CA PHE A 687 -4.09 67.75 18.68
C PHE A 687 -4.28 68.42 20.03
N VAL A 688 -3.46 68.05 21.03
CA VAL A 688 -3.63 68.69 22.33
C VAL A 688 -3.21 70.15 22.26
N LEU A 689 -2.21 70.47 21.43
CA LEU A 689 -1.86 71.87 21.20
C LEU A 689 -3.06 72.64 20.66
N CYS A 690 -3.70 72.11 19.62
CA CYS A 690 -4.87 72.78 19.05
C CYS A 690 -5.96 72.98 20.09
N ILE A 691 -6.34 71.90 20.78
CA ILE A 691 -7.48 71.98 21.70
C ILE A 691 -7.17 72.89 22.88
N SER A 692 -5.93 72.89 23.37
CA SER A 692 -5.58 73.76 24.48
C SER A 692 -5.54 75.22 24.04
N CYS A 693 -5.02 75.46 22.83
CA CYS A 693 -5.01 76.83 22.32
C CYS A 693 -6.44 77.37 22.21
N ILE A 694 -7.36 76.60 21.64
CA ILE A 694 -8.73 77.08 21.52
C ILE A 694 -9.39 77.16 22.89
N LEU A 695 -8.98 76.28 23.82
CA LEU A 695 -9.47 76.37 25.19
C LEU A 695 -9.13 77.71 25.82
N VAL A 696 -7.84 78.04 25.89
CA VAL A 696 -7.43 79.28 26.55
C VAL A 696 -7.80 80.50 25.73
N LYS A 697 -8.17 80.26 24.46
CA LYS A 697 -8.57 81.33 23.51
C LYS A 697 -10.00 81.79 23.85
N THR A 698 -10.44 81.56 25.09
CA THR A 698 -11.79 81.96 25.56
C THR A 698 -11.66 83.29 26.32
N ASN A 699 -12.57 83.58 27.26
CA ASN A 699 -12.42 84.86 27.99
C ASN A 699 -11.44 84.67 29.16
N ARG A 700 -10.73 85.74 29.53
CA ARG A 700 -9.74 85.72 30.64
C ARG A 700 -10.40 85.77 32.01
N VAL A 701 -11.32 84.84 32.31
CA VAL A 701 -11.95 84.84 33.67
C VAL A 701 -10.88 84.52 34.73
N LEU A 702 -10.05 83.52 34.45
CA LEU A 702 -8.96 83.07 35.36
C LEU A 702 -7.94 84.20 35.49
N LEU A 703 -7.65 84.87 34.37
CA LEU A 703 -6.68 85.99 34.37
C LEU A 703 -7.23 87.10 35.26
N VAL A 704 -8.54 87.37 35.16
CA VAL A 704 -9.17 88.42 36.00
C VAL A 704 -9.00 88.02 37.47
N PHE A 705 -9.25 86.74 37.77
CA PHE A 705 -9.13 86.28 39.19
C PHE A 705 -7.69 86.51 39.67
N GLU A 706 -6.70 86.20 38.85
CA GLU A 706 -5.28 86.37 39.28
C GLU A 706 -4.72 87.69 38.76
N TRP A 718 4.14 87.19 32.62
CA TRP A 718 4.60 88.47 32.09
C TRP A 718 4.16 88.60 30.64
N GLY A 719 3.23 89.51 30.38
CA GLY A 719 2.71 89.57 29.04
C GLY A 719 1.87 88.34 28.72
N LEU A 720 1.84 88.00 27.42
CA LEU A 720 1.09 86.83 26.97
C LEU A 720 1.60 85.54 27.60
N ASN A 721 2.85 85.54 28.09
CA ASN A 721 3.47 84.30 28.56
C ASN A 721 2.59 83.55 29.55
N LEU A 722 1.90 84.28 30.43
CA LEU A 722 1.09 83.63 31.46
C LEU A 722 0.09 82.66 30.83
N GLN A 723 -0.60 83.09 29.76
CA GLN A 723 -1.52 82.19 29.09
C GLN A 723 -0.78 81.01 28.49
N PHE A 724 0.36 81.27 27.85
CA PHE A 724 1.27 80.25 27.37
C PHE A 724 1.47 79.20 28.46
N LEU A 725 1.64 79.68 29.70
CA LEU A 725 1.79 78.80 30.85
C LEU A 725 0.80 77.64 30.77
N LEU A 726 -0.49 77.97 30.75
CA LEU A 726 -1.53 76.95 30.74
C LEU A 726 -1.29 75.93 29.65
N VAL A 727 -1.10 76.40 28.41
CA VAL A 727 -0.88 75.45 27.32
C VAL A 727 0.43 74.70 27.56
N PHE A 728 1.50 75.43 27.85
CA PHE A 728 2.77 74.76 28.12
C PHE A 728 2.71 73.97 29.42
N LEU A 729 1.63 74.08 30.17
CA LEU A 729 1.33 73.12 31.22
C LEU A 729 0.63 71.90 30.63
N CYS A 730 -0.57 72.10 30.05
CA CYS A 730 -1.44 70.96 29.75
C CYS A 730 -0.80 70.03 28.74
N THR A 731 -0.18 70.59 27.70
CA THR A 731 0.56 69.76 26.74
C THR A 731 1.50 68.81 27.48
N PHE A 732 2.35 69.36 28.34
CA PHE A 732 3.31 68.53 29.07
C PHE A 732 2.62 67.38 29.76
N VAL A 733 1.44 67.63 30.34
CA VAL A 733 0.67 66.58 31.00
C VAL A 733 0.54 65.37 30.09
N GLN A 734 -0.07 65.59 28.92
CA GLN A 734 -0.19 64.51 27.95
C GLN A 734 1.17 63.96 27.58
N ILE A 735 2.14 64.87 27.33
CA ILE A 735 3.47 64.46 26.94
C ILE A 735 4.03 63.44 27.92
N VAL A 736 3.65 63.54 29.20
CA VAL A 736 4.13 62.59 30.19
C VAL A 736 3.82 61.17 29.72
N ILE A 737 2.52 60.88 29.54
CA ILE A 737 2.12 59.56 29.09
C ILE A 737 2.86 59.18 27.83
N CYS A 738 3.09 60.17 26.95
CA CYS A 738 3.83 59.92 25.72
C CYS A 738 5.14 59.21 26.00
N VAL A 739 6.01 59.85 26.80
CA VAL A 739 7.33 59.27 27.05
C VAL A 739 7.17 57.89 27.69
N ILE A 740 6.10 57.72 28.48
CA ILE A 740 5.82 56.42 29.09
C ILE A 740 5.95 55.31 28.07
N TRP A 741 5.25 55.46 26.94
CA TRP A 741 5.31 54.44 25.89
C TRP A 741 6.75 54.16 25.48
N LEU A 742 7.48 55.22 25.12
CA LEU A 742 8.84 55.04 24.63
C LEU A 742 9.76 54.40 25.65
N TYR A 743 9.32 54.27 26.91
CA TYR A 743 10.10 53.58 27.91
C TYR A 743 9.30 52.54 28.68
N THR A 744 8.09 52.22 28.23
CA THR A 744 7.37 51.06 28.75
C THR A 744 7.03 50.05 27.66
N ALA A 745 6.44 50.49 26.56
CA ALA A 745 6.04 49.59 25.50
C ALA A 745 5.83 50.35 24.19
N PRO A 746 6.81 50.37 23.30
CA PRO A 746 6.59 50.99 22.00
C PRO A 746 5.57 50.20 21.21
N PRO A 747 4.79 50.88 20.36
CA PRO A 747 3.82 50.16 19.51
C PRO A 747 4.52 49.31 18.46
N SER A 748 4.46 48.00 18.63
CA SER A 748 5.24 47.09 17.79
C SER A 748 4.67 47.05 16.38
N SER A 749 5.47 47.45 15.40
CA SER A 749 5.06 47.35 13.99
C SER A 749 5.31 45.93 13.54
N TYR A 750 4.30 45.08 13.67
CA TYR A 750 4.49 43.66 13.38
C TYR A 750 3.44 43.15 12.40
N ARG A 751 3.43 41.84 12.18
CA ARG A 751 2.63 41.19 11.16
C ARG A 751 1.59 40.29 11.80
N ASN A 752 0.75 39.67 10.97
CA ASN A 752 -0.29 38.77 11.45
C ASN A 752 -0.84 37.99 10.27
N HIS A 753 -1.07 36.70 10.47
CA HIS A 753 -1.50 35.85 9.37
C HIS A 753 -2.73 35.05 9.78
N GLU A 754 -2.88 34.83 11.08
CA GLU A 754 -3.94 33.96 11.59
C GLU A 754 -5.33 34.41 11.15
N LEU A 755 -5.49 35.70 10.85
CA LEU A 755 -6.80 36.24 10.57
C LEU A 755 -7.29 35.97 9.16
N GLU A 756 -6.42 35.58 8.23
CA GLU A 756 -6.88 35.35 6.87
C GLU A 756 -6.45 33.99 6.30
N ASP A 757 -5.27 33.53 6.70
CA ASP A 757 -4.71 32.26 6.24
C ASP A 757 -4.36 32.27 4.76
N GLU A 758 -4.64 33.36 4.06
CA GLU A 758 -4.24 33.52 2.66
C GLU A 758 -3.48 34.82 2.42
N ILE A 759 -3.83 35.89 3.13
CA ILE A 759 -3.21 37.19 2.97
C ILE A 759 -2.70 37.65 4.33
N ILE A 760 -1.45 38.10 4.37
CA ILE A 760 -0.84 38.57 5.60
C ILE A 760 -1.18 40.03 5.79
N PHE A 761 -1.24 40.46 7.04
CA PHE A 761 -1.47 41.85 7.38
C PHE A 761 -0.31 42.36 8.23
N ILE A 762 -0.06 43.66 8.17
CA ILE A 762 1.00 44.29 8.93
C ILE A 762 0.44 45.57 9.55
N THR A 763 0.46 45.64 10.89
CA THR A 763 -0.08 46.77 11.62
C THR A 763 0.89 47.11 12.76
N CYS A 764 0.44 47.93 13.68
CA CYS A 764 1.19 48.21 14.90
C CYS A 764 0.33 47.91 16.11
N HIS A 765 0.75 46.91 16.88
CA HIS A 765 0.12 46.63 18.16
C HIS A 765 0.48 47.75 19.13
N GLU A 766 -0.54 48.41 19.68
CA GLU A 766 -0.34 49.49 20.63
C GLU A 766 0.39 48.97 21.86
N GLY A 767 1.45 49.69 22.25
CA GLY A 767 2.27 49.22 23.36
C GLY A 767 1.49 48.97 24.64
N SER A 768 0.57 49.88 24.97
CA SER A 768 -0.23 49.76 26.19
C SER A 768 -1.65 50.25 25.87
N LEU A 769 -2.59 49.31 25.77
CA LEU A 769 -3.96 49.62 25.38
C LEU A 769 -4.59 50.64 26.33
N MET A 770 -4.63 50.30 27.63
CA MET A 770 -5.24 51.19 28.62
C MET A 770 -4.57 52.56 28.61
N ALA A 771 -3.29 52.63 28.23
CA ALA A 771 -2.61 53.92 28.18
C ALA A 771 -3.08 54.75 26.99
N LEU A 772 -3.32 54.11 25.84
CA LEU A 772 -3.93 54.83 24.73
C LEU A 772 -5.33 55.31 25.10
N GLY A 773 -6.10 54.46 25.79
CA GLY A 773 -7.36 54.91 26.33
C GLY A 773 -7.22 56.12 27.22
N PHE A 774 -6.20 56.12 28.08
CA PHE A 774 -5.94 57.27 28.93
C PHE A 774 -5.66 58.52 28.10
N LEU A 775 -4.84 58.38 27.07
CA LEU A 775 -4.51 59.53 26.23
C LEU A 775 -5.75 60.13 25.59
N ILE A 776 -6.57 59.29 24.94
CA ILE A 776 -7.73 59.82 24.25
C ILE A 776 -8.74 60.37 25.25
N GLY A 777 -8.88 59.72 26.41
CA GLY A 777 -9.76 60.25 27.43
C GLY A 777 -9.32 61.60 27.95
N TYR A 778 -8.00 61.77 28.13
CA TYR A 778 -7.48 63.05 28.58
C TYR A 778 -7.82 64.15 27.59
N THR A 779 -7.45 63.96 26.32
CA THR A 779 -7.70 65.03 25.36
C THR A 779 -9.20 65.28 25.20
N CYS A 780 -10.01 64.22 25.21
CA CYS A 780 -11.44 64.40 24.97
C CYS A 780 -12.12 65.07 26.14
N LEU A 781 -11.69 64.70 27.35
CA LEU A 781 -12.24 65.28 28.61
C LEU A 781 -11.95 66.78 28.58
N LEU A 782 -10.69 67.15 28.31
CA LEU A 782 -10.34 68.57 28.21
C LEU A 782 -11.24 69.28 27.22
N ALA A 783 -11.45 68.68 26.04
CA ALA A 783 -12.37 69.28 25.08
C ALA A 783 -13.79 69.37 25.63
N ALA A 784 -14.18 68.41 26.47
CA ALA A 784 -15.53 68.42 27.05
C ALA A 784 -15.69 69.57 28.04
N ILE A 785 -14.69 69.77 28.89
CA ILE A 785 -14.74 70.91 29.81
C ILE A 785 -14.73 72.22 29.02
N CYS A 786 -13.99 72.25 27.91
CA CYS A 786 -14.05 73.41 27.03
C CYS A 786 -15.45 73.64 26.51
N PHE A 787 -16.14 72.58 26.08
CA PHE A 787 -17.52 72.69 25.62
C PHE A 787 -18.42 73.24 26.73
N PHE A 788 -18.25 72.72 27.95
CA PHE A 788 -19.07 73.15 29.08
C PHE A 788 -18.91 74.64 29.35
N PHE A 789 -17.67 75.07 29.63
CA PHE A 789 -17.40 76.48 29.90
C PHE A 789 -17.46 77.35 28.66
N ALA A 790 -17.68 76.76 27.49
CA ALA A 790 -17.90 77.53 26.27
C ALA A 790 -19.37 77.84 26.06
N PHE A 791 -20.23 76.83 26.23
CA PHE A 791 -21.66 77.07 26.03
C PHE A 791 -22.32 77.70 27.25
N LYS A 792 -21.69 77.65 28.43
CA LYS A 792 -22.22 78.47 29.53
C LYS A 792 -22.17 79.95 29.15
N SER A 793 -21.18 80.35 28.35
CA SER A 793 -21.10 81.69 27.79
C SER A 793 -21.52 81.68 26.32
N ARG A 794 -22.49 80.85 25.98
CA ARG A 794 -22.89 80.62 24.60
C ARG A 794 -23.81 81.69 24.03
N LYS A 795 -23.98 82.82 24.71
CA LYS A 795 -24.91 83.86 24.24
C LYS A 795 -24.29 85.24 24.35
N LEU A 796 -23.03 85.37 23.95
CA LEU A 796 -22.32 86.64 23.99
C LEU A 796 -21.82 87.00 22.60
N PRO A 797 -22.33 88.09 21.97
CA PRO A 797 -21.98 88.44 20.60
C PRO A 797 -20.67 89.21 20.45
N GLU A 798 -19.62 88.72 21.10
CA GLU A 798 -18.30 89.35 21.02
C GLU A 798 -17.44 88.63 20.00
N ASN A 799 -16.76 89.41 19.16
CA ASN A 799 -16.03 88.91 18.01
C ASN A 799 -16.93 88.03 17.14
N PHE A 800 -18.04 88.63 16.72
CA PHE A 800 -19.05 87.95 15.91
C PHE A 800 -19.61 86.72 16.60
N ASN A 801 -19.65 86.75 17.94
CA ASN A 801 -20.24 85.69 18.75
C ASN A 801 -19.55 84.34 18.49
N GLU A 802 -18.27 84.28 18.86
CA GLU A 802 -17.48 83.06 18.67
C GLU A 802 -17.91 81.92 19.57
N ALA A 803 -18.81 82.16 20.53
CA ALA A 803 -19.26 81.08 21.40
C ALA A 803 -19.92 79.97 20.60
N LYS A 804 -20.83 80.33 19.69
CA LYS A 804 -21.47 79.32 18.86
C LYS A 804 -20.44 78.61 17.99
N PHE A 805 -19.41 79.32 17.55
CA PHE A 805 -18.39 78.70 16.73
C PHE A 805 -17.60 77.66 17.51
N ILE A 806 -17.20 77.98 18.74
CA ILE A 806 -16.44 77.01 19.51
C ILE A 806 -17.31 75.81 19.88
N THR A 807 -18.59 76.05 20.17
CA THR A 807 -19.48 74.92 20.47
C THR A 807 -19.67 74.03 19.24
N PHE A 808 -19.83 74.64 18.08
CA PHE A 808 -19.97 73.90 16.83
C PHE A 808 -18.72 73.07 16.56
N SER A 809 -17.54 73.65 16.72
CA SER A 809 -16.30 72.93 16.48
C SER A 809 -16.16 71.75 17.44
N MET A 810 -16.46 71.97 18.72
CA MET A 810 -16.32 70.88 19.68
C MET A 810 -17.37 69.80 19.48
N LEU A 811 -18.56 70.16 19.01
CA LEU A 811 -19.54 69.14 18.68
C LEU A 811 -19.08 68.33 17.47
N ILE A 812 -18.42 68.99 16.52
CA ILE A 812 -17.79 68.24 15.42
C ILE A 812 -16.75 67.26 15.96
N PHE A 813 -15.91 67.72 16.88
CA PHE A 813 -14.90 66.84 17.45
C PHE A 813 -15.55 65.65 18.14
N PHE A 814 -16.59 65.90 18.92
CA PHE A 814 -17.21 64.81 19.65
C PHE A 814 -17.95 63.84 18.74
N ILE A 815 -18.63 64.35 17.71
CA ILE A 815 -19.32 63.45 16.77
C ILE A 815 -18.32 62.57 16.05
N VAL A 816 -17.20 63.14 15.59
CA VAL A 816 -16.22 62.31 14.89
C VAL A 816 -15.59 61.29 15.84
N TRP A 817 -15.31 61.69 17.09
CA TRP A 817 -14.71 60.76 18.04
C TRP A 817 -15.66 59.61 18.36
N ILE A 818 -16.94 59.92 18.58
CA ILE A 818 -17.93 58.89 18.89
C ILE A 818 -18.15 57.98 17.69
N SER A 819 -18.26 58.57 16.49
CA SER A 819 -18.38 57.75 15.30
C SER A 819 -17.11 56.98 14.99
N PHE A 820 -16.00 57.34 15.62
CA PHE A 820 -14.74 56.63 15.43
C PHE A 820 -14.63 55.41 16.32
N ILE A 821 -14.88 55.56 17.63
CA ILE A 821 -14.46 54.52 18.57
C ILE A 821 -15.08 53.14 18.28
N PRO A 822 -16.40 52.97 18.10
CA PRO A 822 -16.91 51.60 17.96
C PRO A 822 -16.46 50.93 16.66
N ALA A 823 -16.64 51.60 15.52
CA ALA A 823 -16.22 51.03 14.24
C ALA A 823 -14.73 50.71 14.26
N TYR A 824 -13.93 51.55 14.91
CA TYR A 824 -12.50 51.26 15.05
C TYR A 824 -12.28 49.99 15.85
N ALA A 825 -12.97 49.85 16.98
CA ALA A 825 -12.69 48.74 17.90
C ALA A 825 -12.91 47.37 17.28
N SER A 826 -13.51 47.27 16.09
CA SER A 826 -13.82 46.01 15.45
C SER A 826 -13.39 46.03 13.98
N THR A 827 -12.17 46.50 13.72
CA THR A 827 -11.64 46.58 12.37
C THR A 827 -10.37 45.74 12.27
N TYR A 828 -10.20 45.09 11.13
CA TYR A 828 -8.96 44.39 10.85
C TYR A 828 -7.89 45.37 10.34
N GLY A 829 -6.72 44.81 10.03
CA GLY A 829 -5.50 45.57 9.90
C GLY A 829 -5.52 46.90 9.16
N LYS A 830 -5.76 46.87 7.85
CA LYS A 830 -5.69 48.11 7.06
C LYS A 830 -6.73 49.12 7.52
N PHE A 831 -7.91 48.66 7.91
CA PHE A 831 -9.00 49.59 8.16
C PHE A 831 -8.92 50.22 9.54
N VAL A 832 -8.17 49.64 10.48
CA VAL A 832 -7.90 50.34 11.73
C VAL A 832 -7.16 51.65 11.44
N SER A 833 -6.04 51.55 10.72
CA SER A 833 -5.30 52.74 10.35
C SER A 833 -6.15 53.68 9.50
N ALA A 834 -6.90 53.12 8.53
CA ALA A 834 -7.76 53.95 7.71
C ALA A 834 -8.74 54.77 8.56
N VAL A 835 -9.45 54.09 9.47
CA VAL A 835 -10.46 54.75 10.28
C VAL A 835 -9.83 55.82 11.16
N GLU A 836 -8.72 55.49 11.82
CA GLU A 836 -8.09 56.48 12.69
C GLU A 836 -7.66 57.71 11.89
N VAL A 837 -7.06 57.50 10.72
CA VAL A 837 -6.56 58.62 9.94
C VAL A 837 -7.71 59.49 9.46
N ILE A 838 -8.79 58.88 8.98
CA ILE A 838 -9.90 59.68 8.49
C ILE A 838 -10.55 60.44 9.63
N ALA A 839 -10.68 59.80 10.80
CA ALA A 839 -11.24 60.47 11.96
C ALA A 839 -10.44 61.72 12.32
N ILE A 840 -9.12 61.57 12.42
CA ILE A 840 -8.29 62.70 12.84
C ILE A 840 -8.31 63.80 11.78
N LEU A 841 -8.13 63.42 10.51
CA LEU A 841 -8.14 64.42 9.44
C LEU A 841 -9.45 65.18 9.41
N ALA A 842 -10.58 64.46 9.54
CA ALA A 842 -11.89 65.11 9.49
C ALA A 842 -12.08 66.06 10.67
N ALA A 843 -11.74 65.60 11.89
CA ALA A 843 -11.91 66.45 13.06
C ALA A 843 -11.11 67.73 12.93
N SER A 844 -9.83 67.62 12.56
CA SER A 844 -8.98 68.80 12.46
C SER A 844 -9.42 69.72 11.33
N PHE A 845 -9.82 69.14 10.19
CA PHE A 845 -10.34 69.96 9.10
C PHE A 845 -11.59 70.73 9.53
N GLY A 846 -12.52 70.05 10.22
CA GLY A 846 -13.72 70.72 10.68
C GLY A 846 -13.43 71.82 11.68
N LEU A 847 -12.45 71.59 12.55
CA LEU A 847 -12.02 72.65 13.47
C LEU A 847 -11.52 73.86 12.71
N LEU A 848 -10.58 73.64 11.77
CA LEU A 848 -10.07 74.74 10.96
C LEU A 848 -11.20 75.53 10.34
N ALA A 849 -12.13 74.84 9.68
CA ALA A 849 -13.24 75.52 9.04
C ALA A 849 -14.05 76.30 10.07
N CYS A 850 -14.64 75.58 11.03
CA CYS A 850 -15.57 76.19 11.98
C CYS A 850 -14.96 77.32 12.78
N ILE A 851 -13.64 77.46 12.81
CA ILE A 851 -13.00 78.52 13.59
C ILE A 851 -12.50 79.66 12.71
N PHE A 852 -11.96 79.38 11.52
CA PHE A 852 -11.37 80.44 10.73
C PHE A 852 -12.26 80.92 9.58
N PHE A 853 -13.30 80.17 9.23
CA PHE A 853 -14.11 80.49 8.07
C PHE A 853 -14.76 81.86 8.20
N ASN A 854 -15.50 82.08 9.29
CA ASN A 854 -16.21 83.33 9.47
C ASN A 854 -15.25 84.53 9.47
N LYS A 855 -14.14 84.41 10.18
CA LYS A 855 -13.23 85.55 10.33
C LYS A 855 -12.56 85.89 9.00
N VAL A 856 -11.94 84.90 8.36
CA VAL A 856 -11.28 85.18 7.08
C VAL A 856 -12.31 85.58 6.03
N TYR A 857 -13.53 85.07 6.14
CA TYR A 857 -14.59 85.44 5.20
C TYR A 857 -14.97 86.91 5.37
N ILE A 858 -15.11 87.37 6.62
CA ILE A 858 -15.50 88.76 6.81
C ILE A 858 -14.35 89.70 6.48
N ILE A 859 -13.10 89.22 6.58
CA ILE A 859 -11.98 90.07 6.19
C ILE A 859 -11.87 90.18 4.68
N LEU A 860 -11.91 89.05 3.98
CA LEU A 860 -11.92 89.03 2.52
C LEU A 860 -13.19 89.66 1.95
N PHE A 861 -14.25 89.77 2.75
CA PHE A 861 -15.58 90.10 2.28
C PHE A 861 -15.94 91.56 2.54
N LYS A 862 -15.87 91.98 3.80
CA LYS A 862 -16.26 93.32 4.22
C LYS A 862 -15.18 93.85 5.15
N PRO A 863 -14.19 94.57 4.62
CA PRO A 863 -13.07 95.04 5.46
C PRO A 863 -13.48 96.15 6.42
N SER A 864 -14.34 95.81 7.38
CA SER A 864 -14.82 96.79 8.37
C SER A 864 -14.96 96.06 9.71
N ARG A 865 -13.94 96.20 10.56
CA ARG A 865 -13.92 95.58 11.88
C ARG A 865 -13.49 96.65 12.89
N ASN A 866 -14.47 97.21 13.60
CA ASN A 866 -14.18 98.24 14.60
C ASN A 866 -14.84 97.90 15.93
N THR A 867 -15.90 97.11 15.89
CA THR A 867 -16.61 96.71 17.11
C THR A 867 -16.68 95.19 17.23
N PRO B 22 23.28 -54.95 -1.18
CA PRO B 22 24.08 -54.59 -0.01
C PRO B 22 24.40 -55.80 0.87
N ASN B 23 25.27 -55.60 1.86
CA ASN B 23 25.69 -56.70 2.71
C ASN B 23 24.95 -56.72 4.04
N GLN B 24 24.90 -55.58 4.74
CA GLN B 24 24.22 -55.50 6.02
C GLN B 24 22.74 -55.26 5.79
N ARG B 25 21.90 -56.10 6.39
CA ARG B 25 20.47 -56.09 6.14
C ARG B 25 19.80 -56.97 7.19
N ALA B 26 18.48 -56.84 7.28
CA ALA B 26 17.68 -57.70 8.13
C ALA B 26 16.85 -58.62 7.23
N GLN B 27 17.11 -59.91 7.32
CA GLN B 27 16.56 -60.85 6.36
C GLN B 27 15.88 -62.01 7.08
N LYS B 28 14.71 -62.39 6.59
CA LYS B 28 14.00 -63.54 7.13
C LYS B 28 13.14 -64.13 6.03
N LYS B 29 13.15 -65.45 5.94
CA LYS B 29 12.49 -66.16 4.86
C LYS B 29 11.00 -66.31 5.13
N GLY B 30 10.25 -66.52 4.06
CA GLY B 30 8.82 -66.70 4.16
C GLY B 30 8.22 -66.92 2.80
N ASP B 31 6.95 -67.31 2.80
CA ASP B 31 6.25 -67.54 1.54
C ASP B 31 6.05 -66.25 0.76
N ILE B 32 5.91 -65.13 1.46
CA ILE B 32 5.71 -63.83 0.83
C ILE B 32 6.71 -62.86 1.43
N ILE B 33 7.35 -62.07 0.57
CA ILE B 33 8.48 -61.23 0.95
C ILE B 33 8.07 -59.77 0.90
N LEU B 34 8.42 -59.02 1.93
CA LEU B 34 8.25 -57.59 1.99
C LEU B 34 9.60 -56.90 1.97
N GLY B 35 9.59 -55.62 1.58
CA GLY B 35 10.77 -54.80 1.58
C GLY B 35 10.63 -53.64 2.55
N GLY B 36 11.78 -53.08 2.92
CA GLY B 36 11.80 -51.96 3.83
C GLY B 36 12.99 -51.07 3.57
N LEU B 37 12.82 -49.79 3.89
CA LEU B 37 13.89 -48.80 3.75
C LEU B 37 13.83 -47.89 4.96
N PHE B 38 14.84 -47.97 5.83
CA PHE B 38 14.88 -47.18 7.04
C PHE B 38 16.20 -46.45 7.15
N PRO B 39 16.20 -45.21 7.64
CA PRO B 39 17.46 -44.47 7.84
C PRO B 39 18.15 -44.86 9.14
N ILE B 40 18.91 -45.96 9.08
CA ILE B 40 19.65 -46.40 10.26
C ILE B 40 20.77 -45.42 10.58
N HIS B 41 21.39 -44.84 9.55
CA HIS B 41 22.38 -43.80 9.73
C HIS B 41 21.77 -42.46 9.29
N PHE B 42 22.44 -41.38 9.69
CA PHE B 42 21.96 -40.04 9.37
C PHE B 42 22.51 -39.49 8.07
N GLY B 43 23.64 -39.99 7.61
CA GLY B 43 24.20 -39.52 6.36
C GLY B 43 25.47 -40.29 6.03
N VAL B 44 25.99 -40.02 4.85
CA VAL B 44 27.21 -40.65 4.39
C VAL B 44 28.40 -39.76 4.71
N ALA B 45 29.58 -40.37 4.78
CA ALA B 45 30.79 -39.62 5.09
C ALA B 45 31.07 -38.58 4.01
N ALA B 46 31.15 -37.32 4.41
CA ALA B 46 31.39 -36.22 3.48
C ALA B 46 32.80 -36.32 2.95
N LYS B 47 32.93 -36.78 1.71
CA LYS B 47 34.24 -36.86 1.06
C LYS B 47 34.02 -36.82 -0.45
N ASP B 48 34.61 -35.82 -1.11
CA ASP B 48 34.40 -35.61 -2.53
C ASP B 48 35.38 -36.47 -3.31
N GLN B 49 34.85 -37.42 -4.08
CA GLN B 49 35.69 -38.24 -4.95
C GLN B 49 36.13 -37.41 -6.15
N ASP B 50 37.41 -37.01 -6.16
CA ASP B 50 37.93 -36.35 -7.36
C ASP B 50 38.33 -37.35 -8.43
N LEU B 51 38.10 -38.64 -8.19
CA LEU B 51 38.19 -39.68 -9.21
C LEU B 51 39.60 -39.86 -9.75
N LYS B 52 40.61 -39.56 -8.93
CA LYS B 52 41.98 -39.94 -9.32
C LYS B 52 42.17 -41.45 -9.27
N SER B 53 41.32 -42.16 -8.55
CA SER B 53 41.31 -43.61 -8.52
C SER B 53 39.87 -44.10 -8.67
N ARG B 54 39.75 -45.42 -8.85
CA ARG B 54 38.44 -46.02 -9.02
C ARG B 54 37.60 -45.82 -7.75
N PRO B 55 36.37 -45.32 -7.88
CA PRO B 55 35.58 -45.06 -6.67
C PRO B 55 35.08 -46.34 -6.03
N GLU B 56 34.96 -46.32 -4.71
CA GLU B 56 34.53 -47.46 -3.92
C GLU B 56 33.22 -47.12 -3.21
N SER B 57 32.72 -48.10 -2.46
CA SER B 57 31.47 -47.92 -1.74
C SER B 57 31.60 -46.82 -0.68
N VAL B 58 30.62 -45.92 -0.66
CA VAL B 58 30.60 -44.85 0.31
C VAL B 58 30.13 -45.40 1.65
N GLU B 59 30.55 -44.76 2.74
CA GLU B 59 30.27 -45.20 4.10
C GLU B 59 29.37 -44.19 4.81
N CYS B 60 28.52 -44.70 5.70
CA CYS B 60 27.66 -43.86 6.52
C CYS B 60 28.28 -43.67 7.91
N ILE B 61 27.96 -42.54 8.53
CA ILE B 61 28.74 -42.10 9.69
C ILE B 61 27.96 -42.10 10.99
N ARG B 62 26.93 -41.27 11.09
CA ARG B 62 26.26 -41.08 12.37
C ARG B 62 25.11 -42.05 12.53
N TYR B 63 24.98 -42.60 13.74
CA TYR B 63 23.93 -43.56 14.00
C TYR B 63 22.62 -42.85 14.33
N ASN B 64 21.52 -43.57 14.18
CA ASN B 64 20.19 -43.02 14.38
C ASN B 64 19.34 -44.07 15.10
N PHE B 65 19.17 -43.90 16.41
CA PHE B 65 18.42 -44.87 17.19
C PHE B 65 16.93 -44.84 16.88
N ARG B 66 16.40 -43.69 16.47
CA ARG B 66 15.00 -43.61 16.10
C ARG B 66 14.70 -44.49 14.90
N GLY B 67 15.57 -44.48 13.89
CA GLY B 67 15.38 -45.37 12.76
C GLY B 67 15.43 -46.83 13.15
N PHE B 68 16.26 -47.16 14.15
CA PHE B 68 16.30 -48.53 14.60
C PHE B 68 15.03 -48.91 15.34
N ARG B 69 14.45 -47.97 16.09
CA ARG B 69 13.15 -48.24 16.71
C ARG B 69 12.09 -48.46 15.64
N TRP B 70 12.15 -47.69 14.55
CA TRP B 70 11.19 -47.89 13.47
C TRP B 70 11.34 -49.27 12.83
N LEU B 71 12.58 -49.66 12.53
CA LEU B 71 12.83 -51.00 12.01
C LEU B 71 12.32 -52.07 12.96
N GLN B 72 12.55 -51.89 14.25
CA GLN B 72 12.06 -52.85 15.23
C GLN B 72 10.55 -52.90 15.24
N ALA B 73 9.89 -51.75 15.04
CA ALA B 73 8.44 -51.75 14.95
C ALA B 73 7.96 -52.57 13.76
N MET B 74 8.60 -52.41 12.61
CA MET B 74 8.23 -53.20 11.45
C MET B 74 8.40 -54.69 11.71
N ILE B 75 9.55 -55.07 12.27
CA ILE B 75 9.81 -56.49 12.53
C ILE B 75 8.80 -57.04 13.54
N PHE B 76 8.48 -56.26 14.57
CA PHE B 76 7.52 -56.68 15.58
C PHE B 76 6.15 -56.91 14.96
N ALA B 77 5.70 -55.96 14.13
CA ALA B 77 4.41 -56.13 13.46
C ALA B 77 4.40 -57.39 12.59
N ILE B 78 5.48 -57.60 11.84
CA ILE B 78 5.53 -58.75 10.95
C ILE B 78 5.45 -60.05 11.74
N GLU B 79 6.24 -60.17 12.81
CA GLU B 79 6.21 -61.42 13.57
C GLU B 79 4.89 -61.61 14.30
N GLU B 80 4.29 -60.52 14.80
CA GLU B 80 3.00 -60.65 15.47
C GLU B 80 1.93 -61.12 14.49
N ILE B 81 1.94 -60.59 13.27
CA ILE B 81 1.01 -61.07 12.24
C ILE B 81 1.28 -62.54 11.94
N ASN B 82 2.56 -62.92 11.85
CA ASN B 82 2.90 -64.33 11.64
C ASN B 82 2.40 -65.21 12.77
N ASN B 83 2.21 -64.64 13.96
CA ASN B 83 1.74 -65.41 15.11
C ASN B 83 0.23 -65.46 15.23
N SER B 84 -0.50 -64.61 14.50
CA SER B 84 -1.95 -64.64 14.63
C SER B 84 -2.53 -65.81 13.83
N PRO B 85 -3.54 -66.48 14.35
CA PRO B 85 -4.07 -67.67 13.66
C PRO B 85 -4.99 -67.32 12.49
N ASN B 86 -5.75 -66.23 12.61
CA ASN B 86 -6.71 -65.88 11.58
C ASN B 86 -6.08 -65.11 10.42
N LEU B 87 -5.41 -64.00 10.71
CA LEU B 87 -4.77 -63.20 9.68
C LEU B 87 -3.67 -64.02 9.01
N LEU B 88 -3.83 -64.31 7.71
CA LEU B 88 -2.91 -65.17 6.97
C LEU B 88 -2.72 -66.48 7.72
N PRO B 89 -3.72 -67.36 7.72
CA PRO B 89 -3.67 -68.53 8.62
C PRO B 89 -2.46 -69.42 8.42
N ASN B 90 -2.22 -69.87 7.19
CA ASN B 90 -1.12 -70.79 6.92
C ASN B 90 0.00 -70.17 6.10
N MET B 91 -0.16 -68.92 5.66
CA MET B 91 0.90 -68.26 4.93
C MET B 91 1.99 -67.79 5.90
N THR B 92 3.12 -67.37 5.32
CA THR B 92 4.25 -66.93 6.11
C THR B 92 4.87 -65.70 5.46
N LEU B 93 5.10 -64.67 6.25
CA LEU B 93 5.63 -63.41 5.77
C LEU B 93 7.13 -63.35 6.03
N GLY B 94 7.92 -63.18 4.96
CA GLY B 94 9.32 -62.88 5.07
C GLY B 94 9.60 -61.43 4.74
N TYR B 95 10.84 -61.03 4.99
CA TYR B 95 11.21 -59.64 4.76
C TYR B 95 12.69 -59.52 4.46
N ARG B 96 13.02 -58.46 3.71
CA ARG B 96 14.39 -58.08 3.39
C ARG B 96 14.47 -56.57 3.59
N ILE B 97 14.99 -56.17 4.73
CA ILE B 97 15.08 -54.76 5.11
C ILE B 97 16.50 -54.28 4.88
N PHE B 98 16.62 -53.12 4.25
CA PHE B 98 17.89 -52.50 3.93
C PHE B 98 17.98 -51.15 4.66
N ASP B 99 19.04 -50.40 4.36
CA ASP B 99 19.27 -49.09 4.95
C ASP B 99 19.46 -48.08 3.83
N THR B 100 18.89 -46.90 4.02
CA THR B 100 19.01 -45.82 3.04
C THR B 100 20.11 -44.82 3.37
N CYS B 101 20.52 -44.73 4.64
CA CYS B 101 21.47 -43.72 5.09
C CYS B 101 21.03 -42.32 4.69
N ASN B 102 19.72 -42.14 4.52
CA ASN B 102 19.09 -40.87 4.19
C ASN B 102 19.56 -40.30 2.85
N THR B 103 20.22 -41.10 2.02
CA THR B 103 20.68 -40.67 0.71
C THR B 103 19.97 -41.46 -0.38
N VAL B 104 20.06 -40.96 -1.60
CA VAL B 104 19.34 -41.55 -2.72
C VAL B 104 20.07 -42.77 -3.28
N SER B 105 21.40 -42.80 -3.23
CA SER B 105 22.15 -43.88 -3.86
C SER B 105 21.92 -45.21 -3.16
N LYS B 106 22.00 -45.22 -1.83
CA LYS B 106 21.75 -46.44 -1.08
C LYS B 106 20.34 -46.95 -1.33
N ALA B 107 19.36 -46.05 -1.30
CA ALA B 107 17.98 -46.45 -1.57
C ALA B 107 17.84 -47.03 -2.96
N LEU B 108 18.51 -46.44 -3.95
CA LEU B 108 18.36 -46.90 -5.31
C LEU B 108 19.00 -48.26 -5.51
N GLU B 109 20.15 -48.52 -4.87
CA GLU B 109 20.74 -49.84 -5.02
C GLU B 109 19.92 -50.89 -4.27
N ALA B 110 19.33 -50.53 -3.13
CA ALA B 110 18.41 -51.44 -2.46
C ALA B 110 17.21 -51.76 -3.35
N THR B 111 16.63 -50.73 -3.96
CA THR B 111 15.50 -50.94 -4.86
C THR B 111 15.89 -51.84 -6.03
N LEU B 112 17.05 -51.60 -6.63
CA LEU B 112 17.54 -52.49 -7.68
C LEU B 112 17.66 -53.91 -7.20
N SER B 113 18.01 -54.09 -5.92
CA SER B 113 17.98 -55.43 -5.35
C SER B 113 16.56 -55.97 -5.18
N PHE B 114 15.57 -55.08 -5.03
CA PHE B 114 14.20 -55.52 -4.85
C PHE B 114 13.59 -56.06 -6.15
N VAL B 115 13.87 -55.42 -7.27
CA VAL B 115 13.14 -55.65 -8.50
C VAL B 115 13.90 -56.59 -9.44
N ALA B 116 14.82 -57.40 -8.90
CA ALA B 116 15.64 -58.26 -9.75
C ALA B 116 14.80 -59.22 -10.56
N GLN B 117 13.70 -59.75 -9.99
CA GLN B 117 12.90 -60.73 -10.71
C GLN B 117 12.21 -60.12 -11.92
N ASN B 118 11.70 -58.89 -11.77
CA ASN B 118 11.04 -58.23 -12.89
C ASN B 118 12.04 -57.63 -13.87
N LYS B 119 13.19 -57.19 -13.38
CA LYS B 119 14.19 -56.56 -14.24
C LYS B 119 14.70 -57.52 -15.30
N ILE B 120 14.79 -58.81 -14.98
CA ILE B 120 15.29 -59.78 -15.95
C ILE B 120 14.35 -59.95 -17.12
N ASP B 121 13.12 -59.44 -17.02
CA ASP B 121 12.20 -59.48 -18.16
C ASP B 121 12.57 -58.45 -19.21
N SER B 122 12.76 -57.20 -18.80
CA SER B 122 13.16 -56.15 -19.73
C SER B 122 13.96 -55.07 -19.00
N PRO B 136 13.36 -64.63 -5.51
CA PRO B 136 12.86 -63.91 -4.33
C PRO B 136 12.16 -62.61 -4.68
N SER B 137 10.97 -62.70 -5.28
CA SER B 137 10.25 -61.53 -5.73
C SER B 137 9.50 -60.91 -4.56
N THR B 138 9.82 -59.66 -4.25
CA THR B 138 9.11 -58.92 -3.22
C THR B 138 7.71 -58.56 -3.72
N ILE B 139 6.79 -58.35 -2.77
CA ILE B 139 5.45 -57.92 -3.13
C ILE B 139 5.17 -56.47 -2.77
N ALA B 140 5.88 -55.91 -1.79
CA ALA B 140 5.63 -54.55 -1.36
C ALA B 140 6.81 -54.08 -0.52
N VAL B 141 7.04 -52.77 -0.51
CA VAL B 141 8.11 -52.17 0.28
C VAL B 141 7.48 -51.17 1.23
N VAL B 142 7.93 -51.19 2.48
CA VAL B 142 7.40 -50.28 3.50
C VAL B 142 8.50 -49.26 3.81
N GLY B 143 8.48 -48.13 3.11
CA GLY B 143 9.22 -47.01 3.64
C GLY B 143 10.10 -46.25 2.67
N ALA B 144 10.16 -44.93 2.82
CA ALA B 144 11.26 -44.16 2.26
C ALA B 144 11.84 -43.20 3.28
N THR B 145 10.98 -42.66 4.15
CA THR B 145 11.30 -41.76 5.25
C THR B 145 11.69 -40.37 4.75
N GLY B 146 11.95 -40.23 3.45
CA GLY B 146 12.33 -38.95 2.90
C GLY B 146 11.69 -38.71 1.56
N SER B 147 11.11 -37.52 1.36
CA SER B 147 10.39 -37.25 0.13
C SER B 147 11.29 -37.33 -1.10
N GLY B 148 12.56 -36.94 -0.96
CA GLY B 148 13.48 -37.14 -2.07
C GLY B 148 13.74 -38.61 -2.32
N VAL B 149 14.04 -39.36 -1.27
CA VAL B 149 14.20 -40.80 -1.38
C VAL B 149 12.92 -41.43 -1.90
N SER B 150 11.77 -40.95 -1.42
CA SER B 150 10.50 -41.50 -1.88
C SER B 150 10.29 -41.28 -3.36
N THR B 151 10.58 -40.08 -3.85
CA THR B 151 10.43 -39.80 -5.27
C THR B 151 11.34 -40.69 -6.09
N ALA B 152 12.63 -40.75 -5.71
CA ALA B 152 13.58 -41.53 -6.47
C ALA B 152 13.26 -43.02 -6.45
N VAL B 153 12.65 -43.51 -5.37
CA VAL B 153 12.30 -44.92 -5.29
C VAL B 153 11.01 -45.21 -6.05
N ALA B 154 10.00 -44.36 -5.89
CA ALA B 154 8.71 -44.58 -6.53
C ALA B 154 8.79 -44.43 -8.04
N ASN B 155 9.73 -43.62 -8.54
CA ASN B 155 9.91 -43.57 -9.99
C ASN B 155 10.27 -44.93 -10.55
N LEU B 156 11.01 -45.74 -9.80
CA LEU B 156 11.45 -47.05 -10.25
C LEU B 156 10.47 -48.14 -9.88
N LEU B 157 9.78 -48.01 -8.74
CA LEU B 157 8.86 -49.05 -8.30
C LEU B 157 7.55 -48.98 -9.08
N GLY B 158 7.01 -47.78 -9.27
CA GLY B 158 5.84 -47.62 -10.13
C GLY B 158 6.04 -48.14 -11.54
N LEU B 159 7.29 -48.44 -11.92
CA LEU B 159 7.55 -49.02 -13.23
C LEU B 159 7.10 -50.47 -13.32
N PHE B 160 7.08 -51.18 -12.19
CA PHE B 160 6.66 -52.57 -12.15
C PHE B 160 5.36 -52.77 -11.38
N TYR B 161 4.69 -51.68 -10.99
CA TYR B 161 3.44 -51.74 -10.24
C TYR B 161 3.62 -52.54 -8.95
N ILE B 162 4.54 -52.08 -8.12
CA ILE B 162 4.80 -52.67 -6.81
C ILE B 162 4.33 -51.68 -5.75
N PRO B 163 3.45 -52.07 -4.83
CA PRO B 163 2.93 -51.13 -3.84
C PRO B 163 4.03 -50.68 -2.88
N GLN B 164 4.26 -49.38 -2.83
CA GLN B 164 5.20 -48.78 -1.90
C GLN B 164 4.40 -47.99 -0.86
N VAL B 165 4.43 -48.45 0.37
CA VAL B 165 3.66 -47.85 1.46
C VAL B 165 4.64 -47.13 2.37
N SER B 166 4.79 -45.83 2.16
CA SER B 166 5.65 -45.03 3.00
C SER B 166 4.98 -44.73 4.33
N TYR B 167 5.79 -44.36 5.32
CA TYR B 167 5.29 -44.04 6.65
C TYR B 167 5.61 -42.62 7.09
N ALA B 168 6.54 -41.94 6.42
CA ALA B 168 6.91 -40.59 6.81
C ALA B 168 7.01 -39.61 5.65
N SER B 169 6.99 -40.09 4.40
CA SER B 169 7.08 -39.19 3.26
C SER B 169 5.82 -38.35 3.18
N SER B 170 5.97 -37.04 3.32
CA SER B 170 4.81 -36.16 3.45
C SER B 170 4.77 -35.03 2.44
N SER B 171 5.61 -35.08 1.41
CA SER B 171 5.55 -34.05 0.39
C SER B 171 4.24 -34.14 -0.39
N ARG B 172 3.86 -33.01 -0.99
CA ARG B 172 2.65 -32.96 -1.81
C ARG B 172 2.89 -33.42 -3.24
N LEU B 173 4.15 -33.52 -3.67
CA LEU B 173 4.42 -33.96 -5.03
C LEU B 173 4.16 -35.44 -5.24
N LEU B 174 4.04 -36.21 -4.17
CA LEU B 174 3.81 -37.65 -4.28
C LEU B 174 2.34 -37.99 -4.45
N SER B 175 1.46 -37.00 -4.46
CA SER B 175 0.04 -37.23 -4.69
C SER B 175 -0.34 -37.17 -6.16
N ASN B 176 0.61 -36.87 -7.04
CA ASN B 176 0.37 -36.82 -8.47
C ASN B 176 0.34 -38.25 -9.00
N LYS B 177 -0.83 -38.87 -8.91
CA LYS B 177 -0.96 -40.28 -9.28
C LYS B 177 -0.80 -40.53 -10.77
N ASN B 178 -0.62 -39.50 -11.59
CA ASN B 178 -0.30 -39.69 -12.99
C ASN B 178 1.17 -40.07 -13.20
N GLN B 179 2.00 -39.94 -12.17
CA GLN B 179 3.41 -40.25 -12.27
C GLN B 179 3.87 -41.28 -11.25
N PHE B 180 3.36 -41.21 -10.02
CA PHE B 180 3.65 -42.21 -8.99
C PHE B 180 2.43 -43.11 -8.84
N LYS B 181 2.37 -44.13 -9.68
CA LYS B 181 1.15 -44.94 -9.77
C LYS B 181 0.90 -45.77 -8.52
N SER B 182 1.95 -46.28 -7.88
CA SER B 182 1.82 -47.28 -6.84
C SER B 182 2.43 -46.79 -5.54
N PHE B 183 2.10 -45.56 -5.15
CA PHE B 183 2.65 -44.97 -3.94
C PHE B 183 1.51 -44.64 -2.99
N LEU B 184 1.49 -45.30 -1.83
CA LEU B 184 0.54 -45.03 -0.77
C LEU B 184 1.31 -44.62 0.47
N ARG B 185 0.73 -43.75 1.29
CA ARG B 185 1.38 -43.30 2.51
C ARG B 185 0.37 -43.25 3.65
N THR B 186 0.81 -43.63 4.84
CA THR B 186 -0.01 -43.56 6.04
C THR B 186 0.28 -42.34 6.88
N ILE B 187 0.72 -41.25 6.26
CA ILE B 187 0.99 -40.01 6.96
C ILE B 187 0.21 -38.90 6.26
N PRO B 188 -0.35 -37.94 6.98
CA PRO B 188 -1.10 -36.86 6.32
C PRO B 188 -0.21 -36.05 5.38
N ASN B 189 -0.84 -35.43 4.41
CA ASN B 189 -0.14 -34.54 3.48
C ASN B 189 0.38 -33.33 4.24
N ASP B 190 1.15 -32.47 3.56
CA ASP B 190 1.77 -31.33 4.21
C ASP B 190 1.24 -29.99 3.72
N GLU B 191 0.10 -29.98 3.02
CA GLU B 191 -0.58 -28.73 2.74
C GLU B 191 -1.37 -28.25 3.94
N HIS B 192 -2.01 -29.17 4.65
CA HIS B 192 -2.68 -28.85 5.90
C HIS B 192 -1.69 -28.28 6.91
N GLN B 193 -0.42 -28.70 6.84
CA GLN B 193 0.56 -28.18 7.78
C GLN B 193 0.88 -26.72 7.50
N ALA B 194 1.04 -26.35 6.22
CA ALA B 194 1.26 -24.95 5.90
C ALA B 194 0.04 -24.10 6.25
N THR B 195 -1.16 -24.63 6.00
CA THR B 195 -2.36 -23.92 6.42
C THR B 195 -2.38 -23.73 7.94
N ALA B 196 -1.99 -24.76 8.69
CA ALA B 196 -1.97 -24.65 10.15
C ALA B 196 -0.95 -23.64 10.62
N MET B 197 0.21 -23.56 9.97
CA MET B 197 1.20 -22.56 10.35
C MET B 197 0.68 -21.15 10.10
N ALA B 198 0.07 -20.94 8.93
CA ALA B 198 -0.53 -19.64 8.66
C ALA B 198 -1.60 -19.29 9.69
N ASP B 199 -2.41 -20.28 10.08
CA ASP B 199 -3.45 -20.02 11.06
C ASP B 199 -2.87 -19.69 12.43
N ILE B 200 -1.80 -20.36 12.84
CA ILE B 200 -1.15 -20.03 14.10
C ILE B 200 -0.63 -18.61 14.07
N ILE B 201 0.02 -18.24 12.96
CA ILE B 201 0.58 -16.89 12.87
C ILE B 201 -0.51 -15.84 12.96
N GLU B 202 -1.59 -16.01 12.19
CA GLU B 202 -2.66 -15.02 12.27
C GLU B 202 -3.47 -15.13 13.56
N TYR B 203 -3.30 -16.22 14.32
CA TYR B 203 -3.96 -16.32 15.62
C TYR B 203 -3.21 -15.52 16.67
N PHE B 204 -1.89 -15.61 16.68
CA PHE B 204 -1.12 -14.82 17.63
C PHE B 204 -0.93 -13.37 17.17
N ARG B 205 -1.58 -12.97 16.08
CA ARG B 205 -1.55 -11.60 15.59
C ARG B 205 -0.12 -11.15 15.28
N TRP B 206 0.51 -11.86 14.36
CA TRP B 206 1.78 -11.46 13.78
C TRP B 206 1.60 -11.26 12.29
N ASN B 207 2.36 -10.33 11.72
CA ASN B 207 2.32 -10.12 10.28
C ASN B 207 3.67 -9.86 9.65
N TRP B 208 4.77 -9.99 10.39
CA TRP B 208 6.11 -9.76 9.87
C TRP B 208 6.95 -10.97 10.25
N VAL B 209 7.07 -11.93 9.32
CA VAL B 209 7.74 -13.20 9.59
C VAL B 209 8.78 -13.45 8.50
N GLY B 210 9.56 -14.50 8.73
CA GLY B 210 10.55 -14.93 7.75
C GLY B 210 10.58 -16.44 7.67
N THR B 211 11.01 -16.93 6.51
CA THR B 211 10.96 -18.35 6.21
C THR B 211 12.35 -18.93 5.98
N ILE B 212 12.50 -20.21 6.31
CA ILE B 212 13.69 -20.99 6.02
C ILE B 212 13.25 -22.37 5.57
N ALA B 213 13.92 -22.92 4.56
CA ALA B 213 13.48 -24.18 3.97
C ALA B 213 14.68 -25.05 3.61
N ALA B 214 14.48 -26.36 3.70
CA ALA B 214 15.46 -27.28 3.15
C ALA B 214 15.33 -27.34 1.64
N ASP B 215 16.46 -27.40 0.95
CA ASP B 215 16.47 -27.40 -0.51
C ASP B 215 16.33 -28.82 -1.02
N ASP B 216 15.13 -29.37 -0.84
CA ASP B 216 14.79 -30.68 -1.34
C ASP B 216 13.31 -30.69 -1.68
N ASP B 217 12.76 -31.89 -1.89
CA ASP B 217 11.36 -32.04 -2.27
C ASP B 217 10.41 -31.95 -1.10
N TYR B 218 10.90 -31.68 0.11
CA TYR B 218 10.06 -31.54 1.28
C TYR B 218 9.90 -30.09 1.73
N GLY B 219 10.95 -29.29 1.62
CA GLY B 219 10.87 -27.90 2.06
C GLY B 219 10.30 -26.97 1.03
N ARG B 220 10.68 -27.16 -0.24
CA ARG B 220 10.27 -26.22 -1.27
C ARG B 220 8.77 -26.18 -1.48
N PRO B 221 8.07 -27.32 -1.69
CA PRO B 221 6.61 -27.23 -1.87
C PRO B 221 5.89 -26.73 -0.63
N GLY B 222 6.33 -27.16 0.56
CA GLY B 222 5.71 -26.69 1.78
C GLY B 222 5.83 -25.19 1.94
N ILE B 223 7.02 -24.64 1.65
CA ILE B 223 7.22 -23.21 1.80
C ILE B 223 6.46 -22.44 0.75
N GLU B 224 6.36 -22.97 -0.48
CA GLU B 224 5.55 -22.27 -1.48
C GLU B 224 4.08 -22.24 -1.06
N LYS B 225 3.56 -23.37 -0.58
CA LYS B 225 2.18 -23.41 -0.11
C LYS B 225 1.96 -22.44 1.04
N PHE B 226 2.91 -22.38 1.97
CA PHE B 226 2.77 -21.45 3.10
C PHE B 226 2.84 -20.01 2.62
N ARG B 227 3.69 -19.72 1.64
CA ARG B 227 3.74 -18.36 1.09
C ARG B 227 2.40 -17.97 0.52
N GLU B 228 1.77 -18.87 -0.23
CA GLU B 228 0.45 -18.56 -0.78
C GLU B 228 -0.57 -18.35 0.33
N GLU B 229 -0.64 -19.28 1.29
CA GLU B 229 -1.62 -19.19 2.36
C GLU B 229 -1.43 -17.94 3.20
N ALA B 230 -0.18 -17.53 3.43
CA ALA B 230 0.08 -16.33 4.21
C ALA B 230 -0.26 -15.08 3.41
N GLU B 231 0.20 -15.00 2.16
CA GLU B 231 -0.10 -13.84 1.33
C GLU B 231 -1.59 -13.62 1.18
N GLU B 232 -2.40 -14.68 1.17
CA GLU B 232 -3.84 -14.45 1.08
C GLU B 232 -4.45 -14.01 2.40
N ARG B 233 -3.76 -14.21 3.52
CA ARG B 233 -4.22 -13.73 4.82
C ARG B 233 -3.64 -12.37 5.17
N ASP B 234 -3.01 -11.69 4.21
CA ASP B 234 -2.35 -10.41 4.45
C ASP B 234 -1.31 -10.53 5.56
N ILE B 235 -0.36 -11.45 5.34
CA ILE B 235 0.79 -11.63 6.21
C ILE B 235 2.04 -11.43 5.36
N CYS B 236 3.00 -10.68 5.89
CA CYS B 236 4.20 -10.35 5.14
C CYS B 236 5.29 -11.38 5.41
N ILE B 237 6.13 -11.62 4.41
CA ILE B 237 7.29 -12.48 4.54
C ILE B 237 8.51 -11.63 4.25
N ASP B 238 9.35 -11.43 5.26
CA ASP B 238 10.48 -10.52 5.12
C ASP B 238 11.58 -11.15 4.26
N PHE B 239 12.11 -12.28 4.69
CA PHE B 239 13.17 -12.97 3.98
C PHE B 239 12.75 -14.39 3.66
N SER B 240 13.55 -15.04 2.82
CA SER B 240 13.24 -16.40 2.38
C SER B 240 14.56 -17.04 1.94
N GLU B 241 15.01 -18.04 2.68
CA GLU B 241 16.29 -18.67 2.44
C GLU B 241 16.12 -20.17 2.24
N LEU B 242 17.15 -20.79 1.68
CA LEU B 242 17.21 -22.23 1.50
C LEU B 242 18.52 -22.74 2.09
N ILE B 243 18.45 -23.92 2.71
CA ILE B 243 19.61 -24.53 3.34
C ILE B 243 19.64 -26.00 2.99
N SER B 244 20.71 -26.66 3.42
CA SER B 244 20.90 -28.09 3.23
C SER B 244 22.10 -28.50 4.06
N GLN B 245 22.25 -29.80 4.27
CA GLN B 245 23.39 -30.32 5.02
C GLN B 245 24.68 -30.27 4.21
N TYR B 246 24.66 -29.71 3.00
CA TYR B 246 25.82 -29.66 2.14
C TYR B 246 26.23 -28.22 1.81
N SER B 247 25.54 -27.25 2.38
CA SER B 247 25.89 -25.85 2.13
C SER B 247 27.11 -25.48 2.97
N ASP B 248 28.10 -24.88 2.32
CA ASP B 248 29.36 -24.57 2.98
C ASP B 248 29.23 -23.28 3.79
N GLU B 249 30.34 -22.89 4.43
CA GLU B 249 30.30 -21.88 5.48
C GLU B 249 29.78 -20.54 4.98
N GLU B 250 30.07 -20.18 3.73
CA GLU B 250 29.66 -18.86 3.26
C GLU B 250 28.16 -18.76 3.01
N GLU B 251 27.52 -19.82 2.51
CA GLU B 251 26.08 -19.79 2.38
C GLU B 251 25.40 -19.66 3.73
N ILE B 252 25.86 -20.43 4.72
CA ILE B 252 25.30 -20.35 6.06
C ILE B 252 25.53 -18.96 6.65
N GLN B 253 26.70 -18.38 6.39
CA GLN B 253 27.00 -17.05 6.92
C GLN B 253 26.10 -16.00 6.30
N GLN B 254 25.85 -16.12 4.99
CA GLN B 254 24.92 -15.19 4.33
C GLN B 254 23.52 -15.35 4.88
N VAL B 255 23.10 -16.58 5.16
CA VAL B 255 21.78 -16.82 5.71
C VAL B 255 21.67 -16.19 7.10
N VAL B 256 22.72 -16.35 7.91
CA VAL B 256 22.69 -15.77 9.25
C VAL B 256 22.71 -14.26 9.18
N GLU B 257 23.44 -13.69 8.22
CA GLU B 257 23.40 -12.25 8.01
C GLU B 257 22.00 -11.78 7.68
N VAL B 258 21.31 -12.50 6.79
CA VAL B 258 19.95 -12.11 6.44
C VAL B 258 19.03 -12.23 7.65
N ILE B 259 19.23 -13.26 8.47
CA ILE B 259 18.40 -13.42 9.67
C ILE B 259 18.63 -12.29 10.64
N GLN B 260 19.88 -11.89 10.84
CA GLN B 260 20.22 -10.90 11.85
C GLN B 260 19.86 -9.47 11.44
N ASN B 261 20.08 -9.13 10.18
CA ASN B 261 19.84 -7.77 9.70
C ASN B 261 18.37 -7.47 9.45
N SER B 262 17.47 -8.30 9.96
CA SER B 262 16.04 -8.11 9.80
C SER B 262 15.39 -7.93 11.15
N THR B 263 14.11 -7.53 11.12
CA THR B 263 13.36 -7.24 12.33
C THR B 263 12.27 -8.25 12.62
N ALA B 264 11.98 -9.16 11.69
CA ALA B 264 10.98 -10.18 11.93
C ALA B 264 11.43 -11.11 13.04
N ARG B 265 10.56 -11.33 14.02
CA ARG B 265 10.89 -12.21 15.14
C ARG B 265 10.49 -13.66 14.88
N VAL B 266 9.38 -13.89 14.19
CA VAL B 266 8.87 -15.23 13.97
C VAL B 266 9.52 -15.80 12.72
N ILE B 267 10.07 -17.02 12.85
CA ILE B 267 10.76 -17.68 11.76
C ILE B 267 10.14 -19.06 11.61
N VAL B 268 9.54 -19.32 10.44
CA VAL B 268 9.02 -20.63 10.13
C VAL B 268 10.13 -21.44 9.45
N VAL B 269 10.28 -22.69 9.87
CA VAL B 269 11.37 -23.54 9.41
C VAL B 269 10.76 -24.83 8.87
N PHE B 270 10.87 -25.02 7.56
CA PHE B 270 10.36 -26.21 6.89
C PHE B 270 11.58 -27.05 6.50
N SER B 271 12.00 -27.92 7.40
CA SER B 271 13.22 -28.69 7.17
C SER B 271 13.20 -29.91 8.07
N SER B 272 14.17 -30.78 7.86
CA SER B 272 14.41 -31.92 8.73
C SER B 272 15.58 -31.62 9.65
N GLY B 273 15.88 -32.58 10.52
CA GLY B 273 16.95 -32.43 11.48
C GLY B 273 18.30 -32.19 10.84
N PRO B 274 18.79 -33.15 10.06
CA PRO B 274 20.11 -32.99 9.44
C PRO B 274 20.25 -31.74 8.60
N ASP B 275 19.29 -31.46 7.71
CA ASP B 275 19.36 -30.28 6.87
C ASP B 275 19.26 -28.98 7.66
N LEU B 276 19.03 -29.05 8.97
CA LEU B 276 18.96 -27.86 9.80
C LEU B 276 20.10 -27.76 10.80
N GLU B 277 20.79 -28.85 11.09
CA GLU B 277 21.85 -28.81 12.10
C GLU B 277 22.92 -27.77 11.83
N PRO B 278 23.45 -27.59 10.61
CA PRO B 278 24.50 -26.57 10.43
C PRO B 278 24.05 -25.16 10.72
N LEU B 279 22.86 -24.78 10.25
CA LEU B 279 22.33 -23.46 10.55
C LEU B 279 22.18 -23.26 12.06
N ILE B 280 21.78 -24.31 12.77
CA ILE B 280 21.62 -24.21 14.21
C ILE B 280 22.97 -24.02 14.89
N LYS B 281 23.99 -24.77 14.43
CA LYS B 281 25.32 -24.58 14.97
C LYS B 281 25.81 -23.15 14.79
N GLU B 282 25.65 -22.62 13.57
CA GLU B 282 26.11 -21.25 13.32
C GLU B 282 25.31 -20.24 14.12
N ILE B 283 24.00 -20.48 14.30
CA ILE B 283 23.17 -19.58 15.08
C ILE B 283 23.64 -19.57 16.54
N VAL B 284 23.87 -20.75 17.10
CA VAL B 284 24.30 -20.82 18.49
C VAL B 284 25.72 -20.30 18.67
N ARG B 285 26.52 -20.26 17.59
CA ARG B 285 27.84 -19.68 17.71
C ARG B 285 27.79 -18.16 17.64
N ARG B 286 27.01 -17.61 16.71
CA ARG B 286 26.85 -16.16 16.62
C ARG B 286 25.86 -15.61 17.65
N ASN B 287 25.18 -16.49 18.38
CA ASN B 287 24.39 -16.10 19.55
C ASN B 287 23.26 -15.13 19.17
N ILE B 288 22.45 -15.54 18.19
CA ILE B 288 21.24 -14.82 17.84
C ILE B 288 20.14 -15.33 18.76
N THR B 289 19.66 -14.48 19.66
CA THR B 289 18.90 -14.93 20.82
C THR B 289 17.63 -14.12 20.99
N GLY B 290 16.89 -13.89 19.91
CA GLY B 290 15.67 -13.10 20.04
C GLY B 290 14.44 -13.63 19.34
N LYS B 291 14.61 -14.64 18.49
CA LYS B 291 13.56 -15.01 17.56
C LYS B 291 12.61 -16.05 18.16
N ILE B 292 11.54 -16.32 17.43
CA ILE B 292 10.56 -17.36 17.76
C ILE B 292 10.53 -18.34 16.61
N TRP B 293 10.67 -19.63 16.92
CA TRP B 293 10.80 -20.67 15.91
C TRP B 293 9.48 -21.43 15.80
N LEU B 294 8.96 -21.49 14.58
CA LEU B 294 7.79 -22.28 14.24
C LEU B 294 8.27 -23.52 13.50
N ALA B 295 8.39 -24.62 14.22
CA ALA B 295 8.95 -25.85 13.68
C ALA B 295 7.94 -26.59 12.82
N SER B 296 8.41 -27.13 11.71
CA SER B 296 7.63 -28.12 10.99
C SER B 296 7.65 -29.45 11.73
N GLU B 297 7.01 -30.45 11.16
CA GLU B 297 6.90 -31.73 11.84
C GLU B 297 8.21 -32.50 11.85
N ALA B 298 9.03 -32.33 10.83
CA ALA B 298 10.22 -33.17 10.68
C ALA B 298 11.19 -32.96 11.83
N TRP B 299 11.43 -31.71 12.22
CA TRP B 299 12.44 -31.39 13.22
C TRP B 299 11.85 -30.90 14.53
N ALA B 300 10.53 -30.83 14.64
CA ALA B 300 9.92 -30.38 15.89
C ALA B 300 10.33 -31.26 17.06
N SER B 301 10.37 -32.58 16.84
CA SER B 301 10.77 -33.53 17.86
C SER B 301 12.11 -34.18 17.57
N SER B 302 12.92 -33.57 16.72
CA SER B 302 14.20 -34.18 16.35
C SER B 302 15.17 -34.16 17.52
N SER B 303 16.02 -35.19 17.57
CA SER B 303 17.01 -35.29 18.63
C SER B 303 18.29 -34.51 18.34
N LEU B 304 18.55 -34.18 17.08
CA LEU B 304 19.74 -33.41 16.75
C LEU B 304 19.59 -31.95 17.15
N ILE B 305 18.37 -31.43 17.08
CA ILE B 305 18.13 -30.02 17.35
C ILE B 305 17.72 -29.77 18.79
N ALA B 306 16.99 -30.70 19.40
CA ALA B 306 16.51 -30.53 20.77
C ALA B 306 17.62 -30.83 21.77
N MET B 307 18.66 -30.05 21.69
CA MET B 307 19.74 -30.20 22.66
C MET B 307 19.68 -29.06 23.68
N PRO B 308 20.07 -29.33 24.93
CA PRO B 308 20.04 -28.26 25.94
C PRO B 308 20.94 -27.08 25.61
N GLU B 309 22.07 -27.33 24.92
CA GLU B 309 22.94 -26.22 24.56
C GLU B 309 22.32 -25.36 23.48
N PHE B 310 21.76 -25.98 22.44
CA PHE B 310 21.07 -25.20 21.42
C PHE B 310 19.84 -24.50 21.98
N PHE B 311 19.19 -25.09 22.99
CA PHE B 311 17.94 -24.56 23.49
C PHE B 311 18.09 -23.18 24.11
N ARG B 312 19.29 -22.80 24.56
CA ARG B 312 19.45 -21.50 25.21
C ARG B 312 19.18 -20.36 24.25
N VAL B 313 19.52 -20.52 22.98
CA VAL B 313 19.31 -19.47 21.99
C VAL B 313 18.15 -19.79 21.05
N ILE B 314 17.52 -20.96 21.19
CA ILE B 314 16.40 -21.33 20.35
C ILE B 314 15.18 -21.49 21.25
N GLY B 315 15.13 -20.70 22.32
CA GLY B 315 13.96 -20.69 23.18
C GLY B 315 12.71 -20.30 22.41
N SER B 316 11.56 -20.61 23.01
CA SER B 316 10.26 -20.32 22.40
C SER B 316 10.12 -21.02 21.04
N THR B 317 10.13 -22.34 21.09
CA THR B 317 9.93 -23.19 19.93
C THR B 317 8.54 -23.80 19.98
N ILE B 318 7.79 -23.64 18.89
CA ILE B 318 6.40 -24.11 18.80
C ILE B 318 6.32 -24.95 17.53
N GLY B 319 5.99 -26.23 17.68
CA GLY B 319 6.01 -27.16 16.57
C GLY B 319 4.78 -28.05 16.51
N PHE B 320 4.72 -28.82 15.43
CA PHE B 320 3.64 -29.77 15.19
C PHE B 320 4.11 -31.19 15.46
N ALA B 321 3.14 -32.09 15.57
CA ALA B 321 3.45 -33.50 15.79
C ALA B 321 2.24 -34.31 15.36
N LEU B 322 2.50 -35.55 14.98
CA LEU B 322 1.41 -36.47 14.66
C LEU B 322 0.77 -36.97 15.94
N LYS B 323 -0.39 -37.60 15.79
CA LYS B 323 -1.13 -38.09 16.94
C LYS B 323 -0.57 -39.41 17.41
N ALA B 324 -0.55 -39.61 18.72
CA ALA B 324 0.08 -40.77 19.31
C ALA B 324 -0.66 -42.04 18.94
N GLY B 325 0.03 -43.18 19.11
CA GLY B 325 -0.55 -44.47 18.86
C GLY B 325 -0.34 -45.39 20.04
N GLN B 326 -0.88 -46.59 19.93
CA GLN B 326 -0.76 -47.61 20.96
C GLN B 326 -0.37 -48.93 20.31
N ILE B 327 0.86 -49.37 20.54
CA ILE B 327 1.32 -50.68 20.10
C ILE B 327 1.50 -51.53 21.33
N PRO B 328 0.48 -52.22 21.81
CA PRO B 328 0.59 -52.96 23.08
C PRO B 328 1.61 -54.08 22.98
N GLY B 329 2.48 -54.14 23.99
CA GLY B 329 3.52 -55.15 24.01
C GLY B 329 4.75 -54.82 23.21
N PHE B 330 4.90 -53.56 22.80
CA PHE B 330 6.06 -53.16 22.00
C PHE B 330 7.31 -53.00 22.85
N ARG B 331 7.20 -52.28 23.97
CA ARG B 331 8.37 -51.97 24.78
C ARG B 331 9.09 -53.22 25.23
N GLU B 332 8.35 -54.26 25.64
CA GLU B 332 9.00 -55.50 26.05
C GLU B 332 9.73 -56.15 24.89
N PHE B 333 9.22 -55.99 23.67
CA PHE B 333 9.95 -56.50 22.51
C PHE B 333 11.21 -55.68 22.26
N LEU B 334 11.18 -54.38 22.53
CA LEU B 334 12.39 -53.56 22.41
C LEU B 334 13.43 -53.98 23.43
N GLN B 335 13.01 -54.37 24.63
CA GLN B 335 13.94 -54.71 25.70
C GLN B 335 14.59 -56.08 25.52
N LYS B 336 14.47 -56.72 24.37
CA LYS B 336 15.05 -58.04 24.17
C LYS B 336 16.17 -58.07 23.14
N VAL B 337 16.57 -56.92 22.60
CA VAL B 337 17.59 -56.92 21.55
C VAL B 337 18.90 -57.49 22.09
N HIS B 338 19.60 -58.23 21.24
CA HIS B 338 20.86 -58.83 21.62
C HIS B 338 21.62 -59.25 20.36
N PRO B 339 22.92 -58.97 20.27
CA PRO B 339 23.64 -59.27 19.03
C PRO B 339 23.82 -60.75 18.75
N LYS B 340 23.68 -61.62 19.75
CA LYS B 340 23.85 -63.05 19.52
C LYS B 340 22.56 -63.72 19.08
N LYS B 341 21.45 -63.42 19.74
CA LYS B 341 20.16 -64.05 19.46
C LYS B 341 19.42 -63.38 18.31
N SER B 342 20.12 -62.66 17.45
CA SER B 342 19.51 -61.98 16.31
C SER B 342 20.29 -62.33 15.05
N ALA B 343 19.87 -63.42 14.40
CA ALA B 343 20.44 -63.78 13.10
C ALA B 343 19.66 -63.17 11.95
N ASN B 344 18.34 -63.02 12.10
CA ASN B 344 17.54 -62.35 11.08
C ASN B 344 17.92 -60.88 10.98
N ASN B 345 17.91 -60.17 12.11
CA ASN B 345 18.34 -58.78 12.13
C ASN B 345 19.86 -58.72 12.13
N GLY B 346 20.42 -57.87 11.29
CA GLY B 346 21.86 -57.71 11.23
C GLY B 346 22.31 -56.39 11.79
N PHE B 347 21.38 -55.46 11.96
CA PHE B 347 21.69 -54.13 12.47
C PHE B 347 21.90 -54.11 13.97
N ALA B 348 21.77 -55.24 14.65
CA ALA B 348 21.92 -55.26 16.11
C ALA B 348 23.38 -55.10 16.52
N LYS B 349 24.32 -55.61 15.73
CA LYS B 349 25.72 -55.55 16.11
C LYS B 349 26.22 -54.11 16.16
N GLU B 350 26.07 -53.37 15.07
CA GLU B 350 26.46 -51.96 15.08
C GLU B 350 25.66 -51.18 16.10
N PHE B 351 24.41 -51.58 16.35
CA PHE B 351 23.61 -50.91 17.36
C PHE B 351 24.25 -51.03 18.73
N TRP B 352 24.63 -52.26 19.11
CA TRP B 352 25.30 -52.45 20.40
C TRP B 352 26.63 -51.72 20.45
N GLU B 353 27.41 -51.79 19.38
CA GLU B 353 28.70 -51.09 19.35
C GLU B 353 28.51 -49.59 19.55
N GLU B 354 27.45 -49.02 18.99
CA GLU B 354 27.23 -47.58 19.13
C GLU B 354 26.66 -47.24 20.50
N THR B 355 25.86 -48.13 21.09
CA THR B 355 25.29 -47.86 22.40
C THR B 355 26.37 -47.89 23.48
N PHE B 356 27.07 -49.02 23.59
CA PHE B 356 28.00 -49.18 24.69
C PHE B 356 29.42 -48.73 24.36
N ASN B 357 29.66 -48.22 23.16
CA ASN B 357 30.98 -47.78 22.73
C ASN B 357 32.02 -48.87 22.99
N CYS B 358 31.78 -50.02 22.36
CA CYS B 358 32.56 -51.21 22.58
C CYS B 358 32.90 -51.85 21.24
N TYR B 359 33.41 -53.09 21.26
CA TYR B 359 33.90 -53.70 20.04
C TYR B 359 33.73 -55.21 20.14
N LEU B 360 33.19 -55.81 19.09
CA LEU B 360 32.94 -57.24 19.06
C LEU B 360 33.90 -57.97 18.12
N ARG B 391 36.40 -48.97 21.66
CA ARG B 391 37.69 -49.63 21.70
C ARG B 391 37.74 -50.89 22.58
N PRO B 392 37.29 -50.82 23.84
CA PRO B 392 37.33 -52.01 24.69
C PRO B 392 36.48 -53.12 24.10
N PRO B 393 36.92 -54.37 24.20
CA PRO B 393 36.15 -55.47 23.62
C PRO B 393 34.80 -55.62 24.29
N CYS B 394 33.78 -55.85 23.49
CA CYS B 394 32.41 -55.92 23.98
C CYS B 394 32.09 -57.33 24.45
N THR B 395 31.06 -57.42 25.29
CA THR B 395 30.61 -58.69 25.84
C THR B 395 29.10 -58.70 25.93
N GLY B 396 28.50 -59.82 25.53
CA GLY B 396 27.06 -59.93 25.48
C GLY B 396 26.40 -60.15 26.82
N ASP B 397 26.65 -59.24 27.76
CA ASP B 397 26.00 -59.29 29.06
C ASP B 397 25.56 -57.93 29.57
N GLU B 398 25.58 -56.89 28.74
CA GLU B 398 25.27 -55.55 29.19
C GLU B 398 23.77 -55.43 29.44
N ASN B 399 23.33 -54.22 29.77
CA ASN B 399 21.94 -53.95 30.11
C ASN B 399 21.48 -52.79 29.23
N ILE B 400 20.61 -53.08 28.26
CA ILE B 400 20.14 -52.06 27.35
C ILE B 400 19.26 -51.05 28.07
N THR B 401 18.84 -51.35 29.30
CA THR B 401 18.02 -50.44 30.09
C THR B 401 18.85 -49.44 30.89
N SER B 402 20.18 -49.48 30.80
CA SER B 402 21.03 -48.61 31.59
C SER B 402 21.32 -47.29 30.87
N VAL B 403 21.90 -47.38 29.67
CA VAL B 403 22.18 -46.17 28.92
C VAL B 403 20.87 -45.54 28.44
N GLU B 404 20.94 -44.25 28.13
CA GLU B 404 19.79 -43.49 27.69
C GLU B 404 20.00 -43.07 26.25
N THR B 405 19.06 -43.43 25.39
CA THR B 405 19.16 -43.23 23.95
C THR B 405 17.78 -42.87 23.43
N PRO B 406 17.69 -42.31 22.22
CA PRO B 406 16.38 -42.10 21.62
C PRO B 406 15.68 -43.42 21.33
N TYR B 407 16.38 -44.53 21.56
CA TYR B 407 15.79 -45.86 21.36
C TYR B 407 14.62 -46.08 22.31
N MET B 408 14.88 -46.09 23.62
CA MET B 408 13.85 -46.36 24.60
C MET B 408 13.49 -45.16 25.47
N ASP B 409 14.03 -43.98 25.18
CA ASP B 409 13.62 -42.77 25.90
C ASP B 409 12.58 -42.03 25.06
N PHE B 410 11.39 -42.62 25.03
CA PHE B 410 10.24 -42.04 24.34
C PHE B 410 9.03 -42.13 25.24
N THR B 411 7.99 -41.38 24.88
CA THR B 411 6.76 -41.37 25.66
C THR B 411 5.55 -41.56 24.76
N HIS B 412 5.71 -41.25 23.47
CA HIS B 412 4.63 -41.38 22.51
C HIS B 412 5.17 -42.00 21.23
N LEU B 413 4.42 -42.97 20.70
CA LEU B 413 4.74 -43.57 19.42
C LEU B 413 3.97 -42.84 18.33
N ARG B 414 4.68 -42.08 17.51
CA ARG B 414 4.07 -41.29 16.45
C ARG B 414 4.45 -41.75 15.05
N ILE B 415 5.73 -42.03 14.80
CA ILE B 415 6.15 -42.55 13.51
C ILE B 415 6.28 -44.06 13.53
N SER B 416 6.55 -44.66 14.68
CA SER B 416 6.50 -46.12 14.77
C SER B 416 5.10 -46.62 14.50
N TYR B 417 4.09 -45.87 14.92
CA TYR B 417 2.71 -46.26 14.66
C TYR B 417 2.40 -46.26 13.17
N ASN B 418 2.98 -45.34 12.41
CA ASN B 418 2.75 -45.35 10.97
C ASN B 418 3.34 -46.59 10.33
N VAL B 419 4.50 -47.05 10.79
CA VAL B 419 5.08 -48.29 10.27
C VAL B 419 4.20 -49.47 10.64
N TYR B 420 3.72 -49.49 11.89
CA TYR B 420 2.79 -50.51 12.32
C TYR B 420 1.57 -50.56 11.40
N LEU B 421 0.97 -49.39 11.14
CA LEU B 421 -0.22 -49.32 10.31
C LEU B 421 0.06 -49.75 8.88
N ALA B 422 1.22 -49.39 8.35
CA ALA B 422 1.57 -49.79 6.98
C ALA B 422 1.67 -51.31 6.87
N VAL B 423 2.37 -51.93 7.81
CA VAL B 423 2.50 -53.38 7.78
C VAL B 423 1.14 -54.04 7.92
N TYR B 424 0.31 -53.54 8.85
CA TYR B 424 -1.00 -54.14 9.04
C TYR B 424 -1.91 -53.92 7.83
N SER B 425 -1.75 -52.80 7.13
CA SER B 425 -2.54 -52.56 5.93
C SER B 425 -2.16 -53.52 4.82
N ILE B 426 -0.87 -53.76 4.64
CA ILE B 426 -0.46 -54.76 3.65
C ILE B 426 -0.99 -56.13 4.04
N ALA B 427 -0.97 -56.45 5.33
CA ALA B 427 -1.50 -57.73 5.78
C ALA B 427 -2.99 -57.85 5.48
N HIS B 428 -3.75 -56.78 5.72
CA HIS B 428 -5.19 -56.84 5.46
C HIS B 428 -5.48 -56.88 3.97
N ALA B 429 -4.65 -56.26 3.15
CA ALA B 429 -4.80 -56.42 1.70
C ALA B 429 -4.61 -57.87 1.30
N LEU B 430 -3.56 -58.52 1.82
CA LEU B 430 -3.37 -59.93 1.55
C LEU B 430 -4.54 -60.77 2.06
N GLN B 431 -5.11 -60.37 3.20
CA GLN B 431 -6.26 -61.08 3.74
C GLN B 431 -7.47 -60.97 2.80
N ASP B 432 -7.79 -59.75 2.37
CA ASP B 432 -8.85 -59.56 1.39
C ASP B 432 -8.62 -60.42 0.16
N ILE B 433 -7.35 -60.51 -0.29
CA ILE B 433 -7.04 -61.41 -1.39
C ILE B 433 -7.36 -62.86 -1.00
N TYR B 434 -7.15 -63.21 0.26
CA TYR B 434 -7.28 -64.60 0.68
C TYR B 434 -8.73 -65.03 0.89
N THR B 435 -9.56 -64.18 1.49
CA THR B 435 -10.94 -64.53 1.79
C THR B 435 -11.89 -64.16 0.67
N CYS B 436 -11.40 -64.11 -0.56
CA CYS B 436 -12.22 -63.78 -1.72
C CYS B 436 -12.95 -65.02 -2.22
N THR B 437 -14.10 -64.78 -2.87
CA THR B 437 -14.96 -65.85 -3.37
C THR B 437 -15.20 -65.61 -4.85
N PRO B 438 -15.19 -66.65 -5.69
CA PRO B 438 -15.37 -66.44 -7.13
C PRO B 438 -16.68 -65.75 -7.45
N GLY B 439 -16.65 -64.95 -8.52
CA GLY B 439 -17.79 -64.17 -8.93
C GLY B 439 -17.94 -62.84 -8.22
N LYS B 440 -17.28 -62.66 -7.08
CA LYS B 440 -17.33 -61.42 -6.32
C LYS B 440 -15.98 -60.71 -6.28
N GLY B 441 -14.99 -61.20 -7.02
CA GLY B 441 -13.68 -60.59 -7.03
C GLY B 441 -13.70 -59.22 -7.70
N LEU B 442 -12.55 -58.56 -7.64
CA LEU B 442 -12.40 -57.23 -8.21
C LEU B 442 -11.82 -57.23 -9.61
N PHE B 443 -11.14 -58.31 -10.01
CA PHE B 443 -10.50 -58.38 -11.31
C PHE B 443 -11.53 -58.64 -12.41
N THR B 444 -11.00 -58.86 -13.62
CA THR B 444 -11.84 -58.98 -14.82
C THR B 444 -12.99 -59.96 -14.62
N ASN B 445 -14.13 -59.65 -15.24
CA ASN B 445 -15.35 -60.45 -15.23
C ASN B 445 -15.81 -60.87 -13.84
N GLY B 446 -15.34 -60.18 -12.80
CA GLY B 446 -15.65 -60.58 -11.44
C GLY B 446 -14.77 -61.72 -10.97
N SER B 447 -13.74 -62.05 -11.75
CA SER B 447 -12.83 -63.12 -11.37
C SER B 447 -11.92 -62.65 -10.25
N CYS B 448 -11.25 -63.60 -9.63
CA CYS B 448 -10.51 -63.33 -8.41
C CYS B 448 -9.20 -64.12 -8.46
N ALA B 449 -8.24 -63.72 -7.65
CA ALA B 449 -6.87 -64.23 -7.75
C ALA B 449 -6.56 -65.24 -6.65
N ASP B 450 -5.58 -66.10 -6.94
CA ASP B 450 -5.11 -67.10 -5.99
C ASP B 450 -3.95 -66.54 -5.17
N ILE B 451 -3.98 -66.84 -3.87
CA ILE B 451 -2.99 -66.25 -2.96
C ILE B 451 -1.63 -66.93 -3.05
N LYS B 452 -1.57 -68.19 -3.49
CA LYS B 452 -0.30 -68.88 -3.53
C LYS B 452 0.60 -68.41 -4.66
N LYS B 453 0.05 -67.73 -5.67
CA LYS B 453 0.82 -67.18 -6.78
C LYS B 453 0.44 -65.72 -6.97
N VAL B 454 0.36 -64.99 -5.86
CA VAL B 454 -0.07 -63.60 -5.91
C VAL B 454 1.03 -62.73 -6.53
N GLU B 455 0.62 -61.74 -7.30
CA GLU B 455 1.52 -60.81 -7.98
C GLU B 455 1.36 -59.42 -7.39
N ALA B 456 2.25 -58.52 -7.79
CA ALA B 456 2.33 -57.21 -7.15
C ALA B 456 1.13 -56.34 -7.51
N TRP B 457 0.77 -56.28 -8.80
CA TRP B 457 -0.32 -55.40 -9.20
C TRP B 457 -1.64 -55.84 -8.58
N GLN B 458 -1.80 -57.12 -8.27
CA GLN B 458 -3.00 -57.57 -7.60
C GLN B 458 -3.08 -57.01 -6.19
N VAL B 459 -1.98 -57.08 -5.44
CA VAL B 459 -1.95 -56.49 -4.11
C VAL B 459 -2.16 -54.98 -4.19
N LEU B 460 -1.66 -54.34 -5.25
CA LEU B 460 -1.89 -52.91 -5.42
C LEU B 460 -3.37 -52.62 -5.61
N LYS B 461 -4.01 -53.36 -6.53
CA LYS B 461 -5.44 -53.19 -6.77
C LYS B 461 -6.23 -53.38 -5.49
N HIS B 462 -5.87 -54.38 -4.68
CA HIS B 462 -6.55 -54.57 -3.41
C HIS B 462 -6.26 -53.44 -2.43
N LEU B 463 -5.06 -52.89 -2.47
CA LEU B 463 -4.70 -51.80 -1.56
C LEU B 463 -5.47 -50.53 -1.88
N ARG B 464 -5.74 -50.27 -3.16
CA ARG B 464 -6.50 -49.08 -3.49
C ARG B 464 -7.90 -49.11 -2.89
N HIS B 465 -8.52 -50.28 -2.82
CA HIS B 465 -9.85 -50.44 -2.27
C HIS B 465 -9.83 -50.97 -0.84
N LEU B 466 -8.79 -50.65 -0.08
CA LEU B 466 -8.65 -51.17 1.26
C LEU B 466 -9.45 -50.33 2.25
N ASN B 467 -10.09 -51.02 3.20
CA ASN B 467 -10.92 -50.36 4.19
C ASN B 467 -11.03 -51.31 5.38
N PHE B 468 -10.36 -50.97 6.49
CA PHE B 468 -10.42 -51.84 7.66
C PHE B 468 -10.39 -51.01 8.93
N THR B 469 -10.39 -51.69 10.06
CA THR B 469 -10.38 -51.06 11.37
C THR B 469 -9.06 -51.33 12.08
N SER B 470 -8.52 -50.29 12.70
CA SER B 470 -7.25 -50.40 13.40
C SER B 470 -7.44 -51.16 14.71
N ASN B 471 -6.36 -51.34 15.46
CA ASN B 471 -6.48 -51.94 16.79
C ASN B 471 -7.15 -50.98 17.75
N MET B 472 -7.02 -49.68 17.53
CA MET B 472 -7.66 -48.66 18.35
C MET B 472 -9.08 -48.35 17.90
N GLY B 473 -9.55 -48.99 16.83
CA GLY B 473 -10.93 -48.81 16.40
C GLY B 473 -11.18 -47.67 15.46
N GLU B 474 -10.19 -47.23 14.69
CA GLU B 474 -10.40 -46.21 13.67
C GLU B 474 -10.47 -46.85 12.30
N GLN B 475 -10.97 -46.09 11.33
CA GLN B 475 -11.21 -46.57 9.99
C GLN B 475 -10.02 -46.20 9.10
N VAL B 476 -9.17 -47.19 8.83
CA VAL B 476 -8.08 -47.00 7.89
C VAL B 476 -8.62 -47.19 6.48
N ASP B 477 -8.49 -46.15 5.65
CA ASP B 477 -9.03 -46.14 4.30
C ASP B 477 -8.24 -45.12 3.51
N PHE B 478 -7.51 -45.58 2.49
CA PHE B 478 -6.70 -44.68 1.69
C PHE B 478 -7.58 -43.86 0.75
N ASP B 479 -7.37 -42.54 0.77
CA ASP B 479 -8.05 -41.64 -0.14
C ASP B 479 -7.72 -42.01 -1.59
N GLU B 480 -8.52 -41.48 -2.52
CA GLU B 480 -8.27 -41.69 -3.94
C GLU B 480 -6.88 -41.24 -4.37
N PHE B 481 -6.17 -40.46 -3.55
CA PHE B 481 -4.79 -40.10 -3.81
C PHE B 481 -3.82 -40.97 -3.01
N GLY B 482 -4.31 -41.99 -2.32
CA GLY B 482 -3.46 -42.89 -1.58
C GLY B 482 -2.80 -42.26 -0.37
N ASP B 483 -3.58 -41.63 0.50
CA ASP B 483 -3.05 -41.05 1.73
C ASP B 483 -4.19 -40.80 2.69
N LEU B 484 -4.04 -41.25 3.93
CA LEU B 484 -5.07 -41.08 4.94
C LEU B 484 -4.75 -39.85 5.80
N VAL B 485 -5.79 -39.12 6.16
CA VAL B 485 -5.65 -37.86 6.89
C VAL B 485 -5.65 -38.12 8.39
N GLY B 486 -5.20 -37.12 9.14
CA GLY B 486 -5.19 -37.19 10.59
C GLY B 486 -5.01 -35.82 11.20
N ASN B 487 -5.31 -35.73 12.48
CA ASN B 487 -5.21 -34.46 13.18
C ASN B 487 -3.75 -34.16 13.54
N TYR B 488 -3.50 -32.91 13.92
CA TYR B 488 -2.17 -32.51 14.36
C TYR B 488 -2.21 -32.12 15.83
N SER B 489 -1.24 -32.59 16.59
CA SER B 489 -1.01 -32.10 17.94
C SER B 489 0.02 -30.99 17.87
N ILE B 490 -0.11 -30.00 18.76
CA ILE B 490 0.74 -28.82 18.72
C ILE B 490 1.50 -28.76 20.03
N ILE B 491 2.83 -28.86 19.94
CA ILE B 491 3.69 -28.95 21.10
C ILE B 491 4.54 -27.69 21.19
N ASN B 492 5.09 -27.47 22.37
CA ASN B 492 5.94 -26.32 22.66
C ASN B 492 7.10 -26.78 23.52
N TRP B 493 8.30 -26.35 23.17
CA TRP B 493 9.49 -26.86 23.84
C TRP B 493 9.59 -26.35 25.26
N HIS B 494 9.79 -27.25 26.20
CA HIS B 494 10.01 -26.87 27.60
C HIS B 494 11.34 -27.42 28.09
N LEU B 495 11.73 -27.05 29.30
CA LEU B 495 12.95 -27.53 29.92
C LEU B 495 12.60 -28.35 31.14
N SER B 496 12.99 -29.62 31.14
CA SER B 496 12.68 -30.51 32.25
C SER B 496 13.41 -30.05 33.50
N PRO B 497 12.71 -29.89 34.63
CA PRO B 497 13.40 -29.42 35.85
C PRO B 497 14.40 -30.41 36.41
N GLU B 498 14.20 -31.72 36.18
CA GLU B 498 15.05 -32.71 36.84
C GLU B 498 16.40 -32.84 36.16
N ASP B 499 16.42 -33.37 34.94
CA ASP B 499 17.69 -33.63 34.25
C ASP B 499 18.15 -32.42 33.44
N GLY B 500 17.25 -31.84 32.65
CA GLY B 500 17.61 -30.69 31.86
C GLY B 500 17.35 -30.87 30.36
N SER B 501 16.79 -32.00 29.97
CA SER B 501 16.51 -32.26 28.57
C SER B 501 15.33 -31.43 28.10
N VAL B 502 15.23 -31.25 26.79
CA VAL B 502 14.08 -30.58 26.22
C VAL B 502 12.89 -31.52 26.28
N VAL B 503 11.74 -30.99 26.73
CA VAL B 503 10.53 -31.78 26.89
C VAL B 503 9.43 -31.14 26.05
N PHE B 504 8.72 -31.97 25.30
CA PHE B 504 7.67 -31.51 24.39
C PHE B 504 6.33 -31.68 25.08
N GLU B 505 5.75 -30.58 25.53
CA GLU B 505 4.43 -30.59 26.14
C GLU B 505 3.39 -30.16 25.13
N GLU B 506 2.28 -30.90 25.09
CA GLU B 506 1.21 -30.61 24.15
C GLU B 506 0.43 -29.41 24.62
N VAL B 507 0.35 -28.38 23.78
CA VAL B 507 -0.35 -27.15 24.12
C VAL B 507 -1.49 -26.84 23.17
N GLY B 508 -1.69 -27.63 22.13
CA GLY B 508 -2.78 -27.31 21.23
C GLY B 508 -3.17 -28.46 20.33
N HIS B 509 -4.23 -28.21 19.57
CA HIS B 509 -4.82 -29.19 18.67
C HIS B 509 -5.14 -28.53 17.35
N TYR B 510 -5.13 -29.32 16.29
CA TYR B 510 -5.50 -28.84 14.96
C TYR B 510 -6.31 -29.95 14.29
N ASN B 511 -7.62 -29.72 14.19
CA ASN B 511 -8.54 -30.65 13.56
C ASN B 511 -8.72 -30.26 12.11
N VAL B 512 -8.44 -31.19 11.20
CA VAL B 512 -8.58 -30.91 9.77
C VAL B 512 -9.99 -31.15 9.26
N TYR B 513 -10.87 -31.76 10.05
CA TYR B 513 -12.23 -32.03 9.63
C TYR B 513 -13.16 -30.84 9.83
N ALA B 514 -12.89 -29.98 10.81
CA ALA B 514 -13.73 -28.83 11.02
C ALA B 514 -13.62 -27.86 9.84
N LYS B 515 -14.66 -27.05 9.66
CA LYS B 515 -14.68 -26.14 8.54
C LYS B 515 -13.64 -25.04 8.71
N LYS B 516 -13.22 -24.47 7.58
CA LYS B 516 -12.11 -23.52 7.57
C LYS B 516 -12.41 -22.32 8.45
N GLY B 517 -11.56 -22.12 9.46
CA GLY B 517 -11.67 -21.00 10.38
C GLY B 517 -11.74 -21.42 11.84
N GLU B 518 -12.25 -22.62 12.11
CA GLU B 518 -12.41 -23.12 13.46
C GLU B 518 -11.64 -24.42 13.65
N ARG B 519 -10.49 -24.52 13.00
CA ARG B 519 -9.66 -25.72 13.05
C ARG B 519 -8.63 -25.67 14.16
N LEU B 520 -7.93 -24.54 14.30
CA LEU B 520 -6.89 -24.39 15.30
C LEU B 520 -7.48 -24.23 16.69
N PHE B 521 -6.80 -24.76 17.69
CA PHE B 521 -7.17 -24.52 19.08
C PHE B 521 -5.92 -24.54 19.93
N ILE B 522 -5.52 -23.39 20.46
CA ILE B 522 -4.30 -23.27 21.25
C ILE B 522 -4.69 -22.97 22.69
N ASN B 523 -3.86 -23.42 23.62
CA ASN B 523 -4.09 -23.23 25.06
C ASN B 523 -2.99 -22.30 25.57
N GLU B 524 -3.27 -20.99 25.53
CA GLU B 524 -2.28 -19.96 25.84
C GLU B 524 -1.66 -20.10 27.22
N ASN B 525 -2.35 -20.73 28.18
CA ASN B 525 -1.85 -20.76 29.54
C ASN B 525 -0.62 -21.65 29.70
N LYS B 526 -0.36 -22.55 28.76
CA LYS B 526 0.78 -23.45 28.86
C LYS B 526 2.01 -22.97 28.09
N ILE B 527 1.81 -22.14 27.07
CA ILE B 527 2.95 -21.62 26.32
C ILE B 527 3.73 -20.64 27.18
N LEU B 528 5.04 -20.82 27.24
CA LEU B 528 5.94 -19.87 27.87
C LEU B 528 6.87 -19.31 26.81
N TRP B 529 7.00 -17.99 26.78
CA TRP B 529 7.78 -17.30 25.76
C TRP B 529 9.13 -16.89 26.33
N SER B 530 10.19 -17.13 25.56
CA SER B 530 11.55 -16.75 25.89
C SER B 530 12.01 -17.28 27.24
N GLY B 531 11.30 -18.26 27.80
CA GLY B 531 11.68 -18.85 29.06
C GLY B 531 11.11 -18.18 30.30
N PHE B 532 10.93 -16.87 30.25
CA PHE B 532 10.50 -16.18 31.47
C PHE B 532 9.21 -15.38 31.31
N SER B 533 9.02 -14.68 30.19
CA SER B 533 7.86 -13.82 30.05
C SER B 533 6.62 -14.64 29.77
N LYS B 534 5.45 -14.00 29.91
CA LYS B 534 4.19 -14.66 29.63
C LYS B 534 3.23 -13.74 28.88
N GLU B 535 3.75 -12.88 28.01
CA GLU B 535 2.94 -12.16 27.04
C GLU B 535 3.53 -12.38 25.66
N VAL B 536 2.66 -12.57 24.67
CA VAL B 536 3.08 -12.87 23.30
C VAL B 536 3.93 -11.72 22.77
N PRO B 537 5.16 -12.00 22.32
CA PRO B 537 6.02 -10.92 21.83
C PRO B 537 5.41 -10.22 20.62
N PHE B 538 5.95 -9.04 20.34
CA PHE B 538 5.51 -8.20 19.24
C PHE B 538 6.44 -8.42 18.05
N SER B 539 5.86 -8.77 16.91
CA SER B 539 6.64 -9.03 15.70
C SER B 539 5.96 -8.43 14.47
N ASN B 540 5.52 -7.18 14.57
CA ASN B 540 4.93 -6.50 13.43
C ASN B 540 5.95 -5.59 12.76
N CYS B 541 5.71 -5.29 11.49
CA CYS B 541 6.62 -4.44 10.73
C CYS B 541 6.64 -3.03 11.28
N SER B 542 5.47 -2.50 11.66
CA SER B 542 5.35 -1.17 12.23
C SER B 542 4.30 -1.18 13.34
N ARG B 543 4.45 -0.27 14.30
CA ARG B 543 3.48 -0.10 15.36
C ARG B 543 2.14 0.34 14.79
N ASP B 544 1.08 0.15 15.59
CA ASP B 544 -0.28 0.39 15.12
C ASP B 544 -0.56 1.88 14.97
N CYS B 545 -1.72 2.18 14.39
CA CYS B 545 -2.18 3.55 14.17
C CYS B 545 -3.18 3.92 15.25
N LEU B 546 -2.83 4.91 16.06
CA LEU B 546 -3.73 5.40 17.09
C LEU B 546 -4.87 6.21 16.46
N PRO B 547 -5.98 6.37 17.16
CA PRO B 547 -7.06 7.21 16.64
C PRO B 547 -6.60 8.64 16.46
N GLY B 548 -7.09 9.28 15.39
CA GLY B 548 -6.69 10.61 15.02
C GLY B 548 -5.64 10.67 13.94
N THR B 549 -4.96 9.58 13.68
CA THR B 549 -3.93 9.50 12.65
C THR B 549 -4.40 8.61 11.51
N ARG B 550 -3.52 8.43 10.52
CA ARG B 550 -3.79 7.55 9.40
C ARG B 550 -2.48 7.00 8.87
N LYS B 551 -2.59 5.93 8.09
CA LYS B 551 -1.42 5.27 7.54
C LYS B 551 -0.83 6.07 6.39
N GLY B 552 0.50 6.00 6.29
CA GLY B 552 1.22 6.67 5.22
C GLY B 552 2.22 5.77 4.56
N ILE B 553 2.25 5.80 3.22
CA ILE B 553 3.08 4.89 2.46
C ILE B 553 4.56 5.19 2.68
N ILE B 554 5.34 4.15 2.87
CA ILE B 554 6.78 4.19 2.65
C ILE B 554 7.04 3.58 1.28
N GLU B 555 7.83 4.28 0.46
CA GLU B 555 7.81 4.02 -0.98
C GLU B 555 8.31 2.61 -1.30
N GLY B 556 9.29 2.12 -0.57
CA GLY B 556 9.91 0.85 -0.93
C GLY B 556 9.46 -0.34 -0.11
N GLU B 557 9.04 -0.10 1.13
CA GLU B 557 8.68 -1.18 2.02
C GLU B 557 7.40 -1.88 1.55
N PRO B 558 7.13 -3.09 2.05
CA PRO B 558 5.88 -3.77 1.67
C PRO B 558 4.64 -3.14 2.28
N THR B 559 3.49 -3.79 2.10
CA THR B 559 2.22 -3.16 2.45
C THR B 559 2.00 -3.07 3.95
N CYS B 560 2.74 -3.83 4.75
CA CYS B 560 2.40 -4.04 6.15
C CYS B 560 3.22 -3.20 7.12
N CYS B 561 4.04 -2.28 6.62
CA CYS B 561 4.72 -1.32 7.48
C CYS B 561 4.72 0.05 6.84
N PHE B 562 4.24 1.03 7.59
CA PHE B 562 3.85 2.34 7.10
C PHE B 562 4.39 3.38 8.07
N GLU B 563 3.84 4.59 7.98
CA GLU B 563 4.10 5.62 8.97
C GLU B 563 2.76 6.16 9.47
N CYS B 564 2.81 6.93 10.54
CA CYS B 564 1.62 7.53 11.15
C CYS B 564 1.62 9.02 10.84
N VAL B 565 0.65 9.47 10.05
CA VAL B 565 0.54 10.91 9.78
C VAL B 565 -0.77 11.41 10.38
N ASP B 566 -0.78 12.69 10.72
CA ASP B 566 -1.90 13.25 11.47
C ASP B 566 -3.03 13.66 10.55
N CYS B 567 -4.27 13.42 11.00
CA CYS B 567 -5.42 13.89 10.25
C CYS B 567 -5.52 15.40 10.33
N PRO B 568 -5.80 16.08 9.23
CA PRO B 568 -5.90 17.54 9.26
C PRO B 568 -7.16 17.99 10.01
N ASP B 569 -7.18 19.27 10.36
CA ASP B 569 -8.34 19.82 11.03
C ASP B 569 -9.52 19.88 10.07
N GLY B 570 -10.67 19.43 10.53
CA GLY B 570 -11.83 19.23 9.68
C GLY B 570 -12.08 17.79 9.34
N GLU B 571 -11.17 16.89 9.68
CA GLU B 571 -11.33 15.47 9.45
C GLU B 571 -10.96 14.71 10.72
N TYR B 572 -11.51 13.52 10.85
CA TYR B 572 -11.35 12.72 12.06
C TYR B 572 -11.14 11.26 11.69
N SER B 573 -10.62 10.50 12.65
CA SER B 573 -10.37 9.07 12.44
C SER B 573 -10.47 8.39 13.80
N ASP B 574 -11.62 7.78 14.07
CA ASP B 574 -11.82 7.08 15.34
C ASP B 574 -11.23 5.67 15.29
N GLU B 575 -11.40 4.98 14.17
CA GLU B 575 -10.91 3.62 14.04
C GLU B 575 -9.39 3.58 14.13
N THR B 576 -8.89 2.50 14.73
CA THR B 576 -7.46 2.23 14.73
C THR B 576 -7.06 1.55 13.43
N ASP B 577 -5.83 1.82 12.99
CA ASP B 577 -5.34 1.37 11.70
C ASP B 577 -6.28 1.80 10.58
N ALA B 578 -6.45 3.12 10.47
CA ALA B 578 -7.29 3.70 9.44
C ALA B 578 -6.45 4.09 8.23
N SER B 579 -6.99 3.86 7.04
CA SER B 579 -6.28 4.15 5.80
C SER B 579 -6.47 5.59 5.33
N ALA B 580 -7.51 6.26 5.79
CA ALA B 580 -7.78 7.64 5.39
C ALA B 580 -8.69 8.30 6.41
N CYS B 581 -8.56 9.61 6.54
CA CYS B 581 -9.40 10.37 7.44
C CYS B 581 -10.75 10.65 6.79
N ASP B 582 -11.76 10.84 7.64
CA ASP B 582 -13.12 11.09 7.19
C ASP B 582 -13.51 12.53 7.51
N LYS B 583 -14.27 13.15 6.61
CA LYS B 583 -14.76 14.51 6.80
C LYS B 583 -16.16 14.48 7.40
N CYS B 584 -16.32 15.09 8.57
CA CYS B 584 -17.64 15.21 9.15
C CYS B 584 -18.50 16.19 8.35
N PRO B 585 -19.83 16.05 8.43
CA PRO B 585 -20.71 16.83 7.56
C PRO B 585 -20.77 18.32 7.86
N GLU B 586 -21.66 19.00 7.14
CA GLU B 586 -21.80 20.44 7.25
C GLU B 586 -22.06 20.89 8.68
N ASP B 587 -22.80 20.10 9.44
CA ASP B 587 -23.20 20.51 10.78
C ASP B 587 -22.07 20.41 11.81
N TYR B 588 -21.03 19.63 11.53
CA TYR B 588 -20.06 19.26 12.55
C TYR B 588 -18.66 19.71 12.18
N TRP B 589 -17.76 19.54 13.14
CA TRP B 589 -16.35 19.89 12.98
C TRP B 589 -15.52 18.94 13.82
N SER B 590 -14.25 18.79 13.43
CA SER B 590 -13.37 17.85 14.12
C SER B 590 -13.18 18.25 15.59
N ASN B 591 -12.81 17.27 16.40
CA ASN B 591 -12.45 17.50 17.79
C ASN B 591 -11.04 18.08 17.83
N GLU B 592 -10.47 18.20 19.03
CA GLU B 592 -9.08 18.59 19.12
C GLU B 592 -8.15 17.43 18.78
N ASN B 593 -8.45 16.24 19.28
CA ASN B 593 -7.68 15.04 18.99
C ASN B 593 -8.05 14.42 17.65
N HIS B 594 -8.91 15.08 16.86
CA HIS B 594 -9.39 14.55 15.59
C HIS B 594 -9.96 13.15 15.74
N THR B 595 -10.55 12.90 16.91
CA THR B 595 -11.11 11.57 17.22
C THR B 595 -12.54 11.42 16.77
N SER B 596 -13.42 12.32 17.19
CA SER B 596 -14.80 12.36 16.73
C SER B 596 -15.17 13.80 16.46
N CYS B 597 -16.18 14.01 15.62
CA CYS B 597 -16.61 15.35 15.27
C CYS B 597 -17.78 15.77 16.16
N ILE B 598 -17.69 17.01 16.65
CA ILE B 598 -18.66 17.63 17.54
C ILE B 598 -19.46 18.65 16.75
N PRO B 599 -20.70 18.98 17.15
CA PRO B 599 -21.49 19.91 16.35
C PRO B 599 -20.87 21.30 16.31
N LYS B 600 -21.19 22.03 15.26
CA LYS B 600 -20.67 23.38 15.09
C LYS B 600 -21.37 24.34 16.04
N GLN B 601 -21.05 25.62 15.94
CA GLN B 601 -21.70 26.65 16.75
C GLN B 601 -22.34 27.65 15.81
N ILE B 602 -23.66 27.64 15.74
CA ILE B 602 -24.39 28.61 14.94
C ILE B 602 -24.46 29.92 15.72
N GLU B 603 -24.16 31.03 15.04
CA GLU B 603 -24.11 32.33 15.69
C GLU B 603 -25.26 33.19 15.17
N PHE B 604 -26.38 33.15 15.88
CA PHE B 604 -27.47 34.08 15.67
C PHE B 604 -27.85 34.69 17.01
N LEU B 605 -28.38 35.91 16.95
CA LEU B 605 -28.68 36.65 18.16
C LEU B 605 -29.80 35.95 18.92
N SER B 606 -29.57 35.70 20.20
CA SER B 606 -30.58 35.08 21.03
C SER B 606 -31.50 36.16 21.60
N TRP B 607 -32.38 35.76 22.50
CA TRP B 607 -33.14 36.69 23.32
C TRP B 607 -32.60 36.74 24.74
N THR B 608 -31.92 35.68 25.16
CA THR B 608 -31.24 35.64 26.45
C THR B 608 -29.80 36.16 26.38
N GLU B 609 -29.29 36.47 25.19
CA GLU B 609 -27.95 37.02 25.09
C GLU B 609 -27.88 38.35 25.82
N PRO B 610 -26.77 38.64 26.55
CA PRO B 610 -26.66 39.90 27.30
C PRO B 610 -27.05 41.15 26.52
N PHE B 611 -26.42 41.36 25.36
CA PHE B 611 -26.79 42.52 24.55
C PHE B 611 -28.25 42.43 24.11
N GLY B 612 -28.73 41.22 23.83
CA GLY B 612 -30.14 41.07 23.51
C GLY B 612 -31.03 41.56 24.65
N ILE B 613 -30.68 41.21 25.88
CA ILE B 613 -31.48 41.65 27.03
C ILE B 613 -31.42 43.16 27.18
N ALA B 614 -30.21 43.73 27.04
CA ALA B 614 -30.07 45.18 27.15
C ALA B 614 -30.96 45.89 26.13
N LEU B 615 -30.95 45.43 24.89
CA LEU B 615 -31.69 46.14 23.86
C LEU B 615 -33.20 45.89 23.97
N THR B 616 -33.63 44.69 24.35
CA THR B 616 -35.08 44.50 24.48
C THR B 616 -35.62 45.27 25.68
N LEU B 617 -34.84 45.38 26.77
CA LEU B 617 -35.30 46.22 27.88
C LEU B 617 -35.32 47.69 27.47
N PHE B 618 -34.33 48.12 26.68
CA PHE B 618 -34.38 49.45 26.10
C PHE B 618 -35.69 49.67 25.34
N ALA B 619 -36.05 48.70 24.50
CA ALA B 619 -37.25 48.83 23.67
C ALA B 619 -38.50 48.90 24.52
N VAL B 620 -38.62 48.01 25.51
CA VAL B 620 -39.85 47.99 26.30
C VAL B 620 -39.96 49.25 27.15
N LEU B 621 -38.85 49.77 27.67
CA LEU B 621 -38.93 50.99 28.46
C LEU B 621 -39.32 52.17 27.59
N GLY B 622 -38.68 52.31 26.42
CA GLY B 622 -39.09 53.36 25.49
C GLY B 622 -40.54 53.27 25.09
N ILE B 623 -41.02 52.05 24.84
CA ILE B 623 -42.40 51.87 24.41
C ILE B 623 -43.36 52.24 25.53
N PHE B 624 -43.02 51.91 26.76
CA PHE B 624 -43.94 52.28 27.84
C PHE B 624 -43.86 53.77 28.14
N LEU B 625 -42.72 54.42 27.88
CA LEU B 625 -42.72 55.87 27.95
C LEU B 625 -43.60 56.49 26.88
N THR B 626 -43.62 55.91 25.67
CA THR B 626 -44.57 56.34 24.66
C THR B 626 -46.00 56.21 25.17
N SER B 627 -46.32 55.04 25.74
CA SER B 627 -47.66 54.82 26.27
C SER B 627 -47.98 55.77 27.42
N PHE B 628 -46.96 56.17 28.19
CA PHE B 628 -47.18 57.14 29.25
C PHE B 628 -47.49 58.51 28.68
N VAL B 629 -46.81 58.89 27.61
CA VAL B 629 -47.16 60.12 26.89
C VAL B 629 -48.60 60.06 26.41
N LEU B 630 -49.00 58.90 25.89
CA LEU B 630 -50.39 58.75 25.43
C LEU B 630 -51.37 58.85 26.59
N GLY B 631 -51.00 58.31 27.75
CA GLY B 631 -51.86 58.46 28.92
C GLY B 631 -51.98 59.89 29.39
N VAL B 632 -50.87 60.63 29.39
CA VAL B 632 -50.90 62.05 29.68
C VAL B 632 -51.85 62.77 28.74
N PHE B 633 -51.80 62.42 27.45
CA PHE B 633 -52.72 63.03 26.50
C PHE B 633 -54.16 62.62 26.79
N THR B 634 -54.37 61.37 27.22
CA THR B 634 -55.71 60.92 27.56
C THR B 634 -56.27 61.70 28.75
N LYS B 635 -55.40 62.07 29.68
CA LYS B 635 -55.85 62.85 30.83
C LYS B 635 -56.30 64.25 30.41
N PHE B 636 -55.54 64.88 29.52
CA PHE B 636 -55.71 66.28 29.17
C PHE B 636 -55.84 66.46 27.66
N ARG B 637 -56.75 65.68 27.06
CA ARG B 637 -56.96 65.78 25.62
C ARG B 637 -57.73 67.04 25.25
N ASN B 638 -58.87 67.28 25.92
CA ASN B 638 -59.79 68.35 25.56
C ASN B 638 -59.42 69.68 26.20
N THR B 639 -58.18 69.87 26.59
CA THR B 639 -57.70 71.18 27.00
C THR B 639 -56.75 71.70 25.92
N PRO B 640 -57.29 72.40 24.92
CA PRO B 640 -56.48 72.73 23.73
C PRO B 640 -55.53 73.89 23.94
N ILE B 641 -55.16 74.16 25.20
CA ILE B 641 -54.17 75.18 25.50
C ILE B 641 -52.97 75.05 24.58
N VAL B 642 -52.51 73.82 24.35
CA VAL B 642 -51.55 73.54 23.29
C VAL B 642 -52.06 72.47 22.33
N LYS B 643 -53.03 71.65 22.74
CA LYS B 643 -53.64 70.66 21.86
C LYS B 643 -54.53 71.27 20.80
N ALA B 644 -54.66 72.60 20.75
CA ALA B 644 -55.38 73.25 19.66
C ALA B 644 -54.75 72.94 18.31
N THR B 645 -53.52 72.43 18.29
CA THR B 645 -52.89 71.94 17.08
C THR B 645 -53.63 70.70 16.59
N ASN B 646 -53.16 70.09 15.50
CA ASN B 646 -53.88 68.99 14.88
C ASN B 646 -53.79 67.74 15.76
N ARG B 647 -54.83 67.53 16.58
CA ARG B 647 -54.83 66.40 17.52
C ARG B 647 -54.68 65.07 16.79
N GLU B 648 -55.37 64.90 15.66
CA GLU B 648 -55.27 63.64 14.93
C GLU B 648 -53.87 63.44 14.38
N LEU B 649 -53.25 64.50 13.87
CA LEU B 649 -51.85 64.41 13.46
C LEU B 649 -50.96 64.00 14.63
N SER B 650 -51.24 64.51 15.83
CA SER B 650 -50.48 64.09 17.00
C SER B 650 -50.66 62.60 17.26
N TYR B 651 -51.90 62.11 17.18
CA TYR B 651 -52.16 60.70 17.41
C TYR B 651 -51.46 59.84 16.38
N LEU B 652 -51.45 60.27 15.12
CA LEU B 652 -50.82 59.49 14.06
C LEU B 652 -49.30 59.48 14.21
N LEU B 653 -48.72 60.63 14.55
CA LEU B 653 -47.29 60.66 14.87
C LEU B 653 -46.96 59.72 16.02
N LEU B 654 -47.80 59.72 17.05
CA LEU B 654 -47.56 58.83 18.20
C LEU B 654 -47.68 57.37 17.80
N PHE B 655 -48.64 57.05 16.94
CA PHE B 655 -48.77 55.67 16.47
C PHE B 655 -47.55 55.27 15.65
N SER B 656 -47.07 56.18 14.79
CA SER B 656 -45.84 55.94 14.06
C SER B 656 -44.68 55.70 15.02
N LEU B 657 -44.64 56.44 16.12
CA LEU B 657 -43.58 56.24 17.11
C LEU B 657 -43.67 54.85 17.74
N LEU B 658 -44.86 54.47 18.19
CA LEU B 658 -44.98 53.16 18.84
C LEU B 658 -44.62 52.04 17.89
N CYS B 659 -45.08 52.10 16.64
CA CYS B 659 -44.78 51.01 15.71
C CYS B 659 -43.30 51.03 15.31
N CYS B 660 -42.68 52.20 15.21
CA CYS B 660 -41.24 52.25 14.98
C CYS B 660 -40.49 51.61 16.13
N PHE B 661 -40.89 51.91 17.37
CA PHE B 661 -40.24 51.30 18.52
C PHE B 661 -40.44 49.79 18.52
N SER B 662 -41.64 49.33 18.15
CA SER B 662 -41.94 47.91 18.17
C SER B 662 -41.30 47.15 17.02
N SER B 663 -40.90 47.85 15.95
CA SER B 663 -40.21 47.19 14.85
C SER B 663 -38.91 46.53 15.29
N SER B 664 -38.39 46.88 16.46
CA SER B 664 -37.16 46.28 16.94
C SER B 664 -37.29 44.78 17.11
N LEU B 665 -38.41 44.31 17.66
CA LEU B 665 -38.58 42.91 18.01
C LEU B 665 -38.31 41.99 16.81
N PHE B 666 -38.45 42.50 15.60
CA PHE B 666 -38.30 41.68 14.40
C PHE B 666 -36.85 41.46 14.01
N PHE B 667 -35.89 41.76 14.89
CA PHE B 667 -34.49 41.50 14.61
C PHE B 667 -33.80 40.92 15.83
N ILE B 668 -34.46 39.98 16.51
CA ILE B 668 -33.94 39.41 17.76
C ILE B 668 -33.62 37.93 17.63
N GLY B 669 -34.49 37.15 16.96
CA GLY B 669 -34.37 35.72 16.94
C GLY B 669 -33.83 35.18 15.63
N GLU B 670 -33.92 33.86 15.49
CA GLU B 670 -33.45 33.21 14.28
C GLU B 670 -34.30 33.65 13.08
N PRO B 671 -33.68 33.94 11.95
CA PRO B 671 -34.44 34.44 10.80
C PRO B 671 -35.09 33.33 10.01
N GLN B 672 -36.42 33.27 10.06
CA GLN B 672 -37.17 32.61 9.01
C GLN B 672 -37.41 33.60 7.88
N ASN B 673 -37.97 33.12 6.76
CA ASN B 673 -38.27 34.05 5.67
C ASN B 673 -39.42 34.98 6.06
N TRP B 674 -40.45 34.43 6.71
CA TRP B 674 -41.52 35.24 7.29
C TRP B 674 -40.96 36.42 8.07
N THR B 675 -40.17 36.11 9.09
CA THR B 675 -39.79 37.10 10.08
C THR B 675 -38.95 38.21 9.45
N CYS B 676 -37.91 37.84 8.71
CA CYS B 676 -37.03 38.86 8.13
C CYS B 676 -37.69 39.61 6.97
N ARG B 677 -38.37 38.88 6.10
CA ARG B 677 -39.05 39.47 4.95
C ARG B 677 -40.17 40.41 5.38
N LEU B 678 -40.70 40.26 6.60
CA LEU B 678 -41.62 41.24 7.14
C LEU B 678 -40.95 42.26 8.05
N ARG B 679 -39.77 41.94 8.58
CA ARG B 679 -39.04 42.87 9.42
C ARG B 679 -38.54 44.07 8.63
N GLN B 680 -38.18 43.85 7.37
CA GLN B 680 -37.81 45.00 6.54
C GLN B 680 -38.95 45.98 6.35
N PRO B 681 -40.09 45.60 5.75
CA PRO B 681 -41.13 46.59 5.49
C PRO B 681 -41.75 47.19 6.73
N ALA B 682 -41.68 46.50 7.88
CA ALA B 682 -42.20 47.09 9.11
C ALA B 682 -41.48 48.39 9.42
N PHE B 683 -40.16 48.33 9.60
CA PHE B 683 -39.36 49.54 9.74
C PHE B 683 -39.64 50.51 8.61
N GLY B 684 -39.67 50.01 7.37
CA GLY B 684 -39.87 50.90 6.24
C GLY B 684 -41.10 51.78 6.38
N ILE B 685 -42.26 51.14 6.40
CA ILE B 685 -43.52 51.86 6.43
C ILE B 685 -43.67 52.67 7.71
N SER B 686 -43.25 52.11 8.85
CA SER B 686 -43.39 52.83 10.10
C SER B 686 -42.60 54.13 10.08
N PHE B 687 -41.32 54.06 9.68
CA PHE B 687 -40.49 55.24 9.72
C PHE B 687 -40.93 56.26 8.68
N VAL B 688 -41.41 55.81 7.51
CA VAL B 688 -41.83 56.82 6.55
C VAL B 688 -43.14 57.45 6.98
N LEU B 689 -44.03 56.70 7.64
CA LEU B 689 -45.20 57.30 8.25
C LEU B 689 -44.79 58.38 9.24
N CYS B 690 -43.79 58.08 10.08
CA CYS B 690 -43.30 59.07 11.03
C CYS B 690 -42.82 60.33 10.33
N ILE B 691 -41.91 60.16 9.36
CA ILE B 691 -41.28 61.31 8.73
C ILE B 691 -42.31 62.11 7.92
N SER B 692 -43.30 61.43 7.34
CA SER B 692 -44.32 62.16 6.58
C SER B 692 -45.26 62.91 7.51
N CYS B 693 -45.58 62.33 8.67
CA CYS B 693 -46.46 63.04 9.59
C CYS B 693 -45.78 64.26 10.18
N ILE B 694 -44.47 64.17 10.47
CA ILE B 694 -43.80 65.38 10.93
C ILE B 694 -43.60 66.35 9.76
N LEU B 695 -43.46 65.82 8.54
CA LEU B 695 -43.41 66.67 7.35
C LEU B 695 -44.66 67.51 7.22
N VAL B 696 -45.82 66.92 7.48
CA VAL B 696 -47.06 67.68 7.39
C VAL B 696 -47.29 68.52 8.63
N LYS B 697 -46.66 68.18 9.75
CA LYS B 697 -46.78 68.98 10.96
C LYS B 697 -46.19 70.38 10.80
N THR B 698 -45.63 70.67 9.63
CA THR B 698 -45.12 72.04 9.33
C THR B 698 -46.28 72.99 8.97
N ASN B 699 -45.96 74.27 8.72
CA ASN B 699 -46.88 75.38 8.35
C ASN B 699 -47.57 75.12 7.01
N ARG B 700 -48.83 75.53 6.92
CA ARG B 700 -49.72 75.26 5.75
C ARG B 700 -49.45 76.20 4.58
N VAL B 701 -48.20 76.29 4.09
CA VAL B 701 -47.93 77.17 2.92
C VAL B 701 -48.67 76.64 1.69
N LEU B 702 -48.59 75.31 1.48
CA LEU B 702 -49.24 74.62 0.34
C LEU B 702 -50.76 74.76 0.48
N LEU B 703 -51.25 74.63 1.71
CA LEU B 703 -52.70 74.74 1.98
C LEU B 703 -53.15 76.15 1.62
N VAL B 704 -52.33 77.15 1.98
CA VAL B 704 -52.68 78.57 1.66
C VAL B 704 -52.73 78.71 0.14
N PHE B 705 -51.77 78.11 -0.57
CA PHE B 705 -51.76 78.22 -2.05
C PHE B 705 -53.04 77.61 -2.62
N GLU B 706 -53.47 76.45 -2.09
CA GLU B 706 -54.68 75.80 -2.63
C GLU B 706 -55.90 76.14 -1.74
N TRP B 718 -60.88 70.69 1.32
CA TRP B 718 -62.03 70.93 2.18
C TRP B 718 -61.96 70.05 3.42
N GLY B 719 -61.69 70.68 4.57
CA GLY B 719 -61.54 69.96 5.81
C GLY B 719 -60.12 69.42 5.98
N LEU B 720 -59.74 69.25 7.25
CA LEU B 720 -58.39 68.81 7.57
C LEU B 720 -58.00 67.52 6.88
N ASN B 721 -58.99 66.70 6.46
CA ASN B 721 -58.69 65.45 5.78
C ASN B 721 -57.71 65.65 4.64
N LEU B 722 -57.67 66.85 4.05
CA LEU B 722 -56.79 67.12 2.92
C LEU B 722 -55.35 66.76 3.24
N GLN B 723 -54.88 67.11 4.45
CA GLN B 723 -53.48 66.82 4.76
C GLN B 723 -53.21 65.33 4.73
N PHE B 724 -54.16 64.52 5.24
CA PHE B 724 -53.98 63.07 5.19
C PHE B 724 -53.68 62.60 3.77
N LEU B 725 -54.25 63.27 2.77
CA LEU B 725 -53.92 62.97 1.39
C LEU B 725 -52.42 62.76 1.23
N LEU B 726 -51.64 63.80 1.56
CA LEU B 726 -50.20 63.74 1.43
C LEU B 726 -49.64 62.47 2.07
N VAL B 727 -49.99 62.22 3.34
CA VAL B 727 -49.43 61.03 4.00
C VAL B 727 -49.95 59.78 3.30
N PHE B 728 -51.27 59.71 3.07
CA PHE B 728 -51.79 58.54 2.38
C PHE B 728 -51.36 58.51 0.92
N LEU B 729 -50.68 59.55 0.47
CA LEU B 729 -49.89 59.45 -0.75
C LEU B 729 -48.54 58.81 -0.45
N CYS B 730 -47.73 59.48 0.38
CA CYS B 730 -46.31 59.16 0.46
C CYS B 730 -46.07 57.72 0.81
N THR B 731 -46.69 57.24 1.90
CA THR B 731 -46.52 55.86 2.31
C THR B 731 -46.79 54.91 1.15
N PHE B 732 -47.95 55.08 0.49
CA PHE B 732 -48.30 54.18 -0.60
C PHE B 732 -47.20 54.13 -1.64
N VAL B 733 -46.60 55.29 -1.93
CA VAL B 733 -45.51 55.33 -2.90
C VAL B 733 -44.48 54.25 -2.56
N GLN B 734 -43.91 54.34 -1.35
CA GLN B 734 -42.85 53.40 -1.00
C GLN B 734 -43.41 51.99 -0.86
N ILE B 735 -44.68 51.86 -0.46
CA ILE B 735 -45.21 50.50 -0.29
C ILE B 735 -45.21 49.81 -1.65
N VAL B 736 -45.29 50.60 -2.73
CA VAL B 736 -45.10 50.05 -4.07
C VAL B 736 -43.80 49.24 -4.11
N ILE B 737 -42.68 49.92 -3.81
CA ILE B 737 -41.39 49.24 -3.74
C ILE B 737 -41.49 48.04 -2.83
N CYS B 738 -42.18 48.18 -1.70
CA CYS B 738 -42.40 47.06 -0.80
C CYS B 738 -42.93 45.85 -1.57
N VAL B 739 -44.09 46.02 -2.21
CA VAL B 739 -44.67 44.93 -2.98
C VAL B 739 -43.67 44.44 -4.03
N ILE B 740 -42.94 45.37 -4.64
CA ILE B 740 -41.90 45.00 -5.59
C ILE B 740 -40.99 43.94 -4.98
N TRP B 741 -40.32 44.28 -3.88
CA TRP B 741 -39.47 43.20 -3.33
C TRP B 741 -40.34 42.01 -2.93
N LEU B 742 -41.51 42.25 -2.32
CA LEU B 742 -42.33 41.12 -1.88
C LEU B 742 -42.47 40.06 -2.97
N TYR B 743 -42.32 40.44 -4.24
CA TYR B 743 -42.43 39.46 -5.30
C TYR B 743 -41.39 39.67 -6.40
N THR B 744 -40.21 40.18 -6.05
CA THR B 744 -39.11 40.18 -7.01
C THR B 744 -37.94 39.32 -6.55
N ALA B 745 -37.40 39.59 -5.38
CA ALA B 745 -36.32 38.79 -4.81
C ALA B 745 -36.27 39.06 -3.31
N PRO B 746 -37.21 38.53 -2.54
CA PRO B 746 -37.32 38.90 -1.12
C PRO B 746 -36.05 38.56 -0.37
N PRO B 747 -35.82 39.19 0.78
CA PRO B 747 -34.60 38.89 1.54
C PRO B 747 -34.63 37.48 2.10
N SER B 748 -33.80 36.62 1.51
CA SER B 748 -33.77 35.22 1.90
C SER B 748 -32.99 35.05 3.19
N SER B 749 -33.59 34.33 4.15
CA SER B 749 -32.96 34.06 5.44
C SER B 749 -32.24 32.72 5.33
N TYR B 750 -30.93 32.77 5.13
CA TYR B 750 -30.15 31.57 4.84
C TYR B 750 -28.88 31.56 5.68
N ARG B 751 -28.20 30.42 5.63
CA ARG B 751 -26.99 30.17 6.40
C ARG B 751 -25.75 30.56 5.58
N ASN B 752 -24.61 30.59 6.25
CA ASN B 752 -23.35 30.92 5.62
C ASN B 752 -22.23 30.50 6.55
N HIS B 753 -21.24 29.81 5.99
CA HIS B 753 -20.12 29.31 6.78
C HIS B 753 -18.79 29.64 6.12
N GLU B 754 -18.83 29.89 4.80
CA GLU B 754 -17.61 30.08 4.01
C GLU B 754 -16.65 31.07 4.64
N LEU B 755 -17.16 32.07 5.36
CA LEU B 755 -16.33 33.13 5.89
C LEU B 755 -15.84 32.88 7.31
N GLU B 756 -16.19 31.75 7.91
CA GLU B 756 -15.78 31.49 9.29
C GLU B 756 -15.01 30.19 9.47
N ASP B 757 -15.41 29.13 8.79
CA ASP B 757 -14.82 27.80 8.84
C ASP B 757 -14.98 27.12 10.19
N GLU B 758 -15.52 27.81 11.19
CA GLU B 758 -15.82 27.21 12.48
C GLU B 758 -17.27 27.38 12.87
N ILE B 759 -17.82 28.59 12.70
CA ILE B 759 -19.12 28.97 13.20
C ILE B 759 -19.99 29.36 12.02
N ILE B 760 -21.27 28.99 12.08
CA ILE B 760 -22.21 29.29 11.01
C ILE B 760 -23.00 30.54 11.36
N PHE B 761 -23.04 31.49 10.45
CA PHE B 761 -23.85 32.69 10.57
C PHE B 761 -25.12 32.50 9.74
N ILE B 762 -26.28 32.66 10.38
CA ILE B 762 -27.56 32.64 9.68
C ILE B 762 -28.06 34.07 9.63
N THR B 763 -28.22 34.59 8.41
CA THR B 763 -28.55 35.99 8.20
C THR B 763 -29.60 36.08 7.11
N CYS B 764 -29.84 37.29 6.63
CA CYS B 764 -30.78 37.52 5.53
C CYS B 764 -30.04 38.28 4.45
N HIS B 765 -29.95 37.68 3.27
CA HIS B 765 -29.43 38.37 2.10
C HIS B 765 -30.60 38.94 1.32
N GLU B 766 -30.64 40.26 1.21
CA GLU B 766 -31.72 40.95 0.53
C GLU B 766 -31.48 40.86 -0.98
N GLY B 767 -32.33 40.10 -1.67
CA GLY B 767 -32.09 39.77 -3.07
C GLY B 767 -32.00 40.96 -4.00
N SER B 768 -32.51 42.11 -3.58
CA SER B 768 -32.53 43.32 -4.41
C SER B 768 -31.84 44.46 -3.67
N LEU B 769 -30.52 44.58 -3.83
CA LEU B 769 -29.77 45.66 -3.21
C LEU B 769 -30.34 47.02 -3.61
N MET B 770 -30.77 47.15 -4.87
CA MET B 770 -31.38 48.40 -5.32
C MET B 770 -32.70 48.68 -4.61
N ALA B 771 -33.38 47.66 -4.11
CA ALA B 771 -34.64 47.92 -3.39
C ALA B 771 -34.37 48.44 -1.98
N LEU B 772 -33.39 47.86 -1.29
CA LEU B 772 -32.93 48.44 -0.03
C LEU B 772 -32.50 49.88 -0.23
N GLY B 773 -31.71 50.13 -1.29
CA GLY B 773 -31.35 51.50 -1.63
C GLY B 773 -32.55 52.38 -1.84
N PHE B 774 -33.54 51.89 -2.60
CA PHE B 774 -34.79 52.60 -2.80
C PHE B 774 -35.37 53.05 -1.47
N LEU B 775 -35.58 52.09 -0.56
CA LEU B 775 -36.24 52.39 0.70
C LEU B 775 -35.46 53.42 1.51
N ILE B 776 -34.18 53.15 1.76
CA ILE B 776 -33.43 54.01 2.68
C ILE B 776 -33.21 55.39 2.05
N GLY B 777 -32.86 55.43 0.76
CA GLY B 777 -32.66 56.69 0.09
C GLY B 777 -33.94 57.52 0.00
N TYR B 778 -35.08 56.85 -0.17
CA TYR B 778 -36.35 57.57 -0.21
C TYR B 778 -36.63 58.21 1.14
N THR B 779 -36.50 57.44 2.22
CA THR B 779 -36.71 58.03 3.55
C THR B 779 -35.71 59.15 3.81
N CYS B 780 -34.46 58.97 3.38
CA CYS B 780 -33.43 59.96 3.65
C CYS B 780 -33.72 61.25 2.88
N LEU B 781 -34.16 61.14 1.62
CA LEU B 781 -34.43 62.35 0.84
C LEU B 781 -35.67 63.07 1.36
N LEU B 782 -36.69 62.34 1.79
CA LEU B 782 -37.80 62.98 2.48
C LEU B 782 -37.31 63.78 3.67
N ALA B 783 -36.52 63.13 4.54
CA ALA B 783 -36.03 63.81 5.72
C ALA B 783 -35.16 65.01 5.37
N ALA B 784 -34.34 64.88 4.31
CA ALA B 784 -33.43 65.96 3.95
C ALA B 784 -34.17 67.17 3.41
N ILE B 785 -35.17 66.94 2.55
CA ILE B 785 -35.94 68.06 2.02
C ILE B 785 -36.73 68.74 3.14
N CYS B 786 -37.36 67.95 4.01
CA CYS B 786 -38.06 68.52 5.15
C CYS B 786 -37.10 69.31 6.04
N PHE B 787 -35.88 68.81 6.19
CA PHE B 787 -34.88 69.49 7.01
C PHE B 787 -34.49 70.82 6.40
N PHE B 788 -34.26 70.84 5.09
CA PHE B 788 -33.92 72.09 4.40
C PHE B 788 -35.04 73.11 4.56
N PHE B 789 -36.29 72.69 4.34
CA PHE B 789 -37.40 73.62 4.43
C PHE B 789 -37.64 74.10 5.86
N ALA B 790 -37.43 73.24 6.86
CA ALA B 790 -37.53 73.68 8.25
C ALA B 790 -36.35 74.58 8.61
N PHE B 791 -35.19 74.34 8.00
CA PHE B 791 -34.00 75.14 8.26
C PHE B 791 -34.19 76.58 7.80
N LYS B 792 -34.72 76.76 6.59
CA LYS B 792 -34.91 78.12 6.11
C LYS B 792 -35.85 78.92 7.01
N SER B 793 -36.78 78.23 7.68
CA SER B 793 -37.70 78.86 8.61
C SER B 793 -37.37 78.53 10.06
N ARG B 794 -36.09 78.32 10.36
CA ARG B 794 -35.66 77.87 11.68
C ARG B 794 -35.67 78.97 12.74
N LYS B 795 -36.17 80.16 12.44
CA LYS B 795 -36.05 81.30 13.35
C LYS B 795 -37.40 81.98 13.55
N LEU B 796 -38.44 81.18 13.82
CA LEU B 796 -39.79 81.69 14.02
C LEU B 796 -40.28 81.25 15.39
N PRO B 797 -40.16 82.09 16.43
CA PRO B 797 -40.49 81.68 17.81
C PRO B 797 -41.99 81.68 18.13
N GLU B 798 -42.77 81.07 17.25
CA GLU B 798 -44.18 80.81 17.52
C GLU B 798 -44.33 79.36 17.96
N ASN B 799 -45.06 79.15 19.07
CA ASN B 799 -45.21 77.82 19.67
C ASN B 799 -43.85 77.24 20.05
N PHE B 800 -43.16 77.96 20.94
CA PHE B 800 -41.86 77.59 21.50
C PHE B 800 -40.78 77.39 20.45
N ASN B 801 -40.96 77.94 19.25
CA ASN B 801 -39.99 77.82 18.15
C ASN B 801 -39.65 76.36 17.88
N GLU B 802 -40.67 75.60 17.49
CA GLU B 802 -40.50 74.19 17.15
C GLU B 802 -39.64 73.99 15.92
N ALA B 803 -39.32 75.06 15.18
CA ALA B 803 -38.50 74.90 13.97
C ALA B 803 -37.11 74.36 14.30
N LYS B 804 -36.46 74.91 15.32
CA LYS B 804 -35.16 74.39 15.72
C LYS B 804 -35.29 72.99 16.29
N PHE B 805 -36.39 72.71 16.98
CA PHE B 805 -36.61 71.36 17.48
C PHE B 805 -36.66 70.35 16.33
N ILE B 806 -37.42 70.65 15.28
CA ILE B 806 -37.57 69.69 14.19
C ILE B 806 -36.29 69.62 13.35
N THR B 807 -35.56 70.72 13.22
CA THR B 807 -34.29 70.64 12.49
C THR B 807 -33.28 69.81 13.26
N PHE B 808 -33.21 69.99 14.59
CA PHE B 808 -32.36 69.15 15.40
C PHE B 808 -32.82 67.69 15.37
N SER B 809 -34.13 67.46 15.22
CA SER B 809 -34.66 66.11 15.09
C SER B 809 -34.13 65.45 13.83
N MET B 810 -34.30 66.12 12.70
CA MET B 810 -33.84 65.55 11.44
C MET B 810 -32.33 65.42 11.41
N LEU B 811 -31.62 66.29 12.14
CA LEU B 811 -30.16 66.19 12.17
C LEU B 811 -29.71 65.02 13.04
N ILE B 812 -30.37 64.77 14.17
CA ILE B 812 -29.99 63.61 14.98
C ILE B 812 -30.31 62.32 14.21
N PHE B 813 -31.45 62.28 13.51
CA PHE B 813 -31.72 61.14 12.66
C PHE B 813 -30.66 60.98 11.57
N PHE B 814 -30.18 62.10 11.02
CA PHE B 814 -29.22 62.02 9.93
C PHE B 814 -27.86 61.55 10.40
N ILE B 815 -27.41 62.01 11.57
CA ILE B 815 -26.14 61.51 12.08
C ILE B 815 -26.28 60.04 12.45
N VAL B 816 -27.46 59.63 12.93
CA VAL B 816 -27.76 58.22 13.12
C VAL B 816 -27.49 57.45 11.83
N TRP B 817 -28.11 57.90 10.74
CA TRP B 817 -27.95 57.20 9.46
C TRP B 817 -26.52 57.26 8.95
N ILE B 818 -25.84 58.37 9.22
CA ILE B 818 -24.47 58.57 8.77
C ILE B 818 -23.53 57.58 9.45
N SER B 819 -23.62 57.48 10.78
CA SER B 819 -22.86 56.47 11.50
C SER B 819 -23.34 55.06 11.17
N PHE B 820 -24.58 54.92 10.72
CA PHE B 820 -25.12 53.60 10.43
C PHE B 820 -24.48 52.99 9.20
N ILE B 821 -24.49 53.73 8.08
CA ILE B 821 -24.13 53.10 6.81
C ILE B 821 -22.73 52.47 6.78
N PRO B 822 -21.66 53.09 7.31
CA PRO B 822 -20.36 52.42 7.23
C PRO B 822 -20.28 51.19 8.11
N ALA B 823 -20.88 51.27 9.30
CA ALA B 823 -20.90 50.13 10.21
C ALA B 823 -21.54 48.92 9.54
N TYR B 824 -22.74 49.09 9.01
CA TYR B 824 -23.38 48.00 8.27
C TYR B 824 -22.51 47.54 7.10
N ALA B 825 -21.90 48.49 6.39
CA ALA B 825 -21.05 48.13 5.26
C ALA B 825 -19.84 47.31 5.68
N SER B 826 -19.42 47.42 6.93
CA SER B 826 -18.16 46.83 7.39
C SER B 826 -18.39 45.86 8.54
N THR B 827 -19.36 44.96 8.38
CA THR B 827 -19.57 43.91 9.36
C THR B 827 -20.01 42.62 8.68
N TYR B 828 -19.72 41.51 9.36
CA TYR B 828 -20.27 40.21 9.03
C TYR B 828 -21.68 40.11 9.64
N GLY B 829 -22.22 38.90 9.69
CA GLY B 829 -23.60 38.66 10.04
C GLY B 829 -24.16 39.32 11.28
N LYS B 830 -23.62 38.96 12.45
CA LYS B 830 -24.23 39.38 13.72
C LYS B 830 -24.33 40.89 13.83
N PHE B 831 -23.23 41.58 13.56
CA PHE B 831 -23.24 43.01 13.78
C PHE B 831 -24.02 43.76 12.70
N VAL B 832 -24.37 43.11 11.58
CA VAL B 832 -25.31 43.71 10.65
C VAL B 832 -26.64 43.99 11.35
N SER B 833 -27.24 42.94 11.92
CA SER B 833 -28.51 43.10 12.63
C SER B 833 -28.33 43.99 13.85
N ALA B 834 -27.22 43.82 14.58
CA ALA B 834 -26.95 44.68 15.72
C ALA B 834 -26.98 46.16 15.30
N VAL B 835 -26.31 46.48 14.19
CA VAL B 835 -26.21 47.86 13.73
C VAL B 835 -27.58 48.38 13.32
N GLU B 836 -28.33 47.58 12.56
CA GLU B 836 -29.65 48.04 12.13
C GLU B 836 -30.52 48.37 13.34
N VAL B 837 -30.59 47.45 14.31
CA VAL B 837 -31.43 47.67 15.48
C VAL B 837 -30.97 48.91 16.24
N ILE B 838 -29.65 49.03 16.46
CA ILE B 838 -29.14 50.14 17.25
C ILE B 838 -29.48 51.46 16.58
N ALA B 839 -29.21 51.57 15.27
CA ALA B 839 -29.45 52.80 14.56
C ALA B 839 -30.92 53.20 14.60
N ILE B 840 -31.82 52.23 14.34
CA ILE B 840 -33.22 52.59 14.27
C ILE B 840 -33.76 52.96 15.65
N LEU B 841 -33.39 52.21 16.67
CA LEU B 841 -33.82 52.55 18.02
C LEU B 841 -33.31 53.94 18.41
N ALA B 842 -32.06 54.24 18.07
CA ALA B 842 -31.51 55.55 18.40
C ALA B 842 -32.28 56.67 17.73
N ALA B 843 -32.49 56.56 16.41
CA ALA B 843 -33.18 57.62 15.69
C ALA B 843 -34.60 57.83 16.22
N SER B 844 -35.32 56.73 16.48
CA SER B 844 -36.69 56.86 16.96
C SER B 844 -36.74 57.47 18.35
N PHE B 845 -35.86 56.99 19.25
CA PHE B 845 -35.75 57.57 20.59
C PHE B 845 -35.50 59.08 20.52
N GLY B 846 -34.54 59.47 19.68
CA GLY B 846 -34.21 60.89 19.56
C GLY B 846 -35.36 61.72 19.04
N LEU B 847 -36.03 61.23 18.00
CA LEU B 847 -37.18 61.97 17.46
C LEU B 847 -38.25 62.15 18.52
N LEU B 848 -38.62 61.07 19.21
CA LEU B 848 -39.64 61.18 20.24
C LEU B 848 -39.23 62.20 21.30
N ALA B 849 -38.02 62.08 21.83
CA ALA B 849 -37.58 62.96 22.90
C ALA B 849 -37.63 64.41 22.46
N CYS B 850 -36.95 64.73 21.35
CA CYS B 850 -36.86 66.12 20.93
C CYS B 850 -38.22 66.70 20.55
N ILE B 851 -39.15 65.88 20.06
CA ILE B 851 -40.42 66.46 19.64
C ILE B 851 -41.38 66.62 20.81
N PHE B 852 -41.28 65.77 21.83
CA PHE B 852 -42.28 65.83 22.89
C PHE B 852 -41.78 66.46 24.19
N PHE B 853 -40.55 66.14 24.62
CA PHE B 853 -40.04 66.61 25.91
C PHE B 853 -40.33 68.09 26.13
N ASN B 854 -40.20 68.90 25.09
CA ASN B 854 -40.41 70.34 25.23
C ASN B 854 -41.83 70.66 25.72
N LYS B 855 -42.84 70.18 25.00
CA LYS B 855 -44.22 70.56 25.33
C LYS B 855 -44.72 69.80 26.56
N VAL B 856 -44.33 68.53 26.71
CA VAL B 856 -44.69 67.80 27.91
C VAL B 856 -44.05 68.46 29.13
N TYR B 857 -42.87 69.05 28.96
CA TYR B 857 -42.24 69.79 30.04
C TYR B 857 -42.92 71.13 30.26
N ILE B 858 -43.40 71.76 29.19
CA ILE B 858 -44.09 73.04 29.33
C ILE B 858 -45.38 72.84 30.12
N ILE B 859 -46.00 71.65 30.04
CA ILE B 859 -47.20 71.44 30.83
C ILE B 859 -46.86 70.96 32.24
N LEU B 860 -45.96 69.98 32.36
CA LEU B 860 -45.63 69.44 33.68
C LEU B 860 -44.94 70.47 34.57
N PHE B 861 -44.27 71.46 33.96
CA PHE B 861 -43.45 72.44 34.66
C PHE B 861 -44.10 73.81 34.74
N LYS B 862 -44.77 74.24 33.66
CA LYS B 862 -45.26 75.61 33.53
C LYS B 862 -46.78 75.58 33.37
N PRO B 863 -47.54 75.60 34.48
CA PRO B 863 -49.00 75.69 34.36
C PRO B 863 -49.43 77.07 33.92
N SER B 864 -48.91 77.52 32.77
CA SER B 864 -49.21 78.83 32.20
C SER B 864 -49.28 78.64 30.69
N ARG B 865 -50.48 78.40 30.17
CA ARG B 865 -50.70 78.09 28.76
C ARG B 865 -51.79 79.01 28.23
N ASN B 866 -51.37 80.12 27.63
CA ASN B 866 -52.30 81.09 27.04
C ASN B 866 -52.02 81.38 25.58
N THR B 867 -50.77 81.34 25.14
CA THR B 867 -50.44 81.59 23.75
C THR B 867 -49.15 80.88 23.35
C1 NAG C . 27.42 -12.71 -25.44
C2 NAG C . 28.02 -13.65 -26.48
C3 NAG C . 29.10 -12.89 -27.16
C4 NAG C . 28.80 -11.44 -27.43
C5 NAG C . 27.56 -10.78 -26.77
C6 NAG C . 26.86 -9.96 -27.80
C7 NAG C . 29.12 -15.94 -26.57
C8 NAG C . 29.73 -17.15 -25.86
N2 NAG C . 28.62 -14.83 -25.80
O3 NAG C . 29.41 -13.54 -28.43
O4 NAG C . 29.93 -10.68 -27.00
O5 NAG C . 26.61 -11.71 -26.14
O6 NAG C . 27.57 -10.06 -29.01
O7 NAG C . 29.07 -15.92 -27.75
C1 NAG C . 30.50 -10.03 -28.14
C2 NAG C . 31.25 -8.77 -27.69
C3 NAG C . 31.76 -8.03 -28.86
C4 NAG C . 32.74 -8.86 -29.60
C5 NAG C . 32.24 -10.27 -29.94
C6 NAG C . 33.44 -11.13 -30.12
C7 NAG C . 30.77 -7.47 -25.57
C8 NAG C . 29.88 -6.56 -24.74
N2 NAG C . 30.35 -7.88 -26.91
O3 NAG C . 32.41 -6.80 -28.40
O4 NAG C . 33.06 -8.19 -30.83
O5 NAG C . 31.40 -10.92 -28.90
O6 NAG C . 33.99 -11.37 -28.85
O7 NAG C . 31.80 -7.86 -25.14
C1 NAG D . 4.07 1.69 -13.88
C2 NAG D . 4.37 2.90 -14.77
C3 NAG D . 5.83 3.14 -14.89
C4 NAG D . 6.50 3.22 -13.57
C5 NAG D . 6.17 2.03 -12.67
C6 NAG D . 6.73 2.30 -11.32
C7 NAG D . 3.34 3.76 -16.90
C8 NAG D . 2.77 3.54 -18.30
N2 NAG D . 3.84 2.65 -16.13
O3 NAG D . 6.03 4.40 -15.59
O4 NAG D . 7.92 3.24 -13.77
O5 NAG D . 4.72 1.83 -12.56
O6 NAG D . 6.40 1.22 -10.49
O7 NAG D . 3.36 4.85 -16.44
C1 NAG D . 8.43 4.57 -13.59
C2 NAG D . 9.80 4.51 -12.92
C3 NAG D . 10.37 5.86 -12.73
C4 NAG D . 10.48 6.59 -14.01
C5 NAG D . 9.13 6.63 -14.75
C6 NAG D . 9.36 7.19 -16.11
C7 NAG D . 10.72 2.93 -11.18
C8 NAG D . 10.63 2.24 -9.82
N2 NAG D . 9.68 3.85 -11.59
O3 NAG D . 11.71 5.73 -12.16
O4 NAG D . 10.91 7.93 -13.76
O5 NAG D . 8.49 5.31 -14.89
O6 NAG D . 10.35 6.41 -16.75
O7 NAG D . 11.64 2.71 -11.89
C1 NAG E . -9.72 -34.95 15.00
C2 NAG E . -10.14 -36.40 15.26
C3 NAG E . -11.55 -36.52 15.66
C4 NAG E . -11.85 -35.76 16.90
C5 NAG E . -11.20 -34.37 16.96
C6 NAG E . -10.23 -34.31 18.08
C7 NAG E . -9.28 -38.42 13.97
C8 NAG E . -9.10 -39.17 12.65
N2 NAG E . -9.95 -37.13 13.98
O3 NAG E . -11.82 -37.93 15.91
O4 NAG E . -13.26 -35.57 16.94
O5 NAG E . -10.54 -33.93 15.71
O6 NAG E . -10.41 -33.06 18.72
O7 NAG E . -8.88 -38.89 14.98
C1 NAG E . -13.72 -35.79 18.28
C2 NAG E . -15.13 -35.20 18.42
C3 NAG E . -15.78 -35.54 19.69
C4 NAG E . -15.80 -37.00 19.91
C5 NAG E . -14.38 -37.58 19.87
C6 NAG E . -14.47 -39.07 19.97
C7 NAG E . -15.53 -33.06 17.10
C8 NAG E . -15.44 -31.55 16.96
N2 NAG E . -15.05 -33.72 18.30
O3 NAG E . -17.16 -35.06 19.65
O4 NAG E . -16.39 -37.28 21.18
O5 NAG E . -13.67 -37.23 18.63
O6 NAG E . -14.17 -39.59 18.70
O7 NAG E . -15.98 -33.71 16.21
C1 NAG F . 0.08 -6.63 13.82
C2 NAG F . -0.72 -6.17 15.04
C3 NAG F . -2.06 -6.79 15.10
C4 NAG F . -2.82 -6.65 13.83
C5 NAG F . -2.00 -7.09 12.61
C6 NAG F . -2.73 -6.77 11.36
C7 NAG F . -0.08 -5.69 17.45
C8 NAG F . 0.67 -6.06 18.73
N2 NAG F . 0.02 -6.54 16.27
O3 NAG F . -2.80 -6.14 16.18
O4 NAG F . -3.98 -7.51 13.88
O5 NAG F . -0.69 -6.42 12.56
O6 NAG F . -3.91 -6.08 11.68
O7 NAG F . -0.74 -4.71 17.41
C1 NAG F . -5.10 -6.80 14.40
C2 NAG F . -6.34 -7.18 13.59
C3 NAG F . -7.59 -6.61 14.14
C4 NAG F . -7.74 -6.96 15.58
C5 NAG F . -6.53 -6.50 16.39
C6 NAG F . -6.68 -6.96 17.80
C7 NAG F . -6.62 -7.57 11.11
C8 NAG F . -6.48 -7.11 9.66
N2 NAG F . -6.20 -6.70 12.19
O3 NAG F . -8.72 -7.17 13.40
O4 NAG F . -8.91 -6.31 16.09
O5 NAG F . -5.27 -7.03 15.85
O6 NAG F . -7.31 -8.22 17.78
O7 NAG F . -7.07 -8.64 11.35
CL CL G . 15.99 -26.91 -33.30
CA CA H . 11.90 -3.15 -1.99
CA CA I . 7.58 -28.37 -28.00
CA CA J . 13.01 -37.93 -22.60
C1 NAG K . -13.01 -12.88 -29.80
C2 NAG K . -14.07 -12.74 -30.90
C3 NAG K . -13.74 -11.62 -31.81
C4 NAG K . -13.57 -10.35 -31.06
C5 NAG K . -12.55 -10.47 -29.93
C6 NAG K . -12.57 -9.22 -29.13
C7 NAG K . -14.97 -15.09 -31.30
C8 NAG K . -15.02 -16.36 -32.14
N2 NAG K . -14.12 -13.98 -31.71
O3 NAG K . -14.83 -11.46 -32.77
O4 NAG K . -13.13 -9.33 -31.97
O5 NAG K . -12.84 -11.62 -29.05
O6 NAG K . -12.93 -8.17 -29.97
O7 NAG K . -15.62 -14.99 -30.32
C1 NAG L . 11.13 -34.27 -54.49
C2 NAG L . 11.26 -32.82 -54.97
C3 NAG L . 12.06 -32.69 -56.20
C4 NAG L . 13.18 -33.66 -56.21
C5 NAG L . 12.65 -35.11 -56.28
C6 NAG L . 13.66 -36.03 -55.71
C7 NAG L . 9.65 -30.87 -54.90
C8 NAG L . 8.28 -30.25 -55.14
N2 NAG L . 9.90 -32.26 -55.22
O3 NAG L . 12.62 -31.33 -56.27
O4 NAG L . 14.01 -33.42 -57.34
O5 NAG L . 11.37 -35.27 -55.56
O6 NAG L . 14.03 -35.54 -54.45
O7 NAG L . 10.53 -30.20 -54.46
C1 NAG M . 42.01 -24.41 -22.31
C2 NAG M . 41.97 -24.12 -23.82
C3 NAG M . 42.98 -23.11 -24.15
C4 NAG M . 42.82 -21.86 -23.35
C5 NAG M . 42.67 -22.12 -21.85
C6 NAG M . 42.21 -20.86 -21.19
C7 NAG M . 43.41 -26.16 -24.42
C8 NAG M . 43.59 -27.43 -25.26
N2 NAG M . 42.20 -25.37 -24.59
O3 NAG M . 42.88 -22.77 -25.57
O4 NAG M . 43.98 -21.04 -23.55
O5 NAG M . 41.70 -23.18 -21.55
O6 NAG M . 41.18 -21.20 -20.30
O7 NAG M . 44.24 -25.84 -23.65
N TRP N . 14.60 -26.86 -20.54
CA TRP N . 13.44 -27.61 -20.96
C TRP N . 12.91 -28.42 -19.78
O TRP N . 13.44 -28.31 -18.65
CB TRP N . 13.79 -28.56 -22.09
CG TRP N . 13.55 -27.95 -23.46
CD1 TRP N . 14.31 -26.96 -24.08
CD2 TRP N . 12.54 -28.29 -24.36
NE1 TRP N . 13.78 -26.71 -25.26
CE2 TRP N . 12.72 -27.48 -25.46
CE3 TRP N . 11.48 -29.20 -24.33
CZ2 TRP N . 11.84 -27.59 -26.55
CZ3 TRP N . 10.61 -29.30 -25.40
CH2 TRP N . 10.79 -28.49 -26.51
OXT TRP N . 11.92 -29.19 -19.93
CL CL O . 8.66 -42.13 17.16
CA CA P . -5.57 -9.65 0.43
CA CA Q . 15.63 -36.22 13.13
CA CA R . 15.27 -42.96 3.90
C1 NAG S . 24.55 -14.19 24.08
C2 NAG S . 25.55 -13.44 24.96
C3 NAG S . 25.04 -13.40 26.35
C4 NAG S . 23.72 -12.71 26.40
C5 NAG S . 22.71 -13.24 25.37
C6 NAG S . 21.59 -12.26 25.27
C7 NAG S . 27.09 -15.49 25.22
C8 NAG S . 28.50 -16.07 25.12
N2 NAG S . 26.89 -14.08 24.90
O3 NAG S . 25.99 -12.67 27.18
O4 NAG S . 23.17 -12.87 27.71
O5 NAG S . 23.28 -13.44 24.02
O6 NAG S . 22.11 -11.07 24.74
O7 NAG S . 26.19 -16.17 25.55
C1 NAG T . 19.31 -54.93 34.09
C2 NAG T . 18.38 -53.76 34.45
C3 NAG T . 17.31 -54.18 35.38
C4 NAG T . 17.18 -55.67 35.53
C5 NAG T . 17.42 -56.48 34.23
C6 NAG T . 16.17 -56.48 33.41
C7 NAG T . 18.60 -51.37 35.30
C8 NAG T . 19.43 -50.27 35.97
N2 NAG T . 19.18 -52.68 35.10
O3 NAG T . 16.04 -53.64 34.90
O4 NAG T . 18.10 -56.12 36.53
O5 NAG T . 18.54 -55.99 33.40
O6 NAG T . 15.62 -57.76 33.46
O7 NAG T . 17.49 -51.15 34.95
C1 NAG U . -15.58 -49.28 5.28
C2 NAG U . -16.96 -49.35 4.63
C3 NAG U . -17.95 -48.66 5.48
C4 NAG U . -18.04 -49.32 6.81
C5 NAG U . -16.68 -49.60 7.47
C6 NAG U . -16.87 -50.65 8.50
C7 NAG U . -16.48 -47.38 3.04
C8 NAG U . -16.45 -46.83 1.62
N2 NAG U . -16.92 -48.75 3.27
O3 NAG U . -19.26 -48.72 4.84
O4 NAG U . -18.80 -48.47 7.68
O5 NAG U . -15.61 -50.04 6.55
O6 NAG U . -17.24 -51.83 7.84
O7 NAG U . -16.14 -46.70 3.95
N TRP V . 8.02 -35.76 6.02
CA TRP V . 9.45 -35.58 5.88
C TRP V . 9.84 -35.53 4.40
O TRP V . 8.95 -35.27 3.55
CB TRP V . 10.23 -36.70 6.57
CG TRP V . 9.97 -36.84 8.06
CD1 TRP V . 8.77 -36.70 8.74
CD2 TRP V . 10.94 -37.14 9.04
NE1 TRP V . 8.98 -36.90 10.03
CE2 TRP V . 10.28 -37.16 10.24
CE3 TRP V . 12.31 -37.39 8.98
CZ2 TRP V . 10.98 -37.45 11.42
CZ3 TRP V . 13.01 -37.66 10.15
CH2 TRP V . 12.34 -37.69 11.37
OXT TRP V . 11.02 -35.75 4.06
#